data_2L3N
#
_entry.id   2L3N
#
_entity_poly.entity_id   1
_entity_poly.type   'polypeptide(L)'
_entity_poly.pdbx_seq_one_letter_code
;SVSILRSSVNHREVDEAIDNILRYTNSTEQQFLEAMESTGGRVRIAIAKLLSKQTSGGSGGSKLGGSGGSRKDLSVKGML
YDSDSQQILNRLRERVSGSTAQSA
;
_entity_poly.pdbx_strand_id   A
#
# COMPACT_ATOMS: atom_id res chain seq x y z
N SER A 1 12.92 -28.14 31.58
CA SER A 1 12.60 -26.73 31.27
C SER A 1 12.07 -26.55 29.84
N VAL A 2 11.30 -25.48 29.59
CA VAL A 2 10.74 -25.11 28.27
C VAL A 2 10.94 -23.62 27.96
N SER A 3 10.90 -23.26 26.67
CA SER A 3 11.05 -21.87 26.20
C SER A 3 9.88 -20.97 26.61
N ILE A 4 10.15 -19.67 26.79
CA ILE A 4 9.14 -18.63 27.09
C ILE A 4 8.26 -18.30 25.87
N LEU A 5 7.06 -17.76 26.12
CA LEU A 5 6.16 -17.27 25.06
C LEU A 5 6.67 -15.93 24.48
N ARG A 6 6.52 -15.75 23.17
CA ARG A 6 7.00 -14.57 22.41
C ARG A 6 6.04 -14.22 21.27
N SER A 7 5.17 -13.24 21.49
CA SER A 7 4.24 -12.71 20.48
C SER A 7 4.97 -11.84 19.45
N SER A 8 4.50 -11.83 18.20
CA SER A 8 5.06 -11.04 17.10
C SER A 8 4.57 -9.58 17.09
N VAL A 9 5.26 -8.72 16.32
CA VAL A 9 4.96 -7.27 16.18
C VAL A 9 4.91 -6.82 14.71
N ASN A 10 4.63 -7.74 13.78
CA ASN A 10 4.76 -7.51 12.33
C ASN A 10 3.80 -6.43 11.77
N HIS A 11 2.71 -6.10 12.46
CA HIS A 11 1.86 -4.96 12.10
C HIS A 11 2.61 -3.61 12.16
N ARG A 12 3.62 -3.46 13.03
CA ARG A 12 4.51 -2.28 13.03
C ARG A 12 5.45 -2.25 11.82
N GLU A 13 5.91 -3.41 11.38
CA GLU A 13 6.76 -3.53 10.20
C GLU A 13 5.97 -3.23 8.91
N VAL A 14 4.70 -3.67 8.85
CA VAL A 14 3.76 -3.30 7.78
C VAL A 14 3.39 -1.81 7.84
N ASP A 15 3.17 -1.26 9.03
CA ASP A 15 2.97 0.18 9.23
C ASP A 15 4.19 1.01 8.80
N GLU A 16 5.41 0.56 9.11
CA GLU A 16 6.65 1.16 8.64
C GLU A 16 6.78 1.09 7.10
N ALA A 17 6.40 -0.04 6.49
CA ALA A 17 6.40 -0.17 5.03
C ALA A 17 5.37 0.78 4.37
N ILE A 18 4.18 0.90 4.95
CA ILE A 18 3.17 1.91 4.56
C ILE A 18 3.75 3.32 4.68
N ASP A 19 4.39 3.66 5.79
CA ASP A 19 5.01 4.97 6.00
C ASP A 19 6.10 5.27 4.95
N ASN A 20 6.92 4.26 4.61
CA ASN A 20 7.89 4.37 3.53
C ASN A 20 7.23 4.51 2.15
N ILE A 21 6.05 3.94 1.92
CA ILE A 21 5.25 4.21 0.70
C ILE A 21 4.77 5.67 0.68
N LEU A 22 4.32 6.25 1.80
CA LEU A 22 3.94 7.68 1.85
C LEU A 22 5.13 8.59 1.48
N ARG A 23 6.29 8.27 2.06
CA ARG A 23 7.58 8.92 1.81
C ARG A 23 8.02 8.80 0.34
N TYR A 24 7.91 7.61 -0.25
CA TYR A 24 8.26 7.34 -1.64
C TYR A 24 7.32 8.04 -2.66
N THR A 25 6.02 8.05 -2.37
CA THR A 25 4.99 8.64 -3.27
C THR A 25 4.69 10.12 -2.99
N ASN A 26 5.32 10.71 -1.96
CA ASN A 26 5.09 12.09 -1.49
C ASN A 26 3.58 12.36 -1.22
N SER A 27 2.99 11.51 -0.38
CA SER A 27 1.54 11.46 -0.15
C SER A 27 1.15 11.31 1.34
N THR A 28 -0.15 11.28 1.62
CA THR A 28 -0.72 10.93 2.94
C THR A 28 -1.26 9.49 2.94
N GLU A 29 -1.46 8.91 4.12
CA GLU A 29 -2.14 7.62 4.26
C GLU A 29 -3.59 7.67 3.76
N GLN A 30 -4.28 8.81 3.86
CA GLN A 30 -5.62 8.99 3.28
C GLN A 30 -5.57 8.89 1.75
N GLN A 31 -4.60 9.56 1.11
CA GLN A 31 -4.40 9.49 -0.35
C GLN A 31 -4.01 8.08 -0.80
N PHE A 32 -3.16 7.38 -0.03
CA PHE A 32 -2.80 5.97 -0.33
C PHE A 32 -3.98 5.01 -0.12
N LEU A 33 -4.82 5.20 0.91
CA LEU A 33 -6.06 4.43 1.11
C LEU A 33 -7.03 4.62 -0.06
N GLU A 34 -7.23 5.87 -0.50
CA GLU A 34 -8.06 6.17 -1.68
C GLU A 34 -7.50 5.57 -2.99
N ALA A 35 -6.17 5.61 -3.17
CA ALA A 35 -5.51 4.97 -4.32
C ALA A 35 -5.66 3.44 -4.29
N MET A 36 -5.53 2.81 -3.13
CA MET A 36 -5.77 1.37 -2.95
C MET A 36 -7.24 1.00 -3.18
N GLU A 37 -8.18 1.79 -2.69
CA GLU A 37 -9.63 1.57 -2.89
C GLU A 37 -10.00 1.69 -4.39
N SER A 38 -9.39 2.65 -5.11
CA SER A 38 -9.60 2.86 -6.55
C SER A 38 -8.97 1.76 -7.42
N THR A 39 -7.87 1.14 -6.97
CA THR A 39 -7.09 0.14 -7.73
C THR A 39 -7.31 -1.32 -7.29
N GLY A 40 -8.24 -1.58 -6.37
CA GLY A 40 -8.60 -2.93 -5.91
C GLY A 40 -7.59 -3.57 -4.94
N GLY A 41 -6.82 -2.75 -4.24
CA GLY A 41 -5.85 -3.19 -3.22
C GLY A 41 -4.48 -3.65 -3.75
N ARG A 42 -4.21 -3.49 -5.06
CA ARG A 42 -2.88 -3.79 -5.64
C ARG A 42 -1.90 -2.66 -5.34
N VAL A 43 -1.01 -2.86 -4.36
CA VAL A 43 -0.03 -1.83 -3.91
C VAL A 43 0.78 -1.26 -5.07
N ARG A 44 1.23 -2.08 -6.03
CA ARG A 44 1.99 -1.62 -7.21
C ARG A 44 1.20 -0.64 -8.10
N ILE A 45 -0.09 -0.93 -8.33
CA ILE A 45 -0.97 -0.08 -9.15
C ILE A 45 -1.36 1.18 -8.35
N ALA A 46 -1.58 1.05 -7.05
CA ALA A 46 -1.90 2.17 -6.16
C ALA A 46 -0.75 3.18 -6.11
N ILE A 47 0.49 2.74 -5.87
CA ILE A 47 1.65 3.65 -5.86
C ILE A 47 1.96 4.19 -7.27
N ALA A 48 1.74 3.40 -8.34
CA ALA A 48 1.86 3.88 -9.71
C ALA A 48 0.87 5.02 -10.03
N LYS A 49 -0.42 4.88 -9.69
CA LYS A 49 -1.45 5.92 -9.90
C LYS A 49 -1.21 7.13 -8.99
N LEU A 50 -0.76 6.91 -7.76
CA LEU A 50 -0.44 7.97 -6.78
C LEU A 50 0.80 8.80 -7.18
N LEU A 51 1.76 8.21 -7.90
CA LEU A 51 2.87 8.92 -8.53
C LEU A 51 2.43 9.65 -9.82
N SER A 52 1.77 8.96 -10.74
CA SER A 52 1.45 9.43 -12.10
C SER A 52 0.16 10.27 -12.22
N LYS A 53 -0.39 10.75 -11.08
CA LYS A 53 -1.60 11.59 -11.01
C LYS A 53 -1.52 12.93 -11.78
N GLN A 54 -0.30 13.43 -11.99
CA GLN A 54 0.00 14.60 -12.83
C GLN A 54 1.33 14.38 -13.59
N THR A 55 1.35 14.68 -14.89
CA THR A 55 2.50 14.45 -15.79
C THR A 55 2.65 15.54 -16.85
N SER A 56 3.83 15.55 -17.50
CA SER A 56 4.21 16.50 -18.57
C SER A 56 3.40 16.37 -19.87
N GLY A 57 2.80 15.19 -20.12
CA GLY A 57 2.06 14.88 -21.35
C GLY A 57 2.96 14.68 -22.60
N GLY A 58 2.32 14.55 -23.77
CA GLY A 58 3.00 14.37 -25.06
C GLY A 58 2.02 14.10 -26.22
N SER A 59 2.55 14.11 -27.45
CA SER A 59 1.75 13.95 -28.69
C SER A 59 1.28 12.52 -28.97
N GLY A 60 1.90 11.51 -28.34
CA GLY A 60 1.57 10.09 -28.49
C GLY A 60 2.55 9.15 -27.77
N GLY A 61 2.28 7.84 -27.82
CA GLY A 61 3.14 6.79 -27.26
C GLY A 61 4.43 6.54 -28.07
N SER A 62 5.42 5.93 -27.42
CA SER A 62 6.71 5.55 -28.03
C SER A 62 6.64 4.26 -28.85
N LYS A 63 7.58 4.07 -29.78
CA LYS A 63 7.72 2.86 -30.62
C LYS A 63 8.23 1.68 -29.78
N LEU A 64 7.59 0.52 -29.92
CA LEU A 64 7.95 -0.76 -29.28
C LEU A 64 7.93 -1.92 -30.27
N GLY A 65 8.70 -2.98 -29.99
CA GLY A 65 8.78 -4.20 -30.80
C GLY A 65 9.86 -5.19 -30.30
N GLY A 66 9.93 -6.37 -30.93
CA GLY A 66 10.89 -7.43 -30.61
C GLY A 66 10.72 -8.70 -31.45
N SER A 67 11.69 -9.62 -31.34
CA SER A 67 11.71 -10.90 -32.06
C SER A 67 10.68 -11.91 -31.54
N GLY A 68 10.23 -12.82 -32.40
CA GLY A 68 9.35 -13.95 -32.03
C GLY A 68 10.03 -15.02 -31.16
N GLY A 69 9.22 -15.85 -30.50
CA GLY A 69 9.69 -16.92 -29.60
C GLY A 69 8.55 -17.72 -28.95
N SER A 70 8.90 -18.52 -27.93
CA SER A 70 7.96 -19.32 -27.13
C SER A 70 7.19 -18.49 -26.09
N ARG A 71 6.24 -19.12 -25.38
CA ARG A 71 5.40 -18.47 -24.34
C ARG A 71 6.18 -18.04 -23.09
N LYS A 72 7.38 -18.60 -22.85
CA LYS A 72 8.24 -18.42 -21.65
C LYS A 72 7.51 -18.51 -20.30
N ASP A 73 6.51 -19.39 -20.23
CA ASP A 73 5.54 -19.49 -19.13
C ASP A 73 6.01 -20.39 -17.96
N LEU A 74 7.09 -21.15 -18.16
CA LEU A 74 7.71 -22.08 -17.19
C LEU A 74 6.77 -23.22 -16.70
N SER A 75 7.28 -24.06 -15.80
CA SER A 75 6.57 -25.23 -15.25
C SER A 75 5.33 -24.85 -14.42
N VAL A 76 4.30 -25.71 -14.44
CA VAL A 76 3.01 -25.48 -13.76
C VAL A 76 3.06 -25.74 -12.24
N LYS A 77 3.99 -26.58 -11.78
CA LYS A 77 4.14 -26.96 -10.36
C LYS A 77 4.74 -25.82 -9.51
N GLY A 78 4.37 -25.78 -8.23
CA GLY A 78 4.81 -24.77 -7.26
C GLY A 78 4.14 -24.89 -5.89
N MET A 79 4.24 -23.85 -5.06
CA MET A 79 3.64 -23.76 -3.72
C MET A 79 3.06 -22.37 -3.45
N LEU A 80 1.94 -22.30 -2.71
CA LEU A 80 1.21 -21.06 -2.41
C LEU A 80 1.79 -20.33 -1.19
N TYR A 81 1.66 -18.99 -1.19
CA TYR A 81 2.05 -18.09 -0.09
C TYR A 81 1.13 -16.85 -0.06
N ASP A 82 1.15 -16.09 1.05
CA ASP A 82 0.35 -14.87 1.21
C ASP A 82 0.77 -13.73 0.25
N SER A 83 -0.21 -12.94 -0.23
CA SER A 83 0.01 -11.90 -1.25
C SER A 83 0.53 -10.56 -0.69
N ASP A 84 0.57 -10.39 0.64
CA ASP A 84 0.88 -9.18 1.43
C ASP A 84 0.04 -7.91 1.17
N SER A 85 -0.53 -7.75 -0.03
CA SER A 85 -1.47 -6.69 -0.41
C SER A 85 -2.63 -6.51 0.57
N GLN A 86 -3.21 -7.63 1.04
CA GLN A 86 -4.30 -7.62 2.03
C GLN A 86 -3.83 -7.21 3.43
N GLN A 87 -2.60 -7.57 3.82
CA GLN A 87 -2.00 -7.13 5.10
C GLN A 87 -1.70 -5.63 5.09
N ILE A 88 -1.12 -5.12 4.00
CA ILE A 88 -0.89 -3.67 3.80
C ILE A 88 -2.24 -2.94 3.81
N LEU A 89 -3.23 -3.41 3.04
CA LEU A 89 -4.56 -2.78 3.01
C LEU A 89 -5.25 -2.79 4.37
N ASN A 90 -5.18 -3.88 5.14
CA ASN A 90 -5.73 -3.92 6.50
C ASN A 90 -5.06 -2.89 7.42
N ARG A 91 -3.72 -2.84 7.47
CA ARG A 91 -3.01 -1.89 8.34
C ARG A 91 -3.18 -0.44 7.88
N LEU A 92 -3.26 -0.20 6.58
CA LEU A 92 -3.56 1.10 5.99
C LEU A 92 -4.98 1.57 6.30
N ARG A 93 -5.99 0.70 6.16
CA ARG A 93 -7.39 1.05 6.44
C ARG A 93 -7.63 1.25 7.93
N GLU A 94 -7.00 0.47 8.80
CA GLU A 94 -7.09 0.70 10.26
C GLU A 94 -6.35 1.97 10.69
N ARG A 95 -5.16 2.27 10.12
CA ARG A 95 -4.43 3.55 10.34
C ARG A 95 -5.24 4.78 9.87
N VAL A 96 -5.93 4.67 8.74
CA VAL A 96 -6.74 5.77 8.19
C VAL A 96 -8.11 5.90 8.87
N SER A 97 -8.80 4.77 9.07
CA SER A 97 -10.19 4.76 9.56
C SER A 97 -10.28 4.97 11.07
N GLY A 98 -9.29 4.45 11.84
CA GLY A 98 -9.33 4.43 13.31
C GLY A 98 -7.96 4.49 14.00
N SER A 99 -6.94 5.08 13.35
CA SER A 99 -5.58 5.30 13.90
C SER A 99 -4.85 4.06 14.44
N THR A 100 -5.25 2.85 14.02
CA THR A 100 -4.78 1.56 14.60
C THR A 100 -5.00 1.49 16.14
N ALA A 101 -6.01 2.20 16.66
CA ALA A 101 -6.38 2.21 18.07
C ALA A 101 -7.09 0.91 18.52
N GLN A 102 -7.04 0.63 19.83
CA GLN A 102 -7.61 -0.58 20.44
C GLN A 102 -9.15 -0.60 20.52
N SER A 103 -9.80 0.57 20.35
CA SER A 103 -11.26 0.74 20.33
C SER A 103 -11.66 1.94 19.45
N ALA A 104 -12.87 1.90 18.87
CA ALA A 104 -13.44 2.93 17.99
C ALA A 104 -14.96 3.08 18.20
N SER A 1 21.14 -17.68 18.59
CA SER A 1 20.81 -17.04 17.28
C SER A 1 19.94 -15.79 17.46
N VAL A 2 20.05 -14.82 16.54
CA VAL A 2 19.35 -13.50 16.62
C VAL A 2 17.97 -13.48 15.94
N SER A 3 17.64 -14.50 15.13
CA SER A 3 16.38 -14.58 14.37
C SER A 3 15.14 -14.75 15.24
N ILE A 4 14.00 -14.23 14.78
CA ILE A 4 12.69 -14.35 15.45
C ILE A 4 12.14 -15.78 15.26
N LEU A 5 11.60 -16.37 16.34
CA LEU A 5 11.15 -17.77 16.37
C LEU A 5 9.83 -18.01 15.60
N ARG A 6 8.92 -17.03 15.63
CA ARG A 6 7.60 -17.09 14.95
C ARG A 6 7.70 -16.82 13.44
N SER A 7 6.79 -17.43 12.67
CA SER A 7 6.75 -17.30 11.20
C SER A 7 5.94 -16.11 10.69
N SER A 8 5.19 -15.43 11.56
CA SER A 8 4.33 -14.27 11.24
C SER A 8 5.11 -12.96 11.08
N VAL A 9 4.54 -12.00 10.33
CA VAL A 9 5.09 -10.66 10.11
C VAL A 9 4.63 -9.70 11.22
N ASN A 10 5.53 -8.84 11.70
CA ASN A 10 5.20 -7.80 12.70
C ASN A 10 4.33 -6.69 12.07
N HIS A 11 3.14 -6.44 12.63
CA HIS A 11 2.20 -5.43 12.10
C HIS A 11 2.74 -3.99 12.21
N ARG A 12 3.66 -3.72 13.14
CA ARG A 12 4.38 -2.42 13.21
C ARG A 12 5.34 -2.27 12.04
N GLU A 13 5.94 -3.36 11.55
CA GLU A 13 6.79 -3.36 10.35
C GLU A 13 5.95 -3.19 9.07
N VAL A 14 4.73 -3.73 9.03
CA VAL A 14 3.75 -3.45 7.95
C VAL A 14 3.36 -1.95 7.95
N ASP A 15 3.15 -1.35 9.13
CA ASP A 15 2.95 0.10 9.23
C ASP A 15 4.19 0.91 8.82
N GLU A 16 5.41 0.44 9.15
CA GLU A 16 6.64 1.07 8.67
C GLU A 16 6.78 0.98 7.14
N ALA A 17 6.42 -0.15 6.53
CA ALA A 17 6.41 -0.30 5.07
C ALA A 17 5.40 0.67 4.42
N ILE A 18 4.21 0.84 5.03
CA ILE A 18 3.24 1.87 4.65
C ILE A 18 3.85 3.27 4.77
N ASP A 19 4.56 3.58 5.86
CA ASP A 19 5.20 4.89 6.05
C ASP A 19 6.34 5.15 5.04
N ASN A 20 7.10 4.11 4.67
CA ASN A 20 8.12 4.18 3.62
C ASN A 20 7.50 4.43 2.24
N ILE A 21 6.40 3.73 1.90
CA ILE A 21 5.63 3.98 0.67
C ILE A 21 5.06 5.40 0.66
N LEU A 22 4.50 5.85 1.79
CA LEU A 22 3.90 7.17 1.95
C LEU A 22 4.92 8.30 1.71
N ARG A 23 6.15 8.14 2.21
CA ARG A 23 7.27 9.07 1.98
C ARG A 23 7.85 8.98 0.56
N TYR A 24 7.98 7.77 0.00
CA TYR A 24 8.45 7.54 -1.38
C TYR A 24 7.50 8.15 -2.43
N THR A 25 6.19 8.04 -2.21
CA THR A 25 5.16 8.69 -3.04
C THR A 25 4.95 10.17 -2.72
N ASN A 26 5.56 10.68 -1.64
CA ASN A 26 5.41 12.04 -1.11
C ASN A 26 3.95 12.46 -0.93
N SER A 27 3.15 11.55 -0.36
CA SER A 27 1.69 11.66 -0.29
C SER A 27 1.14 11.72 1.16
N THR A 28 -0.20 11.73 1.27
CA THR A 28 -0.94 11.61 2.54
C THR A 28 -1.72 10.29 2.56
N GLU A 29 -1.86 9.64 3.71
CA GLU A 29 -2.43 8.29 3.79
C GLU A 29 -3.92 8.24 3.39
N GLN A 30 -4.68 9.33 3.49
CA GLN A 30 -6.04 9.39 2.91
C GLN A 30 -6.04 9.29 1.37
N GLN A 31 -5.01 9.81 0.69
CA GLN A 31 -4.81 9.59 -0.74
C GLN A 31 -4.35 8.16 -1.04
N PHE A 32 -3.53 7.55 -0.17
CA PHE A 32 -3.19 6.12 -0.29
C PHE A 32 -4.42 5.22 -0.09
N LEU A 33 -5.34 5.57 0.82
CA LEU A 33 -6.66 4.90 0.96
C LEU A 33 -7.50 5.04 -0.30
N GLU A 34 -7.61 6.25 -0.86
CA GLU A 34 -8.36 6.49 -2.10
C GLU A 34 -7.74 5.75 -3.31
N ALA A 35 -6.42 5.70 -3.39
CA ALA A 35 -5.71 4.95 -4.45
C ALA A 35 -5.89 3.44 -4.29
N MET A 36 -5.79 2.90 -3.08
CA MET A 36 -6.02 1.47 -2.79
C MET A 36 -7.49 1.08 -3.05
N GLU A 37 -8.46 1.92 -2.66
CA GLU A 37 -9.88 1.62 -2.89
C GLU A 37 -10.27 1.77 -4.38
N SER A 38 -9.58 2.64 -5.13
CA SER A 38 -9.73 2.75 -6.60
C SER A 38 -9.09 1.60 -7.38
N THR A 39 -8.09 0.92 -6.80
CA THR A 39 -7.30 -0.14 -7.48
C THR A 39 -7.54 -1.56 -6.95
N GLY A 40 -8.49 -1.73 -6.02
CA GLY A 40 -8.84 -3.05 -5.46
C GLY A 40 -7.81 -3.59 -4.46
N GLY A 41 -7.04 -2.70 -3.83
CA GLY A 41 -6.03 -3.03 -2.82
C GLY A 41 -4.70 -3.53 -3.35
N ARG A 42 -4.45 -3.44 -4.67
CA ARG A 42 -3.15 -3.82 -5.28
C ARG A 42 -2.11 -2.74 -4.98
N VAL A 43 -1.17 -2.99 -4.05
CA VAL A 43 -0.20 -1.97 -3.61
C VAL A 43 0.65 -1.43 -4.76
N ARG A 44 1.05 -2.29 -5.72
CA ARG A 44 1.83 -1.87 -6.90
C ARG A 44 1.09 -0.87 -7.81
N ILE A 45 -0.21 -1.11 -8.03
CA ILE A 45 -1.06 -0.23 -8.85
C ILE A 45 -1.41 1.05 -8.06
N ALA A 46 -1.60 0.95 -6.75
CA ALA A 46 -1.87 2.10 -5.89
C ALA A 46 -0.66 3.06 -5.84
N ILE A 47 0.57 2.56 -5.65
CA ILE A 47 1.77 3.42 -5.69
C ILE A 47 2.03 3.95 -7.11
N ALA A 48 1.74 3.18 -8.16
CA ALA A 48 1.76 3.67 -9.53
C ALA A 48 0.78 4.85 -9.75
N LYS A 49 -0.46 4.76 -9.24
CA LYS A 49 -1.46 5.85 -9.30
C LYS A 49 -1.06 7.07 -8.48
N LEU A 50 -0.50 6.88 -7.29
CA LEU A 50 0.04 7.98 -6.46
C LEU A 50 1.19 8.71 -7.15
N LEU A 51 2.11 7.98 -7.79
CA LEU A 51 3.21 8.57 -8.57
C LEU A 51 2.73 9.25 -9.88
N SER A 52 1.67 8.73 -10.50
CA SER A 52 1.12 9.27 -11.76
C SER A 52 0.54 10.69 -11.63
N LYS A 53 0.17 11.12 -10.40
CA LYS A 53 -0.29 12.51 -10.13
C LYS A 53 0.85 13.49 -9.82
N GLN A 54 2.10 13.03 -9.74
CA GLN A 54 3.29 13.88 -9.60
C GLN A 54 3.80 14.37 -10.97
N THR A 55 4.63 15.42 -10.98
CA THR A 55 5.17 16.02 -12.22
C THR A 55 6.24 15.14 -12.90
N SER A 56 7.03 14.41 -12.11
CA SER A 56 8.15 13.53 -12.52
C SER A 56 9.32 14.22 -13.22
N GLY A 57 10.52 13.65 -13.05
CA GLY A 57 11.73 14.01 -13.80
C GLY A 57 11.91 13.25 -15.12
N GLY A 58 11.07 12.25 -15.40
CA GLY A 58 11.13 11.39 -16.60
C GLY A 58 10.61 12.05 -17.89
N SER A 59 10.89 11.38 -19.01
CA SER A 59 10.51 11.79 -20.38
C SER A 59 9.95 10.61 -21.20
N GLY A 60 9.13 10.92 -22.22
CA GLY A 60 8.54 9.91 -23.13
C GLY A 60 9.57 9.22 -24.02
N GLY A 61 9.32 7.94 -24.36
CA GLY A 61 10.23 7.09 -25.13
C GLY A 61 10.25 7.33 -26.65
N SER A 62 9.24 8.04 -27.19
CA SER A 62 9.02 8.27 -28.63
C SER A 62 8.90 6.98 -29.47
N LYS A 63 8.83 7.12 -30.81
CA LYS A 63 8.75 6.01 -31.76
C LYS A 63 10.06 5.21 -31.89
N LEU A 64 9.94 3.97 -32.39
CA LEU A 64 11.07 3.02 -32.53
C LEU A 64 11.31 2.52 -33.97
N GLY A 65 10.54 2.97 -34.96
CA GLY A 65 10.67 2.52 -36.37
C GLY A 65 9.67 3.14 -37.34
N GLY A 66 9.47 2.47 -38.48
CA GLY A 66 8.49 2.84 -39.52
C GLY A 66 7.05 2.42 -39.20
N SER A 67 6.16 2.59 -40.18
CA SER A 67 4.74 2.17 -40.12
C SER A 67 4.55 0.65 -40.25
N GLY A 68 3.37 0.16 -39.86
CA GLY A 68 3.02 -1.28 -39.87
C GLY A 68 3.67 -2.08 -38.73
N GLY A 69 3.68 -3.41 -38.87
CA GLY A 69 4.28 -4.34 -37.88
C GLY A 69 3.49 -4.51 -36.58
N SER A 70 2.20 -4.13 -36.57
CA SER A 70 1.35 -4.06 -35.37
C SER A 70 0.89 -5.41 -34.80
N ARG A 71 1.17 -6.51 -35.51
CA ARG A 71 0.72 -7.88 -35.17
C ARG A 71 1.49 -8.50 -33.99
N LYS A 72 2.60 -7.90 -33.57
CA LYS A 72 3.45 -8.29 -32.42
C LYS A 72 3.89 -7.08 -31.59
N ASP A 73 4.29 -7.33 -30.35
CA ASP A 73 4.76 -6.32 -29.38
C ASP A 73 5.80 -6.91 -28.40
N LEU A 74 6.70 -6.08 -27.87
CA LEU A 74 7.74 -6.49 -26.90
C LEU A 74 7.13 -7.14 -25.65
N SER A 75 5.99 -6.63 -25.17
CA SER A 75 5.30 -7.07 -23.94
C SER A 75 4.15 -8.06 -24.20
N VAL A 76 4.14 -8.75 -25.35
CA VAL A 76 3.09 -9.74 -25.70
C VAL A 76 3.13 -11.01 -24.83
N LYS A 77 4.30 -11.36 -24.27
CA LYS A 77 4.50 -12.52 -23.38
C LYS A 77 3.95 -12.27 -21.97
N GLY A 78 3.54 -13.33 -21.29
CA GLY A 78 3.00 -13.29 -19.92
C GLY A 78 4.03 -12.89 -18.86
N MET A 79 3.55 -12.33 -17.74
CA MET A 79 4.35 -11.88 -16.59
C MET A 79 3.58 -12.04 -15.27
N LEU A 80 4.30 -12.28 -14.16
CA LEU A 80 3.75 -12.50 -12.81
C LEU A 80 4.45 -11.62 -11.75
N TYR A 81 3.77 -11.37 -10.65
CA TYR A 81 4.23 -10.58 -9.49
C TYR A 81 3.69 -11.14 -8.16
N ASP A 82 4.33 -10.76 -7.05
CA ASP A 82 3.89 -11.07 -5.68
C ASP A 82 4.28 -9.95 -4.70
N SER A 83 3.34 -9.52 -3.85
CA SER A 83 3.56 -8.47 -2.83
C SER A 83 2.53 -8.58 -1.68
N ASP A 84 2.72 -7.80 -0.62
CA ASP A 84 1.92 -7.76 0.61
C ASP A 84 0.57 -7.01 0.47
N SER A 85 -0.02 -6.94 -0.72
CA SER A 85 -1.21 -6.12 -1.03
C SER A 85 -2.34 -6.20 -0.01
N GLN A 86 -2.75 -7.41 0.42
CA GLN A 86 -3.83 -7.58 1.42
C GLN A 86 -3.41 -7.15 2.84
N GLN A 87 -2.18 -7.44 3.25
CA GLN A 87 -1.63 -7.07 4.57
C GLN A 87 -1.40 -5.54 4.68
N ILE A 88 -0.84 -4.94 3.62
CA ILE A 88 -0.73 -3.49 3.46
C ILE A 88 -2.12 -2.85 3.45
N LEU A 89 -3.09 -3.37 2.69
CA LEU A 89 -4.47 -2.86 2.72
C LEU A 89 -5.06 -2.91 4.13
N ASN A 90 -4.91 -4.02 4.85
CA ASN A 90 -5.44 -4.15 6.21
C ASN A 90 -4.86 -3.07 7.13
N ARG A 91 -3.52 -2.95 7.26
CA ARG A 91 -2.94 -1.92 8.14
C ARG A 91 -3.14 -0.49 7.62
N LEU A 92 -3.25 -0.29 6.31
CA LEU A 92 -3.53 1.03 5.73
C LEU A 92 -4.96 1.49 6.09
N ARG A 93 -5.95 0.62 5.92
CA ARG A 93 -7.34 0.91 6.34
C ARG A 93 -7.43 1.14 7.84
N GLU A 94 -6.73 0.36 8.67
CA GLU A 94 -6.68 0.61 10.12
C GLU A 94 -6.08 1.98 10.46
N ARG A 95 -4.93 2.33 9.86
CA ARG A 95 -4.26 3.63 10.05
C ARG A 95 -5.17 4.81 9.67
N VAL A 96 -5.84 4.72 8.51
CA VAL A 96 -6.62 5.83 7.95
C VAL A 96 -8.01 5.95 8.59
N SER A 97 -8.68 4.83 8.87
CA SER A 97 -9.96 4.84 9.62
C SER A 97 -9.76 5.13 11.12
N GLY A 98 -8.56 4.89 11.66
CA GLY A 98 -8.14 5.29 13.02
C GLY A 98 -8.22 4.19 14.09
N SER A 99 -8.44 2.94 13.69
CA SER A 99 -8.56 1.78 14.60
C SER A 99 -7.22 1.23 15.12
N THR A 100 -6.09 1.81 14.71
CA THR A 100 -4.76 1.53 15.30
C THR A 100 -4.60 2.07 16.73
N ALA A 101 -5.42 3.06 17.14
CA ALA A 101 -5.41 3.61 18.50
C ALA A 101 -5.95 2.61 19.54
N GLN A 102 -5.34 2.58 20.73
CA GLN A 102 -5.67 1.62 21.80
C GLN A 102 -6.78 2.11 22.77
N SER A 103 -7.11 3.42 22.73
CA SER A 103 -8.08 4.07 23.62
C SER A 103 -9.00 5.05 22.86
N ALA A 104 -10.21 5.27 23.39
CA ALA A 104 -11.19 6.24 22.86
C ALA A 104 -10.81 7.71 23.15
N SER A 1 13.88 -23.22 16.81
CA SER A 1 12.59 -23.94 16.75
C SER A 1 11.61 -23.31 15.75
N VAL A 2 10.70 -24.11 15.18
CA VAL A 2 9.75 -23.67 14.11
C VAL A 2 8.35 -23.29 14.61
N SER A 3 8.02 -23.57 15.88
CA SER A 3 6.72 -23.23 16.48
C SER A 3 6.57 -21.72 16.76
N ILE A 4 5.32 -21.24 16.78
CA ILE A 4 4.96 -19.82 16.98
C ILE A 4 5.11 -19.36 18.44
N LEU A 5 5.33 -18.05 18.62
CA LEU A 5 5.41 -17.40 19.94
C LEU A 5 4.04 -16.88 20.41
N ARG A 6 3.90 -16.60 21.73
CA ARG A 6 2.67 -16.07 22.35
C ARG A 6 2.36 -14.61 21.99
N SER A 7 3.39 -13.85 21.57
CA SER A 7 3.31 -12.45 21.17
C SER A 7 4.11 -12.19 19.87
N SER A 8 3.72 -11.15 19.11
CA SER A 8 4.38 -10.76 17.85
C SER A 8 4.41 -9.23 17.66
N VAL A 9 5.40 -8.75 16.90
CA VAL A 9 5.61 -7.33 16.53
C VAL A 9 5.50 -7.07 15.02
N ASN A 10 5.01 -8.06 14.24
CA ASN A 10 4.96 -8.03 12.76
C ASN A 10 4.42 -6.72 12.17
N HIS A 11 3.35 -6.18 12.75
CA HIS A 11 2.65 -5.01 12.20
C HIS A 11 3.45 -3.69 12.33
N ARG A 12 4.49 -3.63 13.16
CA ARG A 12 5.43 -2.49 13.18
C ARG A 12 6.18 -2.35 11.85
N GLU A 13 6.60 -3.47 11.27
CA GLU A 13 7.28 -3.50 9.96
C GLU A 13 6.31 -3.16 8.82
N VAL A 14 5.04 -3.54 8.94
CA VAL A 14 3.97 -3.18 7.98
C VAL A 14 3.64 -1.69 8.06
N ASP A 15 3.53 -1.13 9.28
CA ASP A 15 3.33 0.30 9.51
C ASP A 15 4.50 1.14 8.96
N GLU A 16 5.75 0.69 9.20
CA GLU A 16 6.95 1.28 8.62
C GLU A 16 6.96 1.20 7.08
N ALA A 17 6.56 0.08 6.48
CA ALA A 17 6.50 -0.06 5.03
C ALA A 17 5.41 0.86 4.41
N ILE A 18 4.26 0.99 5.07
CA ILE A 18 3.21 1.95 4.70
C ILE A 18 3.75 3.39 4.76
N ASP A 19 4.44 3.78 5.83
CA ASP A 19 5.01 5.12 5.97
C ASP A 19 6.16 5.38 4.96
N ASN A 20 6.95 4.36 4.63
CA ASN A 20 7.97 4.44 3.59
C ASN A 20 7.37 4.66 2.19
N ILE A 21 6.26 3.99 1.86
CA ILE A 21 5.50 4.24 0.62
C ILE A 21 4.90 5.65 0.62
N LEU A 22 4.32 6.06 1.75
CA LEU A 22 3.73 7.39 1.94
C LEU A 22 4.76 8.51 1.70
N ARG A 23 5.99 8.34 2.21
CA ARG A 23 7.11 9.27 2.00
C ARG A 23 7.66 9.21 0.57
N TYR A 24 7.88 8.01 0.03
CA TYR A 24 8.41 7.79 -1.32
C TYR A 24 7.53 8.39 -2.43
N THR A 25 6.21 8.21 -2.32
CA THR A 25 5.25 8.76 -3.31
C THR A 25 4.89 10.23 -3.06
N ASN A 26 5.33 10.81 -1.93
CA ASN A 26 4.97 12.17 -1.48
C ASN A 26 3.45 12.37 -1.41
N SER A 27 2.79 11.54 -0.60
CA SER A 27 1.32 11.46 -0.51
C SER A 27 0.77 11.65 0.90
N THR A 28 -0.50 12.04 0.98
CA THR A 28 -1.26 12.04 2.25
C THR A 28 -1.82 10.65 2.53
N GLU A 29 -2.19 10.35 3.77
CA GLU A 29 -2.75 9.04 4.12
C GLU A 29 -4.12 8.81 3.48
N GLN A 30 -4.93 9.87 3.31
CA GLN A 30 -6.17 9.79 2.54
C GLN A 30 -5.95 9.55 1.04
N GLN A 31 -4.88 10.12 0.44
CA GLN A 31 -4.51 9.81 -0.95
C GLN A 31 -4.09 8.33 -1.10
N PHE A 32 -3.28 7.79 -0.19
CA PHE A 32 -2.85 6.38 -0.27
C PHE A 32 -4.00 5.42 0.00
N LEU A 33 -4.87 5.71 0.98
CA LEU A 33 -6.09 4.92 1.21
C LEU A 33 -7.00 4.92 -0.03
N GLU A 34 -7.25 6.09 -0.61
CA GLU A 34 -8.06 6.22 -1.84
C GLU A 34 -7.45 5.47 -3.04
N ALA A 35 -6.14 5.56 -3.23
CA ALA A 35 -5.43 4.82 -4.28
C ALA A 35 -5.51 3.29 -4.07
N MET A 36 -5.47 2.82 -2.82
CA MET A 36 -5.62 1.40 -2.49
C MET A 36 -7.07 0.89 -2.64
N GLU A 37 -8.07 1.70 -2.26
CA GLU A 37 -9.48 1.36 -2.53
C GLU A 37 -9.81 1.34 -4.05
N SER A 38 -9.25 2.31 -4.80
CA SER A 38 -9.43 2.41 -6.26
C SER A 38 -8.77 1.28 -7.06
N THR A 39 -7.76 0.61 -6.46
CA THR A 39 -7.00 -0.50 -7.09
C THR A 39 -7.28 -1.87 -6.48
N GLY A 40 -8.16 -1.97 -5.48
CA GLY A 40 -8.51 -3.24 -4.83
C GLY A 40 -7.38 -3.82 -3.97
N GLY A 41 -6.52 -2.96 -3.41
CA GLY A 41 -5.36 -3.36 -2.59
C GLY A 41 -4.11 -3.76 -3.37
N ARG A 42 -4.02 -3.48 -4.68
CA ARG A 42 -2.82 -3.73 -5.50
C ARG A 42 -1.79 -2.64 -5.25
N VAL A 43 -0.89 -2.87 -4.28
CA VAL A 43 0.12 -1.86 -3.84
C VAL A 43 0.94 -1.32 -5.02
N ARG A 44 1.32 -2.16 -6.00
CA ARG A 44 2.08 -1.71 -7.19
C ARG A 44 1.30 -0.70 -8.06
N ILE A 45 0.00 -0.93 -8.25
CA ILE A 45 -0.87 -0.02 -9.03
C ILE A 45 -1.20 1.22 -8.19
N ALA A 46 -1.38 1.08 -6.88
CA ALA A 46 -1.61 2.20 -5.97
C ALA A 46 -0.41 3.16 -5.96
N ILE A 47 0.82 2.66 -5.78
CA ILE A 47 2.01 3.53 -5.83
C ILE A 47 2.25 4.10 -7.23
N ALA A 48 1.96 3.34 -8.30
CA ALA A 48 1.95 3.88 -9.67
C ALA A 48 1.00 5.07 -9.83
N LYS A 49 -0.25 4.97 -9.33
CA LYS A 49 -1.24 6.08 -9.36
C LYS A 49 -0.85 7.27 -8.48
N LEU A 50 -0.16 7.02 -7.34
CA LEU A 50 0.40 8.11 -6.51
C LEU A 50 1.61 8.79 -7.15
N LEU A 51 2.37 8.09 -8.01
CA LEU A 51 3.48 8.68 -8.78
C LEU A 51 3.00 9.42 -10.05
N SER A 52 1.95 8.95 -10.72
CA SER A 52 1.30 9.61 -11.88
C SER A 52 0.23 10.66 -11.50
N LYS A 53 0.22 11.07 -10.21
CA LYS A 53 -0.73 11.99 -9.57
C LYS A 53 -0.74 13.42 -10.13
N GLN A 54 0.35 13.82 -10.81
CA GLN A 54 0.49 15.09 -11.55
C GLN A 54 0.34 16.36 -10.67
N THR A 55 1.01 16.33 -9.50
CA THR A 55 1.00 17.39 -8.46
C THR A 55 2.34 18.11 -8.29
N SER A 56 3.26 17.97 -9.26
CA SER A 56 4.62 18.56 -9.23
C SER A 56 5.06 19.07 -10.61
N GLY A 57 6.12 19.89 -10.65
CA GLY A 57 6.76 20.42 -11.86
C GLY A 57 5.90 21.38 -12.70
N GLY A 58 4.79 21.89 -12.15
CA GLY A 58 3.81 22.72 -12.86
C GLY A 58 3.00 21.97 -13.93
N SER A 59 3.00 20.62 -13.91
CA SER A 59 2.34 19.77 -14.91
C SER A 59 0.81 19.81 -14.79
N GLY A 60 0.11 19.66 -15.92
CA GLY A 60 -1.35 19.61 -16.00
C GLY A 60 -1.85 19.20 -17.40
N GLY A 61 -3.04 18.60 -17.45
CA GLY A 61 -3.64 18.05 -18.68
C GLY A 61 -3.00 16.76 -19.19
N SER A 62 -3.59 16.16 -20.25
CA SER A 62 -3.13 14.92 -20.88
C SER A 62 -3.48 14.87 -22.38
N LYS A 63 -2.75 14.06 -23.15
CA LYS A 63 -2.92 13.85 -24.61
C LYS A 63 -2.60 12.41 -25.03
N LEU A 64 -3.05 12.02 -26.23
CA LEU A 64 -2.84 10.68 -26.81
C LEU A 64 -1.39 10.47 -27.26
N GLY A 65 -0.92 9.22 -27.22
CA GLY A 65 0.44 8.82 -27.60
C GLY A 65 0.74 7.34 -27.32
N GLY A 66 2.03 6.96 -27.43
CA GLY A 66 2.52 5.60 -27.21
C GLY A 66 2.22 4.62 -28.37
N SER A 67 2.41 3.33 -28.13
CA SER A 67 2.25 2.24 -29.10
C SER A 67 1.71 0.94 -28.46
N GLY A 68 1.18 0.04 -29.29
CA GLY A 68 0.62 -1.26 -28.88
C GLY A 68 1.67 -2.37 -28.63
N GLY A 69 1.19 -3.60 -28.49
CA GLY A 69 2.02 -4.81 -28.32
C GLY A 69 2.46 -5.13 -26.89
N SER A 70 1.95 -4.41 -25.88
CA SER A 70 2.36 -4.52 -24.47
C SER A 70 2.06 -5.89 -23.81
N ARG A 71 1.17 -6.69 -24.42
CA ARG A 71 0.76 -8.04 -23.95
C ARG A 71 1.72 -9.18 -24.36
N LYS A 72 2.80 -8.87 -25.09
CA LYS A 72 3.80 -9.85 -25.57
C LYS A 72 4.55 -10.57 -24.43
N ASP A 73 5.13 -11.73 -24.75
CA ASP A 73 5.94 -12.53 -23.81
C ASP A 73 7.25 -11.81 -23.41
N LEU A 74 7.59 -11.85 -22.12
CA LEU A 74 8.76 -11.19 -21.52
C LEU A 74 9.45 -12.09 -20.46
N SER A 75 10.76 -11.97 -20.33
CA SER A 75 11.61 -12.78 -19.43
C SER A 75 11.43 -12.47 -17.92
N VAL A 76 10.72 -11.37 -17.59
CA VAL A 76 10.45 -10.93 -16.21
C VAL A 76 9.45 -11.81 -15.45
N LYS A 77 8.70 -12.67 -16.17
CA LYS A 77 7.67 -13.56 -15.61
C LYS A 77 8.22 -14.57 -14.58
N GLY A 78 7.36 -15.01 -13.65
CA GLY A 78 7.68 -15.96 -12.59
C GLY A 78 6.55 -16.12 -11.55
N MET A 79 6.83 -16.85 -10.47
CA MET A 79 5.90 -17.03 -9.34
C MET A 79 5.77 -15.74 -8.50
N LEU A 80 4.59 -15.50 -7.93
CA LEU A 80 4.24 -14.31 -7.14
C LEU A 80 3.50 -14.67 -5.84
N TYR A 81 3.51 -13.75 -4.87
CA TYR A 81 2.79 -13.88 -3.59
C TYR A 81 1.26 -13.70 -3.74
N ASP A 82 0.51 -14.11 -2.71
CA ASP A 82 -0.95 -13.99 -2.64
C ASP A 82 -1.41 -13.52 -1.24
N SER A 83 -2.64 -12.97 -1.15
CA SER A 83 -3.28 -12.37 0.04
C SER A 83 -2.56 -11.17 0.69
N ASP A 84 -1.30 -10.88 0.34
CA ASP A 84 -0.53 -9.74 0.86
C ASP A 84 -1.18 -8.39 0.51
N SER A 85 -1.82 -8.29 -0.66
CA SER A 85 -2.66 -7.15 -1.07
C SER A 85 -3.76 -6.84 -0.05
N GLN A 86 -4.48 -7.87 0.41
CA GLN A 86 -5.52 -7.75 1.43
C GLN A 86 -4.92 -7.45 2.81
N GLN A 87 -3.74 -7.99 3.14
CA GLN A 87 -3.06 -7.72 4.41
C GLN A 87 -2.61 -6.24 4.53
N ILE A 88 -1.96 -5.70 3.50
CA ILE A 88 -1.60 -4.26 3.46
C ILE A 88 -2.86 -3.39 3.45
N LEU A 89 -3.89 -3.73 2.65
CA LEU A 89 -5.15 -2.99 2.62
C LEU A 89 -5.83 -2.96 4.00
N ASN A 90 -5.88 -4.09 4.71
CA ASN A 90 -6.40 -4.17 6.08
C ASN A 90 -5.59 -3.28 7.05
N ARG A 91 -4.25 -3.33 7.00
CA ARG A 91 -3.41 -2.49 7.88
C ARG A 91 -3.56 -1.00 7.56
N LEU A 92 -3.70 -0.63 6.28
CA LEU A 92 -3.94 0.76 5.87
C LEU A 92 -5.34 1.24 6.27
N ARG A 93 -6.38 0.40 6.15
CA ARG A 93 -7.74 0.72 6.63
C ARG A 93 -7.74 1.00 8.13
N GLU A 94 -7.05 0.17 8.91
CA GLU A 94 -6.89 0.39 10.36
C GLU A 94 -6.11 1.68 10.66
N ARG A 95 -4.94 1.88 10.02
CA ARG A 95 -4.07 3.06 10.24
C ARG A 95 -4.78 4.39 9.91
N VAL A 96 -5.51 4.43 8.80
CA VAL A 96 -6.10 5.67 8.26
C VAL A 96 -7.52 5.93 8.79
N SER A 97 -8.34 4.89 8.96
CA SER A 97 -9.76 5.03 9.37
C SER A 97 -10.04 4.66 10.84
N GLY A 98 -9.12 3.98 11.54
CA GLY A 98 -9.31 3.58 12.95
C GLY A 98 -9.44 4.74 13.95
N SER A 99 -8.99 5.94 13.57
CA SER A 99 -9.06 7.17 14.38
C SER A 99 -10.50 7.63 14.73
N THR A 100 -11.53 7.03 14.11
CA THR A 100 -12.95 7.26 14.46
C THR A 100 -13.31 6.71 15.85
N ALA A 101 -12.56 5.73 16.38
CA ALA A 101 -12.78 5.12 17.69
C ALA A 101 -12.33 6.03 18.85
N GLN A 102 -12.97 5.88 20.03
CA GLN A 102 -12.67 6.66 21.24
C GLN A 102 -11.39 6.18 21.95
N SER A 103 -11.02 4.90 21.80
CA SER A 103 -9.84 4.28 22.45
C SER A 103 -8.51 4.82 21.93
N ALA A 104 -7.48 4.85 22.79
CA ALA A 104 -6.11 5.28 22.50
C ALA A 104 -5.06 4.43 23.25
N SER A 1 7.48 -18.34 -2.91
CA SER A 1 6.27 -18.46 -2.04
C SER A 1 5.85 -17.10 -1.46
N VAL A 2 4.53 -16.90 -1.23
CA VAL A 2 3.95 -15.60 -0.79
C VAL A 2 3.28 -15.60 0.60
N SER A 3 3.24 -16.75 1.29
CA SER A 3 2.47 -16.93 2.54
C SER A 3 3.07 -16.21 3.75
N ILE A 4 2.21 -15.55 4.51
CA ILE A 4 2.56 -14.89 5.78
C ILE A 4 2.55 -15.90 6.95
N LEU A 5 1.91 -17.05 6.78
CA LEU A 5 2.01 -18.18 7.72
C LEU A 5 3.37 -18.90 7.58
N ARG A 6 3.93 -18.97 6.36
CA ARG A 6 5.28 -19.54 6.12
C ARG A 6 6.41 -18.53 6.37
N SER A 7 6.17 -17.25 6.08
CA SER A 7 7.11 -16.13 6.24
C SER A 7 6.45 -14.97 7.01
N SER A 8 6.28 -15.15 8.32
CA SER A 8 5.66 -14.19 9.23
C SER A 8 6.54 -12.96 9.48
N VAL A 9 5.90 -11.79 9.69
CA VAL A 9 6.55 -10.50 10.02
C VAL A 9 5.83 -9.80 11.18
N ASN A 10 6.55 -8.93 11.90
CA ASN A 10 6.00 -8.12 13.00
C ASN A 10 5.18 -6.92 12.50
N HIS A 11 4.22 -6.44 13.29
CA HIS A 11 3.40 -5.25 12.98
C HIS A 11 4.25 -4.02 12.62
N ARG A 12 5.38 -3.80 13.31
CA ARG A 12 6.28 -2.66 13.05
C ARG A 12 6.90 -2.68 11.65
N GLU A 13 7.12 -3.86 11.07
CA GLU A 13 7.62 -3.99 9.69
C GLU A 13 6.54 -3.64 8.65
N VAL A 14 5.29 -4.08 8.89
CA VAL A 14 4.14 -3.73 8.03
C VAL A 14 3.83 -2.23 8.12
N ASP A 15 3.85 -1.67 9.34
CA ASP A 15 3.63 -0.24 9.58
C ASP A 15 4.73 0.63 8.93
N GLU A 16 6.01 0.24 9.09
CA GLU A 16 7.12 0.91 8.39
C GLU A 16 7.00 0.77 6.88
N ALA A 17 6.58 -0.38 6.32
CA ALA A 17 6.41 -0.53 4.88
C ALA A 17 5.32 0.43 4.33
N ILE A 18 4.18 0.55 5.03
CA ILE A 18 3.12 1.52 4.71
C ILE A 18 3.65 2.96 4.79
N ASP A 19 4.34 3.30 5.88
CA ASP A 19 4.85 4.66 6.09
C ASP A 19 6.03 5.02 5.15
N ASN A 20 6.83 4.02 4.73
CA ASN A 20 7.85 4.16 3.69
C ASN A 20 7.22 4.37 2.30
N ILE A 21 6.13 3.67 1.97
CA ILE A 21 5.36 3.92 0.74
C ILE A 21 4.76 5.34 0.77
N LEU A 22 4.19 5.77 1.90
CA LEU A 22 3.66 7.12 2.09
C LEU A 22 4.73 8.20 1.86
N ARG A 23 5.94 8.00 2.41
CA ARG A 23 7.12 8.85 2.17
C ARG A 23 7.58 8.83 0.71
N TYR A 24 7.76 7.64 0.12
CA TYR A 24 8.24 7.46 -1.26
C TYR A 24 7.30 8.09 -2.30
N THR A 25 5.98 7.89 -2.14
CA THR A 25 4.96 8.48 -3.03
C THR A 25 4.70 9.97 -2.77
N ASN A 26 5.30 10.56 -1.73
CA ASN A 26 5.12 11.98 -1.36
C ASN A 26 3.63 12.35 -1.16
N SER A 27 2.84 11.40 -0.63
CA SER A 27 1.37 11.48 -0.57
C SER A 27 0.83 11.71 0.86
N THR A 28 -0.48 11.95 0.96
CA THR A 28 -1.23 11.95 2.23
C THR A 28 -2.07 10.67 2.34
N GLU A 29 -2.30 10.17 3.56
CA GLU A 29 -2.91 8.85 3.77
C GLU A 29 -4.37 8.77 3.29
N GLN A 30 -5.08 9.89 3.22
CA GLN A 30 -6.41 9.97 2.58
C GLN A 30 -6.33 9.59 1.09
N GLN A 31 -5.31 10.08 0.37
CA GLN A 31 -5.09 9.73 -1.03
C GLN A 31 -4.52 8.31 -1.20
N PHE A 32 -3.73 7.81 -0.24
CA PHE A 32 -3.33 6.39 -0.23
C PHE A 32 -4.53 5.46 -0.03
N LEU A 33 -5.49 5.81 0.85
CA LEU A 33 -6.76 5.08 0.99
C LEU A 33 -7.59 5.15 -0.30
N GLU A 34 -7.73 6.33 -0.90
CA GLU A 34 -8.47 6.49 -2.17
C GLU A 34 -7.84 5.72 -3.33
N ALA A 35 -6.51 5.71 -3.43
CA ALA A 35 -5.78 4.95 -4.45
C ALA A 35 -5.91 3.43 -4.24
N MET A 36 -5.80 2.94 -3.01
CA MET A 36 -6.01 1.52 -2.69
C MET A 36 -7.47 1.08 -2.94
N GLU A 37 -8.46 1.91 -2.59
CA GLU A 37 -9.88 1.59 -2.83
C GLU A 37 -10.24 1.66 -4.33
N SER A 38 -9.63 2.58 -5.08
CA SER A 38 -9.83 2.69 -6.55
C SER A 38 -9.14 1.58 -7.35
N THR A 39 -8.09 0.97 -6.81
CA THR A 39 -7.30 -0.10 -7.47
C THR A 39 -7.62 -1.52 -6.97
N GLY A 40 -8.53 -1.66 -6.00
CA GLY A 40 -8.93 -2.96 -5.44
C GLY A 40 -7.87 -3.57 -4.51
N GLY A 41 -7.04 -2.73 -3.88
CA GLY A 41 -6.01 -3.15 -2.92
C GLY A 41 -4.69 -3.61 -3.55
N ARG A 42 -4.43 -3.30 -4.84
CA ARG A 42 -3.14 -3.61 -5.47
C ARG A 42 -2.12 -2.50 -5.17
N VAL A 43 -1.21 -2.76 -4.25
CA VAL A 43 -0.17 -1.81 -3.81
C VAL A 43 0.62 -1.27 -5.01
N ARG A 44 0.98 -2.11 -5.98
CA ARG A 44 1.74 -1.68 -7.18
C ARG A 44 1.02 -0.62 -8.01
N ILE A 45 -0.29 -0.80 -8.23
CA ILE A 45 -1.11 0.14 -9.02
C ILE A 45 -1.40 1.40 -8.19
N ALA A 46 -1.60 1.26 -6.87
CA ALA A 46 -1.82 2.40 -5.98
C ALA A 46 -0.59 3.32 -5.91
N ILE A 47 0.62 2.77 -5.71
CA ILE A 47 1.86 3.57 -5.71
C ILE A 47 2.14 4.14 -7.11
N ALA A 48 1.87 3.39 -8.19
CA ALA A 48 1.93 3.91 -9.55
C ALA A 48 1.01 5.14 -9.76
N LYS A 49 -0.26 5.06 -9.37
CA LYS A 49 -1.23 6.17 -9.49
C LYS A 49 -0.82 7.39 -8.65
N LEU A 50 -0.30 7.17 -7.43
CA LEU A 50 0.19 8.25 -6.57
C LEU A 50 1.44 8.96 -7.13
N LEU A 51 2.39 8.22 -7.71
CA LEU A 51 3.64 8.81 -8.23
C LEU A 51 3.49 9.40 -9.64
N SER A 52 2.78 8.74 -10.57
CA SER A 52 2.58 9.22 -11.95
C SER A 52 1.75 10.51 -12.04
N LYS A 53 0.94 10.80 -11.01
CA LYS A 53 0.24 12.08 -10.83
C LYS A 53 1.21 13.27 -10.61
N GLN A 54 2.42 12.99 -10.11
CA GLN A 54 3.43 13.99 -9.76
C GLN A 54 4.63 14.02 -10.72
N THR A 55 5.13 12.86 -11.16
CA THR A 55 6.37 12.73 -11.93
C THR A 55 6.44 11.42 -12.72
N SER A 56 7.15 11.40 -13.85
CA SER A 56 7.34 10.24 -14.74
C SER A 56 8.38 9.23 -14.20
N GLY A 57 8.20 8.81 -12.94
CA GLY A 57 9.10 7.89 -12.23
C GLY A 57 9.09 6.45 -12.76
N GLY A 58 10.06 5.64 -12.32
CA GLY A 58 10.24 4.25 -12.73
C GLY A 58 10.87 4.03 -14.12
N SER A 59 11.42 5.10 -14.72
CA SER A 59 12.10 5.06 -16.02
C SER A 59 13.53 4.49 -15.95
N GLY A 60 14.09 4.10 -17.10
CA GLY A 60 15.43 3.53 -17.24
C GLY A 60 15.56 2.07 -16.75
N GLY A 61 16.81 1.62 -16.56
CA GLY A 61 17.13 0.25 -16.11
C GLY A 61 16.83 -0.01 -14.62
N SER A 62 16.84 -1.29 -14.24
CA SER A 62 16.59 -1.76 -12.88
C SER A 62 17.68 -1.34 -11.87
N LYS A 63 17.31 -1.21 -10.59
CA LYS A 63 18.23 -0.85 -9.49
C LYS A 63 19.31 -1.93 -9.24
N LEU A 64 20.50 -1.50 -8.82
CA LEU A 64 21.64 -2.38 -8.54
C LEU A 64 21.62 -2.91 -7.09
N GLY A 65 22.14 -4.12 -6.89
CA GLY A 65 22.19 -4.79 -5.58
C GLY A 65 20.83 -5.31 -5.08
N GLY A 66 20.80 -5.81 -3.85
CA GLY A 66 19.63 -6.39 -3.19
C GLY A 66 19.92 -6.91 -1.77
N SER A 67 18.93 -7.55 -1.14
CA SER A 67 19.03 -8.08 0.23
C SER A 67 20.06 -9.21 0.37
N GLY A 68 20.80 -9.22 1.48
CA GLY A 68 21.83 -10.24 1.78
C GLY A 68 21.26 -11.60 2.21
N GLY A 69 22.07 -12.66 2.03
CA GLY A 69 21.71 -14.04 2.40
C GLY A 69 21.72 -14.35 3.91
N SER A 70 22.25 -13.43 4.73
CA SER A 70 22.40 -13.59 6.19
C SER A 70 21.11 -13.41 7.01
N ARG A 71 20.00 -13.04 6.36
CA ARG A 71 18.69 -12.81 7.01
C ARG A 71 18.06 -14.08 7.60
N LYS A 72 17.12 -13.87 8.53
CA LYS A 72 16.19 -14.87 9.12
C LYS A 72 14.75 -14.34 9.04
N ASP A 73 13.77 -15.26 9.03
CA ASP A 73 12.34 -14.95 9.05
C ASP A 73 11.57 -15.88 10.02
N LEU A 74 10.41 -15.42 10.52
CA LEU A 74 9.53 -16.18 11.41
C LEU A 74 8.47 -16.99 10.62
N SER A 75 7.74 -17.85 11.32
CA SER A 75 6.57 -18.59 10.80
C SER A 75 5.45 -18.68 11.84
N VAL A 76 4.24 -19.03 11.39
CA VAL A 76 2.97 -19.21 12.14
C VAL A 76 2.48 -18.06 13.03
N LYS A 77 3.23 -16.95 13.13
CA LYS A 77 2.79 -15.70 13.79
C LYS A 77 1.89 -14.82 12.91
N GLY A 78 1.95 -15.03 11.59
CA GLY A 78 1.05 -14.40 10.61
C GLY A 78 -0.37 -14.99 10.61
N MET A 79 -1.25 -14.45 9.74
CA MET A 79 -2.68 -14.82 9.67
C MET A 79 -3.15 -15.29 8.27
N LEU A 80 -2.33 -15.14 7.22
CA LEU A 80 -2.73 -15.35 5.82
C LEU A 80 -1.75 -16.24 5.04
N TYR A 81 -2.28 -17.08 4.15
CA TYR A 81 -1.51 -17.85 3.16
C TYR A 81 -1.36 -17.10 1.80
N ASP A 82 -2.20 -16.09 1.56
CA ASP A 82 -2.11 -15.19 0.40
C ASP A 82 -1.05 -14.07 0.60
N SER A 83 -0.73 -13.36 -0.48
CA SER A 83 0.23 -12.25 -0.53
C SER A 83 -0.01 -11.12 0.50
N ASP A 84 1.05 -10.38 0.81
CA ASP A 84 1.08 -9.29 1.81
C ASP A 84 0.20 -8.07 1.46
N SER A 85 -0.26 -7.94 0.21
CA SER A 85 -1.16 -6.86 -0.25
C SER A 85 -2.43 -6.73 0.61
N GLN A 86 -3.03 -7.85 1.03
CA GLN A 86 -4.19 -7.83 1.94
C GLN A 86 -3.84 -7.34 3.35
N GLN A 87 -2.66 -7.67 3.88
CA GLN A 87 -2.21 -7.18 5.20
C GLN A 87 -1.83 -5.69 5.14
N ILE A 88 -1.20 -5.24 4.06
CA ILE A 88 -0.93 -3.81 3.79
C ILE A 88 -2.24 -3.04 3.69
N LEU A 89 -3.23 -3.54 2.95
CA LEU A 89 -4.57 -2.94 2.87
C LEU A 89 -5.26 -2.88 4.24
N ASN A 90 -5.23 -3.97 5.02
CA ASN A 90 -5.84 -4.02 6.34
C ASN A 90 -5.22 -2.96 7.28
N ARG A 91 -3.88 -2.91 7.40
CA ARG A 91 -3.20 -1.92 8.27
C ARG A 91 -3.32 -0.49 7.74
N LEU A 92 -3.38 -0.28 6.42
CA LEU A 92 -3.62 1.05 5.85
C LEU A 92 -5.05 1.54 6.15
N ARG A 93 -6.05 0.69 5.89
CA ARG A 93 -7.46 1.02 6.13
C ARG A 93 -7.74 1.22 7.63
N GLU A 94 -7.05 0.51 8.51
CA GLU A 94 -7.10 0.75 9.95
C GLU A 94 -6.43 2.08 10.35
N ARG A 95 -5.22 2.37 9.84
CA ARG A 95 -4.51 3.64 10.06
C ARG A 95 -5.34 4.87 9.64
N VAL A 96 -6.12 4.75 8.54
CA VAL A 96 -6.92 5.87 8.00
C VAL A 96 -8.36 5.91 8.52
N SER A 97 -9.03 4.75 8.60
CA SER A 97 -10.48 4.64 8.84
C SER A 97 -10.86 3.78 10.06
N GLY A 98 -9.90 3.32 10.87
CA GLY A 98 -10.16 2.56 12.10
C GLY A 98 -10.91 3.35 13.19
N SER A 99 -11.61 2.62 14.08
CA SER A 99 -12.40 3.14 15.21
C SER A 99 -13.36 4.29 14.83
N THR A 100 -12.98 5.54 15.06
CA THR A 100 -13.81 6.74 14.80
C THR A 100 -13.64 7.33 13.39
N ALA A 101 -12.60 6.91 12.65
CA ALA A 101 -12.16 7.51 11.38
C ALA A 101 -11.92 9.05 11.46
N GLN A 102 -11.53 9.57 12.63
CA GLN A 102 -11.40 11.00 12.93
C GLN A 102 -10.17 11.29 13.80
N SER A 103 -9.56 12.47 13.62
CA SER A 103 -8.42 12.95 14.41
C SER A 103 -8.79 13.38 15.85
N ALA A 104 -7.80 13.35 16.75
CA ALA A 104 -7.93 13.75 18.17
C ALA A 104 -7.98 15.30 18.35
N SER A 1 26.83 -21.00 15.99
CA SER A 1 25.72 -21.96 16.31
C SER A 1 24.55 -21.83 15.33
N VAL A 2 23.79 -22.91 15.12
CA VAL A 2 22.62 -22.94 14.21
C VAL A 2 21.35 -22.32 14.84
N SER A 3 21.24 -22.34 16.17
CA SER A 3 20.15 -21.73 16.94
C SER A 3 20.22 -20.20 16.97
N ILE A 4 19.05 -19.57 17.20
CA ILE A 4 18.83 -18.11 17.24
C ILE A 4 17.93 -17.70 18.42
N LEU A 5 17.97 -16.42 18.80
CA LEU A 5 17.19 -15.87 19.91
C LEU A 5 15.70 -15.64 19.56
N ARG A 6 15.40 -15.36 18.28
CA ARG A 6 14.04 -15.18 17.73
C ARG A 6 13.95 -15.53 16.23
N SER A 7 12.75 -15.92 15.80
CA SER A 7 12.35 -16.09 14.39
C SER A 7 11.08 -15.31 14.00
N SER A 8 10.41 -14.68 14.97
CA SER A 8 9.18 -13.90 14.83
C SER A 8 9.43 -12.42 14.51
N VAL A 9 8.39 -11.71 14.09
CA VAL A 9 8.40 -10.28 13.71
C VAL A 9 7.30 -9.49 14.45
N ASN A 10 7.36 -8.16 14.38
CA ASN A 10 6.42 -7.22 15.03
C ASN A 10 5.65 -6.40 13.99
N HIS A 11 4.38 -6.05 14.27
CA HIS A 11 3.51 -5.25 13.37
C HIS A 11 4.06 -3.86 13.05
N ARG A 12 5.03 -3.36 13.85
CA ARG A 12 5.86 -2.18 13.54
C ARG A 12 6.46 -2.26 12.13
N GLU A 13 6.82 -3.45 11.65
CA GLU A 13 7.34 -3.66 10.29
C GLU A 13 6.29 -3.37 9.21
N VAL A 14 5.01 -3.69 9.47
CA VAL A 14 3.90 -3.36 8.56
C VAL A 14 3.60 -1.86 8.61
N ASP A 15 3.60 -1.25 9.81
CA ASP A 15 3.46 0.21 9.94
C ASP A 15 4.61 0.96 9.22
N GLU A 16 5.84 0.45 9.34
CA GLU A 16 7.01 0.96 8.60
C GLU A 16 6.84 0.80 7.09
N ALA A 17 6.31 -0.31 6.59
CA ALA A 17 6.06 -0.49 5.16
C ALA A 17 5.03 0.52 4.62
N ILE A 18 3.94 0.77 5.37
CA ILE A 18 2.97 1.83 5.06
C ILE A 18 3.63 3.21 5.05
N ASP A 19 4.41 3.54 6.08
CA ASP A 19 5.15 4.80 6.17
C ASP A 19 6.20 4.97 5.04
N ASN A 20 6.84 3.88 4.60
CA ASN A 20 7.81 3.92 3.51
C ASN A 20 7.14 4.15 2.15
N ILE A 21 6.00 3.51 1.87
CA ILE A 21 5.18 3.83 0.67
C ILE A 21 4.67 5.28 0.73
N LEU A 22 4.16 5.71 1.88
CA LEU A 22 3.66 7.07 2.11
C LEU A 22 4.73 8.13 1.79
N ARG A 23 5.97 7.92 2.25
CA ARG A 23 7.13 8.78 1.93
C ARG A 23 7.57 8.66 0.47
N TYR A 24 7.68 7.46 -0.10
CA TYR A 24 8.09 7.26 -1.50
C TYR A 24 7.13 7.92 -2.50
N THR A 25 5.83 7.91 -2.19
CA THR A 25 4.79 8.57 -3.02
C THR A 25 4.56 10.05 -2.68
N ASN A 26 5.30 10.60 -1.70
CA ASN A 26 5.21 11.99 -1.23
C ASN A 26 3.75 12.42 -0.91
N SER A 27 2.96 11.49 -0.35
CA SER A 27 1.51 11.62 -0.20
C SER A 27 1.05 11.69 1.27
N THR A 28 -0.25 11.90 1.46
CA THR A 28 -0.92 11.71 2.77
C THR A 28 -1.74 10.41 2.75
N GLU A 29 -1.91 9.75 3.89
CA GLU A 29 -2.48 8.39 3.95
C GLU A 29 -3.93 8.29 3.44
N GLN A 30 -4.68 9.41 3.43
CA GLN A 30 -6.00 9.47 2.76
C GLN A 30 -5.89 9.33 1.22
N GLN A 31 -4.83 9.85 0.60
CA GLN A 31 -4.57 9.68 -0.84
C GLN A 31 -4.13 8.24 -1.15
N PHE A 32 -3.30 7.64 -0.28
CA PHE A 32 -2.91 6.22 -0.40
C PHE A 32 -4.15 5.31 -0.24
N LEU A 33 -5.04 5.61 0.72
CA LEU A 33 -6.33 4.91 0.87
C LEU A 33 -7.17 5.02 -0.40
N GLU A 34 -7.33 6.22 -0.95
CA GLU A 34 -8.11 6.44 -2.18
C GLU A 34 -7.51 5.70 -3.40
N ALA A 35 -6.19 5.68 -3.53
CA ALA A 35 -5.50 4.95 -4.59
C ALA A 35 -5.65 3.42 -4.44
N MET A 36 -5.61 2.89 -3.21
CA MET A 36 -5.84 1.47 -2.92
C MET A 36 -7.32 1.08 -3.13
N GLU A 37 -8.27 1.93 -2.71
CA GLU A 37 -9.70 1.72 -2.92
C GLU A 37 -10.06 1.74 -4.42
N SER A 38 -9.41 2.60 -5.20
CA SER A 38 -9.62 2.72 -6.66
C SER A 38 -9.02 1.55 -7.46
N THR A 39 -8.06 0.80 -6.89
CA THR A 39 -7.34 -0.31 -7.55
C THR A 39 -7.66 -1.69 -6.97
N GLY A 40 -8.53 -1.80 -5.96
CA GLY A 40 -8.86 -3.06 -5.30
C GLY A 40 -7.71 -3.61 -4.42
N GLY A 41 -6.87 -2.72 -3.89
CA GLY A 41 -5.75 -3.08 -3.02
C GLY A 41 -4.47 -3.52 -3.76
N ARG A 42 -4.35 -3.28 -5.06
CA ARG A 42 -3.13 -3.59 -5.84
C ARG A 42 -2.06 -2.53 -5.56
N VAL A 43 -1.19 -2.78 -4.59
CA VAL A 43 -0.18 -1.82 -4.11
C VAL A 43 0.64 -1.24 -5.26
N ARG A 44 1.11 -2.07 -6.20
CA ARG A 44 1.90 -1.62 -7.36
C ARG A 44 1.15 -0.60 -8.25
N ILE A 45 -0.13 -0.85 -8.51
CA ILE A 45 -0.98 0.05 -9.33
C ILE A 45 -1.35 1.31 -8.53
N ALA A 46 -1.62 1.16 -7.23
CA ALA A 46 -1.94 2.27 -6.34
C ALA A 46 -0.77 3.26 -6.23
N ILE A 47 0.45 2.78 -5.96
CA ILE A 47 1.64 3.64 -5.89
C ILE A 47 1.99 4.20 -7.28
N ALA A 48 1.82 3.42 -8.36
CA ALA A 48 2.03 3.91 -9.74
C ALA A 48 1.08 5.08 -10.11
N LYS A 49 -0.22 4.96 -9.83
CA LYS A 49 -1.20 6.02 -10.09
C LYS A 49 -1.00 7.22 -9.17
N LEU A 50 -0.67 7.00 -7.90
CA LEU A 50 -0.38 8.06 -6.93
C LEU A 50 0.91 8.84 -7.28
N LEU A 51 1.93 8.17 -7.83
CA LEU A 51 3.12 8.82 -8.40
C LEU A 51 2.80 9.61 -9.68
N SER A 52 1.96 9.06 -10.57
CA SER A 52 1.49 9.79 -11.77
C SER A 52 0.71 11.06 -11.40
N LYS A 53 -0.08 11.02 -10.32
CA LYS A 53 -0.87 12.14 -9.77
C LYS A 53 -0.11 13.02 -8.76
N GLN A 54 1.21 12.89 -8.63
CA GLN A 54 2.08 13.66 -7.70
C GLN A 54 2.33 15.13 -8.14
N THR A 55 1.26 15.79 -8.59
CA THR A 55 1.23 17.17 -9.13
C THR A 55 -0.17 17.82 -9.01
N SER A 56 -1.21 17.06 -8.66
CA SER A 56 -2.63 17.48 -8.74
C SER A 56 -3.21 18.05 -7.43
N GLY A 57 -2.37 18.31 -6.42
CA GLY A 57 -2.79 18.84 -5.12
C GLY A 57 -3.40 20.25 -5.18
N GLY A 58 -4.33 20.54 -4.28
CA GLY A 58 -5.05 21.83 -4.20
C GLY A 58 -4.21 23.00 -3.66
N SER A 59 -4.65 24.23 -3.95
CA SER A 59 -3.98 25.48 -3.56
C SER A 59 -4.44 26.07 -2.21
N GLY A 60 -5.50 25.51 -1.60
CA GLY A 60 -6.05 25.96 -0.32
C GLY A 60 -5.15 25.67 0.90
N GLY A 61 -5.44 26.35 2.01
CA GLY A 61 -4.73 26.19 3.30
C GLY A 61 -5.07 24.88 4.05
N SER A 62 -4.35 24.64 5.15
CA SER A 62 -4.48 23.45 6.01
C SER A 62 -4.31 23.80 7.51
N LYS A 63 -4.76 22.88 8.39
CA LYS A 63 -4.66 23.01 9.86
C LYS A 63 -3.19 22.93 10.32
N LEU A 64 -2.80 23.80 11.25
CA LEU A 64 -1.48 23.83 11.90
C LEU A 64 -1.61 23.82 13.44
N GLY A 65 -0.63 23.22 14.12
CA GLY A 65 -0.59 23.10 15.58
C GLY A 65 -1.62 22.12 16.17
N GLY A 66 -1.78 22.17 17.50
CA GLY A 66 -2.67 21.29 18.27
C GLY A 66 -2.10 19.89 18.56
N SER A 67 -2.87 19.08 19.30
CA SER A 67 -2.48 17.74 19.76
C SER A 67 -2.35 16.71 18.63
N GLY A 68 -1.49 15.71 18.83
CA GLY A 68 -1.31 14.57 17.92
C GLY A 68 -2.47 13.56 17.94
N GLY A 69 -2.38 12.53 17.10
CA GLY A 69 -3.36 11.44 17.01
C GLY A 69 -3.42 10.53 18.25
N SER A 70 -4.53 9.81 18.41
CA SER A 70 -4.81 8.93 19.56
C SER A 70 -4.15 7.53 19.46
N ARG A 71 -3.78 7.09 18.26
CA ARG A 71 -3.04 5.83 18.01
C ARG A 71 -1.53 6.00 18.11
N LYS A 72 -0.83 4.90 18.46
CA LYS A 72 0.63 4.83 18.65
C LYS A 72 1.20 3.46 18.23
N ASP A 73 2.54 3.38 18.12
CA ASP A 73 3.26 2.14 17.78
C ASP A 73 3.21 1.08 18.91
N LEU A 74 3.47 -0.18 18.57
CA LEU A 74 3.28 -1.37 19.41
C LEU A 74 4.46 -2.36 19.40
N SER A 75 4.50 -3.22 20.43
CA SER A 75 5.52 -4.27 20.62
C SER A 75 4.86 -5.64 20.83
N VAL A 76 4.60 -6.35 19.73
CA VAL A 76 3.96 -7.69 19.70
C VAL A 76 4.78 -8.67 18.84
N LYS A 77 4.45 -9.97 18.90
CA LYS A 77 5.13 -11.05 18.14
C LYS A 77 4.15 -11.80 17.22
N GLY A 78 4.60 -12.13 16.01
CA GLY A 78 3.87 -12.91 15.02
C GLY A 78 4.75 -13.48 13.90
N MET A 79 4.13 -14.19 12.94
CA MET A 79 4.79 -14.78 11.77
C MET A 79 5.05 -13.74 10.66
N LEU A 80 5.99 -14.04 9.75
CA LEU A 80 6.41 -13.16 8.66
C LEU A 80 5.24 -12.71 7.76
N TYR A 81 5.09 -11.40 7.57
CA TYR A 81 3.95 -10.79 6.86
C TYR A 81 4.04 -10.88 5.32
N ASP A 82 5.27 -10.79 4.78
CA ASP A 82 5.58 -10.63 3.35
C ASP A 82 4.99 -9.34 2.72
N SER A 83 5.38 -9.03 1.47
CA SER A 83 4.91 -7.86 0.68
C SER A 83 3.48 -8.07 0.13
N ASP A 84 2.57 -8.52 0.99
CA ASP A 84 1.22 -8.96 0.68
C ASP A 84 0.21 -7.80 0.62
N SER A 85 -0.57 -7.75 -0.48
CA SER A 85 -1.58 -6.72 -0.74
C SER A 85 -2.66 -6.64 0.34
N GLN A 86 -3.16 -7.78 0.82
CA GLN A 86 -4.29 -7.83 1.77
C GLN A 86 -3.91 -7.33 3.17
N GLN A 87 -2.76 -7.71 3.69
CA GLN A 87 -2.26 -7.21 4.99
C GLN A 87 -1.92 -5.71 4.94
N ILE A 88 -1.31 -5.24 3.84
CA ILE A 88 -1.04 -3.80 3.64
C ILE A 88 -2.35 -3.00 3.53
N LEU A 89 -3.32 -3.48 2.76
CA LEU A 89 -4.66 -2.86 2.67
C LEU A 89 -5.35 -2.80 4.04
N ASN A 90 -5.34 -3.90 4.80
CA ASN A 90 -5.94 -3.94 6.14
C ASN A 90 -5.25 -2.95 7.08
N ARG A 91 -3.91 -2.95 7.16
CA ARG A 91 -3.20 -2.00 8.05
C ARG A 91 -3.36 -0.55 7.60
N LEU A 92 -3.42 -0.26 6.31
CA LEU A 92 -3.73 1.09 5.82
C LEU A 92 -5.13 1.53 6.27
N ARG A 93 -6.14 0.65 6.13
CA ARG A 93 -7.54 0.97 6.46
C ARG A 93 -7.74 1.13 7.96
N GLU A 94 -7.09 0.32 8.79
CA GLU A 94 -7.06 0.51 10.24
C GLU A 94 -6.44 1.86 10.61
N ARG A 95 -5.24 2.15 10.08
CA ARG A 95 -4.45 3.36 10.38
C ARG A 95 -5.21 4.64 10.01
N VAL A 96 -5.86 4.67 8.84
CA VAL A 96 -6.51 5.87 8.29
C VAL A 96 -8.00 6.01 8.61
N SER A 97 -8.73 4.89 8.74
CA SER A 97 -10.20 4.85 8.86
C SER A 97 -10.72 4.16 10.13
N GLY A 98 -9.88 3.49 10.92
CA GLY A 98 -10.29 2.83 12.18
C GLY A 98 -10.69 3.81 13.29
N SER A 99 -11.52 3.36 14.23
CA SER A 99 -11.95 4.11 15.42
C SER A 99 -11.09 3.79 16.65
N THR A 100 -10.82 4.80 17.47
CA THR A 100 -10.04 4.72 18.72
C THR A 100 -10.58 5.70 19.76
N ALA A 101 -10.75 5.24 21.02
CA ALA A 101 -11.31 6.03 22.12
C ALA A 101 -10.69 5.65 23.49
N GLN A 102 -10.87 6.52 24.49
CA GLN A 102 -10.41 6.34 25.87
C GLN A 102 -11.45 6.88 26.86
N SER A 103 -11.75 6.10 27.91
CA SER A 103 -12.84 6.39 28.86
C SER A 103 -12.48 7.41 29.96
N ALA A 104 -11.19 7.52 30.31
CA ALA A 104 -10.67 8.43 31.35
C ALA A 104 -9.28 8.99 30.98
N SER A 1 14.16 -22.29 0.37
CA SER A 1 15.38 -22.65 1.15
C SER A 1 15.10 -23.76 2.18
N VAL A 2 16.09 -24.64 2.43
CA VAL A 2 15.94 -25.81 3.33
C VAL A 2 16.13 -25.49 4.83
N SER A 3 16.65 -24.30 5.16
CA SER A 3 16.77 -23.80 6.54
C SER A 3 15.41 -23.47 7.17
N ILE A 4 15.36 -23.47 8.51
CA ILE A 4 14.10 -23.31 9.28
C ILE A 4 13.71 -21.86 9.62
N LEU A 5 14.62 -20.90 9.42
CA LEU A 5 14.42 -19.48 9.79
C LEU A 5 13.56 -18.74 8.74
N ARG A 6 12.68 -17.83 9.21
CA ARG A 6 11.76 -17.01 8.40
C ARG A 6 11.64 -15.58 8.96
N SER A 7 11.22 -14.63 8.13
CA SER A 7 10.99 -13.23 8.51
C SER A 7 9.80 -13.06 9.48
N SER A 8 9.86 -12.02 10.32
CA SER A 8 8.78 -11.65 11.25
C SER A 8 7.57 -11.01 10.55
N VAL A 9 6.39 -11.09 11.18
CA VAL A 9 5.08 -10.66 10.61
C VAL A 9 4.29 -9.72 11.54
N ASN A 10 4.96 -9.10 12.52
CA ASN A 10 4.35 -8.17 13.49
C ASN A 10 3.93 -6.84 12.82
N HIS A 11 2.93 -6.14 13.39
CA HIS A 11 2.35 -4.92 12.80
C HIS A 11 3.34 -3.78 12.58
N ARG A 12 4.45 -3.70 13.33
CA ARG A 12 5.53 -2.72 13.07
C ARG A 12 6.15 -2.86 11.68
N GLU A 13 6.25 -4.08 11.14
CA GLU A 13 6.76 -4.29 9.78
C GLU A 13 5.80 -3.71 8.72
N VAL A 14 4.50 -3.80 8.96
CA VAL A 14 3.46 -3.26 8.06
C VAL A 14 3.34 -1.74 8.22
N ASP A 15 3.46 -1.20 9.44
CA ASP A 15 3.56 0.24 9.67
C ASP A 15 4.80 0.86 8.98
N GLU A 16 5.94 0.19 9.06
CA GLU A 16 7.17 0.59 8.35
C GLU A 16 6.99 0.53 6.83
N ALA A 17 6.36 -0.53 6.30
CA ALA A 17 6.08 -0.63 4.86
C ALA A 17 5.14 0.50 4.39
N ILE A 18 4.08 0.79 5.15
CA ILE A 18 3.15 1.90 4.85
C ILE A 18 3.92 3.23 4.85
N ASP A 19 4.73 3.51 5.88
CA ASP A 19 5.56 4.73 5.93
C ASP A 19 6.55 4.82 4.75
N ASN A 20 7.16 3.70 4.34
CA ASN A 20 8.07 3.66 3.20
C ASN A 20 7.35 4.03 1.88
N ILE A 21 6.15 3.47 1.63
CA ILE A 21 5.33 3.88 0.47
C ILE A 21 4.90 5.34 0.62
N LEU A 22 4.50 5.77 1.81
CA LEU A 22 4.01 7.13 2.08
C LEU A 22 5.06 8.20 1.75
N ARG A 23 6.32 7.99 2.16
CA ARG A 23 7.44 8.90 1.80
C ARG A 23 7.92 8.75 0.35
N TYR A 24 7.88 7.53 -0.22
CA TYR A 24 8.21 7.31 -1.64
C TYR A 24 7.24 8.02 -2.60
N THR A 25 5.94 8.02 -2.29
CA THR A 25 4.89 8.71 -3.09
C THR A 25 4.65 10.16 -2.67
N ASN A 26 5.21 10.60 -1.53
CA ASN A 26 4.91 11.89 -0.88
C ASN A 26 3.40 12.12 -0.56
N SER A 27 2.59 11.04 -0.57
CA SER A 27 1.14 11.12 -0.40
C SER A 27 0.70 11.22 1.08
N THR A 28 -0.59 11.49 1.31
CA THR A 28 -1.23 11.35 2.63
C THR A 28 -1.75 9.92 2.79
N GLU A 29 -1.98 9.45 4.03
CA GLU A 29 -2.56 8.10 4.22
C GLU A 29 -4.00 8.01 3.68
N GLN A 30 -4.74 9.14 3.67
CA GLN A 30 -6.05 9.22 2.99
C GLN A 30 -5.91 9.06 1.45
N GLN A 31 -4.93 9.71 0.83
CA GLN A 31 -4.63 9.55 -0.60
C GLN A 31 -4.19 8.11 -0.92
N PHE A 32 -3.38 7.49 -0.06
CA PHE A 32 -2.96 6.09 -0.22
C PHE A 32 -4.14 5.10 -0.05
N LEU A 33 -5.01 5.31 0.96
CA LEU A 33 -6.21 4.49 1.16
C LEU A 33 -7.16 4.60 -0.05
N GLU A 34 -7.39 5.82 -0.55
CA GLU A 34 -8.19 6.08 -1.75
C GLU A 34 -7.58 5.46 -3.02
N ALA A 35 -6.26 5.52 -3.18
CA ALA A 35 -5.57 4.89 -4.30
C ALA A 35 -5.65 3.35 -4.26
N MET A 36 -5.57 2.75 -3.07
CA MET A 36 -5.78 1.30 -2.90
C MET A 36 -7.23 0.89 -3.19
N GLU A 37 -8.23 1.64 -2.73
CA GLU A 37 -9.64 1.39 -3.10
C GLU A 37 -9.88 1.58 -4.61
N SER A 38 -9.22 2.56 -5.24
CA SER A 38 -9.33 2.82 -6.69
C SER A 38 -8.66 1.75 -7.56
N THR A 39 -7.70 1.00 -7.00
CA THR A 39 -6.92 -0.03 -7.73
C THR A 39 -7.27 -1.48 -7.33
N GLY A 40 -8.23 -1.66 -6.42
CA GLY A 40 -8.69 -2.99 -5.98
C GLY A 40 -7.76 -3.67 -4.96
N GLY A 41 -6.96 -2.88 -4.23
CA GLY A 41 -6.05 -3.38 -3.20
C GLY A 41 -4.77 -3.99 -3.76
N ARG A 42 -4.00 -3.22 -4.53
CA ARG A 42 -2.70 -3.64 -5.11
C ARG A 42 -1.66 -2.52 -5.02
N VAL A 43 -0.67 -2.69 -4.13
CA VAL A 43 0.27 -1.59 -3.76
C VAL A 43 1.06 -1.04 -4.93
N ARG A 44 1.57 -1.87 -5.85
CA ARG A 44 2.35 -1.38 -7.02
C ARG A 44 1.52 -0.51 -7.97
N ILE A 45 0.25 -0.88 -8.18
CA ILE A 45 -0.69 -0.12 -9.01
C ILE A 45 -1.11 1.16 -8.29
N ALA A 46 -1.30 1.10 -6.96
CA ALA A 46 -1.67 2.27 -6.15
C ALA A 46 -0.56 3.33 -6.13
N ILE A 47 0.70 2.93 -5.93
CA ILE A 47 1.83 3.88 -5.99
C ILE A 47 2.07 4.37 -7.42
N ALA A 48 1.87 3.53 -8.44
CA ALA A 48 1.90 3.98 -9.84
C ALA A 48 0.85 5.08 -10.12
N LYS A 49 -0.41 4.90 -9.65
CA LYS A 49 -1.48 5.90 -9.82
C LYS A 49 -1.25 7.18 -9.01
N LEU A 50 -0.65 7.08 -7.82
CA LEU A 50 -0.23 8.25 -7.02
C LEU A 50 0.88 9.06 -7.73
N LEU A 51 1.82 8.38 -8.40
CA LEU A 51 2.91 9.04 -9.13
C LEU A 51 2.50 9.58 -10.50
N SER A 52 1.70 8.85 -11.29
CA SER A 52 1.37 9.22 -12.67
C SER A 52 0.50 10.48 -12.79
N LYS A 53 -0.30 10.80 -11.76
CA LYS A 53 -1.07 12.05 -11.66
C LYS A 53 -0.24 13.29 -11.30
N GLN A 54 1.02 13.10 -10.90
CA GLN A 54 1.99 14.17 -10.58
C GLN A 54 1.48 15.19 -9.54
N THR A 55 0.79 14.68 -8.49
CA THR A 55 0.27 15.47 -7.36
C THR A 55 0.22 14.61 -6.09
N SER A 56 0.61 15.17 -4.94
CA SER A 56 0.75 14.45 -3.67
C SER A 56 0.73 15.39 -2.45
N GLY A 57 0.32 14.85 -1.29
CA GLY A 57 0.37 15.56 -0.01
C GLY A 57 -0.74 16.62 0.16
N GLY A 58 -0.58 17.51 1.14
CA GLY A 58 -1.51 18.60 1.46
C GLY A 58 -1.07 19.45 2.66
N SER A 59 -1.74 20.57 2.88
CA SER A 59 -1.45 21.52 3.98
C SER A 59 -1.81 20.94 5.36
N GLY A 60 -0.97 21.21 6.37
CA GLY A 60 -1.13 20.68 7.74
C GLY A 60 -2.19 21.37 8.60
N GLY A 61 -2.74 22.51 8.16
CA GLY A 61 -3.68 23.35 8.92
C GLY A 61 -5.04 22.72 9.25
N SER A 62 -5.37 21.57 8.65
CA SER A 62 -6.57 20.78 8.97
C SER A 62 -6.46 19.99 10.29
N LYS A 63 -5.23 19.81 10.82
CA LYS A 63 -4.99 19.14 12.12
C LYS A 63 -5.11 20.12 13.30
N LEU A 64 -5.88 19.72 14.31
CA LEU A 64 -5.94 20.37 15.62
C LEU A 64 -6.13 19.41 16.82
N GLY A 65 -6.18 18.09 16.58
CA GLY A 65 -6.25 17.05 17.62
C GLY A 65 -7.66 16.83 18.18
N GLY A 66 -7.76 16.43 19.46
CA GLY A 66 -9.03 16.11 20.12
C GLY A 66 -9.50 14.68 19.84
N SER A 67 -10.82 14.50 19.62
CA SER A 67 -11.49 13.20 19.54
C SER A 67 -10.93 12.25 18.49
N GLY A 68 -10.76 10.97 18.85
CA GLY A 68 -10.28 9.87 18.00
C GLY A 68 -11.31 9.39 16.97
N GLY A 69 -11.19 8.13 16.54
CA GLY A 69 -12.14 7.49 15.61
C GLY A 69 -13.55 7.33 16.21
N SER A 70 -14.58 7.45 15.36
CA SER A 70 -16.00 7.45 15.77
C SER A 70 -16.58 6.06 16.08
N ARG A 71 -15.96 4.99 15.55
CA ARG A 71 -16.38 3.58 15.71
C ARG A 71 -15.20 2.65 16.01
N LYS A 72 -15.49 1.51 16.66
CA LYS A 72 -14.54 0.41 16.92
C LYS A 72 -14.36 -0.49 15.68
N ASP A 73 -13.30 -1.30 15.67
CA ASP A 73 -12.95 -2.23 14.61
C ASP A 73 -12.47 -3.61 15.15
N LEU A 74 -12.74 -4.69 14.42
CA LEU A 74 -12.33 -6.05 14.76
C LEU A 74 -11.96 -6.86 13.50
N SER A 75 -10.90 -7.67 13.58
CA SER A 75 -10.26 -8.35 12.45
C SER A 75 -11.04 -9.52 11.81
N VAL A 76 -12.21 -9.87 12.35
CA VAL A 76 -13.04 -11.01 11.87
C VAL A 76 -13.77 -10.75 10.55
N LYS A 77 -13.91 -9.48 10.14
CA LYS A 77 -14.54 -9.06 8.87
C LYS A 77 -13.50 -8.83 7.77
N GLY A 78 -13.83 -9.23 6.54
CA GLY A 78 -12.98 -9.06 5.35
C GLY A 78 -13.27 -10.07 4.23
N MET A 79 -12.72 -9.81 3.04
CA MET A 79 -12.81 -10.69 1.85
C MET A 79 -11.47 -10.73 1.09
N LEU A 80 -11.20 -11.87 0.41
CA LEU A 80 -9.98 -12.18 -0.34
C LEU A 80 -8.68 -12.17 0.50
N TYR A 81 -7.57 -12.60 -0.11
CA TYR A 81 -6.23 -12.66 0.50
C TYR A 81 -5.11 -12.37 -0.52
N ASP A 82 -3.96 -11.91 -0.03
CA ASP A 82 -2.74 -11.67 -0.80
C ASP A 82 -1.49 -11.72 0.10
N SER A 83 -0.31 -11.96 -0.48
CA SER A 83 0.96 -12.04 0.26
C SER A 83 1.35 -10.72 0.96
N ASP A 84 0.99 -9.56 0.38
CA ASP A 84 1.37 -8.23 0.92
C ASP A 84 0.25 -7.17 0.85
N SER A 85 -0.39 -6.97 -0.30
CA SER A 85 -1.28 -5.82 -0.51
C SER A 85 -2.52 -5.83 0.38
N GLN A 86 -3.08 -7.00 0.71
CA GLN A 86 -4.20 -7.11 1.66
C GLN A 86 -3.78 -6.82 3.10
N GLN A 87 -2.55 -7.18 3.50
CA GLN A 87 -2.02 -6.86 4.84
C GLN A 87 -1.75 -5.35 4.99
N ILE A 88 -1.10 -4.76 3.98
CA ILE A 88 -0.88 -3.30 3.92
C ILE A 88 -2.22 -2.57 3.89
N LEU A 89 -3.17 -2.99 3.06
CA LEU A 89 -4.52 -2.40 3.03
C LEU A 89 -5.23 -2.52 4.37
N ASN A 90 -5.21 -3.67 5.05
CA ASN A 90 -5.89 -3.80 6.34
C ASN A 90 -5.27 -2.88 7.40
N ARG A 91 -3.94 -2.79 7.50
CA ARG A 91 -3.30 -1.86 8.45
C ARG A 91 -3.48 -0.39 8.06
N LEU A 92 -3.50 -0.07 6.77
CA LEU A 92 -3.81 1.29 6.28
C LEU A 92 -5.27 1.65 6.56
N ARG A 93 -6.20 0.68 6.46
CA ARG A 93 -7.62 0.85 6.79
C ARG A 93 -7.80 1.10 8.28
N GLU A 94 -7.07 0.39 9.15
CA GLU A 94 -7.07 0.68 10.60
C GLU A 94 -6.59 2.11 10.88
N ARG A 95 -5.41 2.47 10.33
CA ARG A 95 -4.77 3.78 10.56
C ARG A 95 -5.61 4.95 10.05
N VAL A 96 -6.26 4.81 8.90
CA VAL A 96 -7.08 5.87 8.29
C VAL A 96 -8.50 5.90 8.87
N SER A 97 -9.19 4.76 8.98
CA SER A 97 -10.58 4.76 9.49
C SER A 97 -10.64 5.09 11.00
N GLY A 98 -9.59 4.74 11.76
CA GLY A 98 -9.41 5.09 13.18
C GLY A 98 -8.84 6.49 13.44
N SER A 99 -8.63 7.31 12.40
CA SER A 99 -8.10 8.68 12.52
C SER A 99 -9.06 9.63 13.25
N THR A 100 -8.55 10.76 13.76
CA THR A 100 -9.29 11.70 14.62
C THR A 100 -10.50 12.34 13.93
N ALA A 101 -11.65 12.34 14.62
CA ALA A 101 -12.87 13.04 14.22
C ALA A 101 -12.81 14.56 14.51
N GLN A 102 -11.96 14.98 15.46
CA GLN A 102 -11.68 16.38 15.82
C GLN A 102 -12.91 17.23 16.24
N SER A 103 -14.00 16.59 16.70
CA SER A 103 -15.26 17.24 17.09
C SER A 103 -15.96 16.52 18.26
N ALA A 104 -16.74 17.27 19.05
CA ALA A 104 -17.48 16.79 20.22
C ALA A 104 -18.86 17.49 20.35
N SER A 1 21.11 -0.84 30.26
CA SER A 1 20.95 -2.28 30.60
C SER A 1 20.00 -2.98 29.61
N VAL A 2 20.09 -4.32 29.51
CA VAL A 2 19.25 -5.15 28.62
C VAL A 2 17.79 -5.26 29.13
N SER A 3 16.83 -5.33 28.20
CA SER A 3 15.40 -5.49 28.48
C SER A 3 14.69 -6.36 27.43
N ILE A 4 13.53 -6.91 27.78
CA ILE A 4 12.74 -7.84 26.95
C ILE A 4 11.85 -7.12 25.92
N LEU A 5 11.48 -7.84 24.85
CA LEU A 5 10.47 -7.40 23.88
C LEU A 5 9.07 -7.39 24.53
N ARG A 6 8.31 -6.31 24.34
CA ARG A 6 6.92 -6.13 24.80
C ARG A 6 5.99 -5.74 23.64
N SER A 7 4.74 -6.19 23.72
CA SER A 7 3.69 -6.08 22.67
C SER A 7 4.05 -6.76 21.33
N SER A 8 3.08 -6.83 20.40
CA SER A 8 3.25 -7.39 19.05
C SER A 8 4.35 -6.69 18.25
N VAL A 9 5.02 -7.39 17.33
CA VAL A 9 6.20 -6.87 16.61
C VAL A 9 6.07 -6.85 15.08
N ASN A 10 5.42 -7.85 14.45
CA ASN A 10 5.40 -7.94 12.98
C ASN A 10 4.46 -6.92 12.31
N HIS A 11 3.48 -6.37 13.04
CA HIS A 11 2.63 -5.29 12.52
C HIS A 11 3.40 -3.97 12.34
N ARG A 12 4.46 -3.75 13.14
CA ARG A 12 5.35 -2.58 13.02
C ARG A 12 6.09 -2.55 11.68
N GLU A 13 6.42 -3.72 11.13
CA GLU A 13 7.05 -3.83 9.81
C GLU A 13 6.12 -3.37 8.69
N VAL A 14 4.82 -3.71 8.78
CA VAL A 14 3.79 -3.26 7.82
C VAL A 14 3.48 -1.77 7.99
N ASP A 15 3.43 -1.27 9.22
CA ASP A 15 3.28 0.16 9.51
C ASP A 15 4.46 0.99 8.96
N GLU A 16 5.69 0.52 9.15
CA GLU A 16 6.90 1.11 8.56
C GLU A 16 6.88 1.05 7.02
N ALA A 17 6.45 -0.06 6.42
CA ALA A 17 6.35 -0.17 4.96
C ALA A 17 5.31 0.83 4.38
N ILE A 18 4.16 0.98 5.06
CA ILE A 18 3.16 2.01 4.74
C ILE A 18 3.76 3.42 4.84
N ASP A 19 4.49 3.73 5.92
CA ASP A 19 5.12 5.05 6.09
C ASP A 19 6.24 5.30 5.05
N ASN A 20 6.99 4.26 4.67
CA ASN A 20 7.99 4.33 3.61
C ASN A 20 7.35 4.60 2.23
N ILE A 21 6.21 3.98 1.92
CA ILE A 21 5.44 4.28 0.69
C ILE A 21 4.90 5.72 0.72
N LEU A 22 4.32 6.13 1.86
CA LEU A 22 3.80 7.48 2.08
C LEU A 22 4.89 8.55 1.83
N ARG A 23 6.11 8.32 2.35
CA ARG A 23 7.27 9.20 2.15
C ARG A 23 7.80 9.15 0.71
N TYR A 24 7.95 7.95 0.13
CA TYR A 24 8.43 7.76 -1.24
C TYR A 24 7.54 8.45 -2.29
N THR A 25 6.21 8.36 -2.11
CA THR A 25 5.24 9.02 -3.01
C THR A 25 4.93 10.47 -2.63
N ASN A 26 5.51 11.00 -1.55
CA ASN A 26 5.30 12.37 -1.04
C ASN A 26 3.80 12.72 -0.88
N SER A 27 2.99 11.72 -0.52
CA SER A 27 1.52 11.78 -0.53
C SER A 27 0.90 11.98 0.85
N THR A 28 -0.43 12.16 0.89
CA THR A 28 -1.22 12.12 2.14
C THR A 28 -1.73 10.70 2.39
N GLU A 29 -2.00 10.35 3.65
CA GLU A 29 -2.53 9.03 3.99
C GLU A 29 -3.93 8.79 3.39
N GLN A 30 -4.74 9.84 3.26
CA GLN A 30 -6.06 9.76 2.59
C GLN A 30 -5.90 9.48 1.08
N GLN A 31 -4.92 10.11 0.40
CA GLN A 31 -4.65 9.83 -1.01
C GLN A 31 -4.09 8.41 -1.22
N PHE A 32 -3.22 7.91 -0.35
CA PHE A 32 -2.74 6.53 -0.42
C PHE A 32 -3.86 5.51 -0.15
N LEU A 33 -4.71 5.74 0.85
CA LEU A 33 -5.90 4.91 1.12
C LEU A 33 -6.85 4.89 -0.08
N GLU A 34 -7.13 6.04 -0.69
CA GLU A 34 -8.00 6.13 -1.87
C GLU A 34 -7.41 5.42 -3.11
N ALA A 35 -6.11 5.56 -3.34
CA ALA A 35 -5.41 4.83 -4.41
C ALA A 35 -5.46 3.31 -4.19
N MET A 36 -5.28 2.85 -2.96
CA MET A 36 -5.41 1.42 -2.58
C MET A 36 -6.87 0.92 -2.68
N GLU A 37 -7.85 1.73 -2.32
CA GLU A 37 -9.27 1.40 -2.46
C GLU A 37 -9.68 1.24 -3.94
N SER A 38 -9.20 2.15 -4.80
CA SER A 38 -9.50 2.12 -6.24
C SER A 38 -8.86 0.95 -7.01
N THR A 39 -7.77 0.41 -6.47
CA THR A 39 -6.99 -0.70 -7.06
C THR A 39 -7.25 -2.06 -6.39
N GLY A 40 -8.07 -2.11 -5.33
CA GLY A 40 -8.35 -3.35 -4.59
C GLY A 40 -7.15 -3.85 -3.75
N GLY A 41 -6.28 -2.93 -3.33
CA GLY A 41 -5.10 -3.24 -2.51
C GLY A 41 -3.86 -3.70 -3.29
N ARG A 42 -3.81 -3.51 -4.62
CA ARG A 42 -2.62 -3.83 -5.43
C ARG A 42 -1.57 -2.72 -5.25
N VAL A 43 -0.65 -2.91 -4.30
CA VAL A 43 0.31 -1.86 -3.86
C VAL A 43 1.09 -1.27 -5.03
N ARG A 44 1.55 -2.08 -6.00
CA ARG A 44 2.29 -1.57 -7.19
C ARG A 44 1.45 -0.64 -8.07
N ILE A 45 0.17 -0.98 -8.28
CA ILE A 45 -0.77 -0.16 -9.09
C ILE A 45 -1.17 1.08 -8.29
N ALA A 46 -1.35 0.94 -6.97
CA ALA A 46 -1.70 2.05 -6.09
C ALA A 46 -0.58 3.11 -6.03
N ILE A 47 0.68 2.70 -5.84
CA ILE A 47 1.81 3.65 -5.85
C ILE A 47 2.06 4.22 -7.25
N ALA A 48 1.86 3.42 -8.31
CA ALA A 48 1.90 3.93 -9.69
C ALA A 48 0.86 5.03 -9.94
N LYS A 49 -0.40 4.85 -9.51
CA LYS A 49 -1.47 5.86 -9.60
C LYS A 49 -1.18 7.08 -8.72
N LEU A 50 -0.70 6.85 -7.49
CA LEU A 50 -0.37 7.89 -6.53
C LEU A 50 0.79 8.78 -7.02
N LEU A 51 1.70 8.25 -7.84
CA LEU A 51 2.72 9.03 -8.56
C LEU A 51 2.19 9.68 -9.84
N SER A 52 1.39 8.98 -10.65
CA SER A 52 0.93 9.51 -11.96
C SER A 52 -0.10 10.64 -11.86
N LYS A 53 -0.85 10.71 -10.75
CA LYS A 53 -1.71 11.85 -10.40
C LYS A 53 -0.94 13.11 -9.96
N GLN A 54 0.34 12.96 -9.63
CA GLN A 54 1.24 14.05 -9.25
C GLN A 54 2.18 14.47 -10.41
N THR A 55 2.96 15.54 -10.21
CA THR A 55 3.97 16.02 -11.17
C THR A 55 5.10 15.00 -11.45
N SER A 56 5.25 13.99 -10.58
CA SER A 56 6.15 12.84 -10.76
C SER A 56 5.75 11.88 -11.90
N GLY A 57 4.53 12.02 -12.45
CA GLY A 57 4.02 11.19 -13.56
C GLY A 57 4.78 11.34 -14.89
N GLY A 58 4.64 10.33 -15.75
CA GLY A 58 5.24 10.28 -17.09
C GLY A 58 4.52 11.13 -18.15
N SER A 59 4.94 10.95 -19.42
CA SER A 59 4.49 11.77 -20.56
C SER A 59 3.07 11.45 -21.07
N GLY A 60 2.43 10.39 -20.57
CA GLY A 60 1.05 10.02 -20.92
C GLY A 60 0.87 9.42 -22.32
N GLY A 61 1.93 8.78 -22.86
CA GLY A 61 1.96 8.21 -24.22
C GLY A 61 1.18 6.90 -24.42
N SER A 62 0.72 6.26 -23.34
CA SER A 62 -0.10 5.02 -23.34
C SER A 62 0.53 3.86 -24.15
N LYS A 63 1.85 3.68 -24.05
CA LYS A 63 2.68 2.78 -24.89
C LYS A 63 2.20 1.31 -24.87
N LEU A 64 1.64 0.87 -23.75
CA LEU A 64 1.22 -0.51 -23.50
C LEU A 64 -0.32 -0.68 -23.41
N GLY A 65 -1.08 0.37 -23.74
CA GLY A 65 -2.56 0.36 -23.73
C GLY A 65 -3.22 -0.20 -25.01
N GLY A 66 -2.42 -0.47 -26.05
CA GLY A 66 -2.89 -1.00 -27.34
C GLY A 66 -3.18 -2.51 -27.35
N SER A 67 -3.49 -3.04 -28.54
CA SER A 67 -3.80 -4.47 -28.76
C SER A 67 -2.69 -5.40 -28.27
N GLY A 68 -3.06 -6.48 -27.57
CA GLY A 68 -2.14 -7.43 -26.93
C GLY A 68 -1.52 -6.96 -25.60
N GLY A 69 -1.86 -5.75 -25.12
CA GLY A 69 -1.41 -5.23 -23.82
C GLY A 69 -1.96 -5.99 -22.62
N SER A 70 -3.19 -6.53 -22.73
CA SER A 70 -3.78 -7.46 -21.76
C SER A 70 -3.21 -8.88 -21.96
N ARG A 71 -2.64 -9.47 -20.90
CA ARG A 71 -1.87 -10.73 -20.96
C ARG A 71 -2.63 -11.98 -20.47
N LYS A 72 -3.91 -11.82 -20.12
CA LYS A 72 -4.81 -12.89 -19.65
C LYS A 72 -6.24 -12.73 -20.21
N ASP A 73 -6.98 -13.84 -20.23
CA ASP A 73 -8.41 -13.91 -20.59
C ASP A 73 -9.13 -15.00 -19.78
N LEU A 74 -10.38 -14.75 -19.37
CA LEU A 74 -11.16 -15.56 -18.42
C LEU A 74 -10.43 -15.78 -17.06
N SER A 75 -10.95 -16.68 -16.22
CA SER A 75 -10.40 -16.98 -14.88
C SER A 75 -9.00 -17.59 -14.94
N VAL A 76 -8.16 -17.25 -13.96
CA VAL A 76 -6.77 -17.73 -13.80
C VAL A 76 -6.47 -18.14 -12.34
N LYS A 77 -5.38 -18.90 -12.14
CA LYS A 77 -4.93 -19.37 -10.80
C LYS A 77 -4.42 -18.21 -9.93
N GLY A 78 -4.57 -18.36 -8.61
CA GLY A 78 -4.11 -17.39 -7.61
C GLY A 78 -2.58 -17.36 -7.40
N MET A 79 -2.11 -16.32 -6.72
CA MET A 79 -0.69 -16.10 -6.36
C MET A 79 -0.55 -15.66 -4.89
N LEU A 80 0.63 -15.89 -4.30
CA LEU A 80 0.96 -15.60 -2.89
C LEU A 80 2.16 -14.65 -2.78
N TYR A 81 2.08 -13.68 -1.85
CA TYR A 81 3.10 -12.65 -1.60
C TYR A 81 3.32 -12.42 -0.10
N ASP A 82 4.52 -11.97 0.28
CA ASP A 82 4.79 -11.50 1.65
C ASP A 82 4.13 -10.15 1.92
N SER A 83 4.15 -9.24 0.94
CA SER A 83 3.46 -7.95 0.90
C SER A 83 2.01 -8.08 0.39
N ASP A 84 1.27 -9.03 0.96
CA ASP A 84 -0.09 -9.42 0.54
C ASP A 84 -1.07 -8.23 0.43
N SER A 85 -1.77 -8.14 -0.71
CA SER A 85 -2.65 -7.02 -1.06
C SER A 85 -3.74 -6.76 -0.01
N GLN A 86 -4.45 -7.80 0.42
CA GLN A 86 -5.52 -7.67 1.41
C GLN A 86 -4.99 -7.38 2.82
N GLN A 87 -3.87 -7.98 3.23
CA GLN A 87 -3.25 -7.73 4.54
C GLN A 87 -2.76 -6.28 4.67
N ILE A 88 -2.05 -5.76 3.65
CA ILE A 88 -1.57 -4.37 3.64
C ILE A 88 -2.74 -3.39 3.51
N LEU A 89 -3.74 -3.69 2.66
CA LEU A 89 -4.98 -2.89 2.58
C LEU A 89 -5.71 -2.82 3.94
N ASN A 90 -5.85 -3.95 4.65
CA ASN A 90 -6.46 -3.99 5.98
C ASN A 90 -5.67 -3.15 6.98
N ARG A 91 -4.34 -3.28 7.03
CA ARG A 91 -3.49 -2.48 7.94
C ARG A 91 -3.53 -0.98 7.61
N LEU A 92 -3.62 -0.62 6.33
CA LEU A 92 -3.80 0.77 5.90
C LEU A 92 -5.18 1.30 6.28
N ARG A 93 -6.26 0.50 6.14
CA ARG A 93 -7.61 0.91 6.56
C ARG A 93 -7.68 1.16 8.06
N GLU A 94 -7.01 0.34 8.87
CA GLU A 94 -6.86 0.59 10.32
C GLU A 94 -6.09 1.90 10.57
N ARG A 95 -4.90 2.06 9.97
CA ARG A 95 -4.02 3.24 10.19
C ARG A 95 -4.69 4.58 9.80
N VAL A 96 -5.43 4.59 8.69
CA VAL A 96 -6.01 5.82 8.11
C VAL A 96 -7.46 6.07 8.56
N SER A 97 -8.26 5.01 8.77
CA SER A 97 -9.70 5.10 9.00
C SER A 97 -10.21 4.41 10.29
N GLY A 98 -9.34 3.71 11.03
CA GLY A 98 -9.68 3.11 12.34
C GLY A 98 -9.74 4.13 13.48
N SER A 99 -10.22 3.69 14.64
CA SER A 99 -10.32 4.48 15.89
C SER A 99 -10.22 3.60 17.14
N THR A 100 -9.81 4.21 18.25
CA THR A 100 -9.58 3.57 19.56
C THR A 100 -10.55 4.03 20.66
N ALA A 101 -11.45 4.97 20.35
CA ALA A 101 -12.46 5.51 21.27
C ALA A 101 -13.77 4.68 21.30
N GLN A 102 -14.59 4.91 22.33
CA GLN A 102 -15.88 4.25 22.57
C GLN A 102 -17.03 5.28 22.67
N SER A 103 -18.25 4.84 22.36
CA SER A 103 -19.48 5.66 22.37
C SER A 103 -20.72 4.86 22.80
N ALA A 104 -21.78 5.55 23.23
CA ALA A 104 -23.06 4.98 23.67
C ALA A 104 -23.97 4.56 22.49
N SER A 1 8.12 -27.55 29.84
CA SER A 1 7.80 -26.63 30.97
C SER A 1 6.52 -25.83 30.73
N VAL A 2 6.55 -24.79 29.87
CA VAL A 2 5.41 -23.93 29.51
C VAL A 2 5.28 -23.72 27.99
N SER A 3 4.09 -23.37 27.51
CA SER A 3 3.80 -23.13 26.08
C SER A 3 4.45 -21.84 25.58
N ILE A 4 5.06 -21.90 24.39
CA ILE A 4 5.85 -20.83 23.76
C ILE A 4 5.43 -20.47 22.32
N LEU A 5 4.35 -21.06 21.81
CA LEU A 5 3.76 -20.77 20.48
C LEU A 5 2.77 -19.59 20.57
N ARG A 6 3.25 -18.45 21.09
CA ARG A 6 2.46 -17.27 21.46
C ARG A 6 2.31 -16.25 20.32
N SER A 7 1.28 -15.40 20.43
CA SER A 7 0.97 -14.26 19.55
C SER A 7 1.03 -14.56 18.03
N SER A 8 1.39 -13.57 17.21
CA SER A 8 1.42 -13.64 15.74
C SER A 8 2.49 -12.69 15.14
N VAL A 9 2.59 -12.64 13.81
CA VAL A 9 3.52 -11.75 13.06
C VAL A 9 3.28 -10.28 13.43
N ASN A 10 4.36 -9.54 13.71
CA ASN A 10 4.29 -8.15 14.18
C ASN A 10 3.87 -7.17 13.07
N HIS A 11 2.83 -6.36 13.32
CA HIS A 11 2.29 -5.36 12.38
C HIS A 11 3.23 -4.16 12.16
N ARG A 12 4.23 -3.94 13.00
CA ARG A 12 5.18 -2.80 12.89
C ARG A 12 5.94 -2.79 11.57
N GLU A 13 6.26 -3.95 11.01
CA GLU A 13 6.91 -4.04 9.68
C GLU A 13 5.96 -3.62 8.54
N VAL A 14 4.66 -3.94 8.65
CA VAL A 14 3.62 -3.51 7.70
C VAL A 14 3.37 -2.00 7.82
N ASP A 15 3.34 -1.48 9.04
CA ASP A 15 3.20 -0.04 9.30
C ASP A 15 4.43 0.77 8.81
N GLU A 16 5.64 0.25 8.99
CA GLU A 16 6.87 0.81 8.44
C GLU A 16 6.86 0.79 6.91
N ALA A 17 6.39 -0.29 6.28
CA ALA A 17 6.27 -0.37 4.82
C ALA A 17 5.24 0.65 4.27
N ILE A 18 4.11 0.83 4.97
CA ILE A 18 3.13 1.88 4.67
C ILE A 18 3.77 3.27 4.77
N ASP A 19 4.50 3.56 5.84
CA ASP A 19 5.15 4.87 6.00
C ASP A 19 6.26 5.09 4.97
N ASN A 20 7.04 4.05 4.64
CA ASN A 20 8.04 4.11 3.57
C ASN A 20 7.40 4.45 2.21
N ILE A 21 6.25 3.83 1.86
CA ILE A 21 5.48 4.19 0.65
C ILE A 21 4.96 5.63 0.73
N LEU A 22 4.41 6.04 1.87
CA LEU A 22 3.87 7.38 2.10
C LEU A 22 4.94 8.47 1.86
N ARG A 23 6.15 8.31 2.41
CA ARG A 23 7.25 9.28 2.21
C ARG A 23 7.87 9.17 0.81
N TYR A 24 8.01 7.96 0.26
CA TYR A 24 8.56 7.75 -1.10
C TYR A 24 7.68 8.37 -2.20
N THR A 25 6.35 8.23 -2.07
CA THR A 25 5.38 8.84 -3.01
C THR A 25 5.04 10.31 -2.67
N ASN A 26 5.55 10.82 -1.54
CA ASN A 26 5.32 12.19 -1.04
C ASN A 26 3.81 12.55 -0.99
N SER A 27 3.03 11.62 -0.45
CA SER A 27 1.56 11.64 -0.47
C SER A 27 0.92 11.83 0.91
N THR A 28 -0.41 12.01 0.95
CA THR A 28 -1.21 11.98 2.18
C THR A 28 -1.73 10.56 2.44
N GLU A 29 -1.99 10.23 3.70
CA GLU A 29 -2.45 8.88 4.08
C GLU A 29 -3.84 8.58 3.51
N GLN A 30 -4.72 9.60 3.46
CA GLN A 30 -6.03 9.50 2.82
C GLN A 30 -5.94 9.33 1.30
N GLN A 31 -4.97 9.97 0.63
CA GLN A 31 -4.77 9.79 -0.83
C GLN A 31 -4.20 8.40 -1.17
N PHE A 32 -3.34 7.83 -0.32
CA PHE A 32 -2.89 6.44 -0.45
C PHE A 32 -4.03 5.44 -0.21
N LEU A 33 -4.87 5.65 0.81
CA LEU A 33 -6.06 4.83 1.05
C LEU A 33 -7.04 4.89 -0.14
N GLU A 34 -7.27 6.09 -0.68
CA GLU A 34 -8.08 6.28 -1.90
C GLU A 34 -7.49 5.58 -3.12
N ALA A 35 -6.16 5.62 -3.30
CA ALA A 35 -5.47 4.91 -4.37
C ALA A 35 -5.61 3.38 -4.24
N MET A 36 -5.59 2.85 -3.01
CA MET A 36 -5.87 1.42 -2.76
C MET A 36 -7.33 1.04 -3.03
N GLU A 37 -8.31 1.88 -2.64
CA GLU A 37 -9.74 1.64 -2.99
C GLU A 37 -10.00 1.74 -4.50
N SER A 38 -9.31 2.67 -5.19
CA SER A 38 -9.40 2.85 -6.65
C SER A 38 -8.85 1.65 -7.45
N THR A 39 -7.90 0.91 -6.87
CA THR A 39 -7.16 -0.18 -7.54
C THR A 39 -7.48 -1.59 -7.02
N GLY A 40 -8.42 -1.72 -6.08
CA GLY A 40 -8.83 -3.02 -5.51
C GLY A 40 -7.81 -3.61 -4.53
N GLY A 41 -6.99 -2.76 -3.91
CA GLY A 41 -6.02 -3.15 -2.88
C GLY A 41 -4.68 -3.68 -3.38
N ARG A 42 -4.37 -3.60 -4.69
CA ARG A 42 -3.04 -3.97 -5.21
C ARG A 42 -2.05 -2.84 -4.97
N VAL A 43 -1.08 -3.05 -4.07
CA VAL A 43 -0.11 -1.99 -3.69
C VAL A 43 0.69 -1.48 -4.89
N ARG A 44 1.08 -2.34 -5.84
CA ARG A 44 1.83 -1.93 -7.05
C ARG A 44 1.05 -0.94 -7.93
N ILE A 45 -0.24 -1.20 -8.15
CA ILE A 45 -1.09 -0.33 -8.98
C ILE A 45 -1.49 0.93 -8.18
N ALA A 46 -1.68 0.80 -6.88
CA ALA A 46 -1.96 1.94 -5.99
C ALA A 46 -0.78 2.92 -5.99
N ILE A 47 0.46 2.47 -5.77
CA ILE A 47 1.64 3.35 -5.82
C ILE A 47 1.90 3.89 -7.23
N ALA A 48 1.61 3.11 -8.29
CA ALA A 48 1.65 3.61 -9.67
C ALA A 48 0.69 4.80 -9.89
N LYS A 49 -0.58 4.72 -9.45
CA LYS A 49 -1.52 5.85 -9.54
C LYS A 49 -1.16 7.00 -8.60
N LEU A 50 -0.69 6.69 -7.39
CA LEU A 50 -0.28 7.68 -6.37
C LEU A 50 0.92 8.53 -6.85
N LEU A 51 1.84 7.94 -7.62
CA LEU A 51 2.93 8.64 -8.30
C LEU A 51 2.47 9.39 -9.57
N SER A 52 1.62 8.76 -10.40
CA SER A 52 1.24 9.31 -11.72
C SER A 52 0.22 10.46 -11.63
N LYS A 53 -0.67 10.44 -10.63
CA LYS A 53 -1.81 11.35 -10.33
C LYS A 53 -2.86 11.48 -11.43
N GLN A 54 -2.47 11.93 -12.62
CA GLN A 54 -3.36 12.17 -13.76
C GLN A 54 -3.61 10.89 -14.58
N THR A 55 -4.71 10.85 -15.33
CA THR A 55 -5.10 9.73 -16.21
C THR A 55 -4.45 9.77 -17.59
N SER A 56 -3.92 10.93 -18.01
CA SER A 56 -3.24 11.14 -19.30
C SER A 56 -1.88 10.44 -19.41
N GLY A 57 -1.45 10.14 -20.64
CA GLY A 57 -0.15 9.53 -20.94
C GLY A 57 -0.04 8.04 -20.56
N GLY A 58 1.19 7.59 -20.30
CA GLY A 58 1.52 6.18 -20.01
C GLY A 58 1.62 5.30 -21.27
N SER A 59 2.01 4.03 -21.08
CA SER A 59 2.23 3.06 -22.16
C SER A 59 0.91 2.60 -22.83
N GLY A 60 0.96 2.36 -24.14
CA GLY A 60 -0.17 1.89 -24.95
C GLY A 60 0.09 1.89 -26.46
N GLY A 61 -0.90 1.47 -27.24
CA GLY A 61 -0.91 1.49 -28.73
C GLY A 61 -0.05 0.41 -29.41
N SER A 62 1.17 0.16 -28.92
CA SER A 62 2.15 -0.78 -29.48
C SER A 62 2.39 -2.00 -28.59
N LYS A 63 2.68 -3.16 -29.21
CA LYS A 63 2.93 -4.47 -28.57
C LYS A 63 1.89 -4.81 -27.49
N LEU A 64 0.62 -4.88 -27.92
CA LEU A 64 -0.52 -5.27 -27.07
C LEU A 64 -0.78 -6.78 -27.21
N GLY A 65 -0.83 -7.49 -26.07
CA GLY A 65 -0.95 -8.96 -26.02
C GLY A 65 0.27 -9.68 -26.59
N GLY A 66 0.07 -10.90 -27.11
CA GLY A 66 1.09 -11.68 -27.83
C GLY A 66 2.15 -12.36 -26.97
N SER A 67 1.98 -12.38 -25.64
CA SER A 67 2.91 -12.98 -24.66
C SER A 67 2.16 -13.72 -23.54
N GLY A 68 2.80 -14.76 -22.97
CA GLY A 68 2.23 -15.60 -21.91
C GLY A 68 1.23 -16.66 -22.41
N GLY A 69 0.76 -17.52 -21.49
CA GLY A 69 -0.14 -18.64 -21.78
C GLY A 69 -1.64 -18.28 -21.83
N SER A 70 -2.03 -17.07 -21.42
CA SER A 70 -3.41 -16.57 -21.40
C SER A 70 -4.42 -17.46 -20.61
N ARG A 71 -3.94 -18.14 -19.56
CA ARG A 71 -4.74 -19.03 -18.70
C ARG A 71 -5.61 -18.25 -17.69
N LYS A 72 -6.67 -18.89 -17.20
CA LYS A 72 -7.53 -18.42 -16.07
C LYS A 72 -7.10 -18.99 -14.71
N ASP A 73 -5.92 -19.61 -14.65
CA ASP A 73 -5.33 -20.30 -13.50
C ASP A 73 -3.80 -20.16 -13.49
N LEU A 74 -3.20 -20.01 -12.30
CA LEU A 74 -1.75 -19.86 -12.09
C LEU A 74 -1.30 -20.36 -10.71
N SER A 75 0.00 -20.59 -10.55
CA SER A 75 0.66 -21.01 -9.29
C SER A 75 2.02 -20.33 -9.09
N VAL A 76 2.52 -20.34 -7.85
CA VAL A 76 3.80 -19.72 -7.44
C VAL A 76 4.63 -20.64 -6.52
N LYS A 77 5.94 -20.40 -6.47
CA LYS A 77 6.92 -21.21 -5.69
C LYS A 77 6.96 -20.84 -4.19
N GLY A 78 6.42 -19.68 -3.82
CA GLY A 78 6.33 -19.18 -2.44
C GLY A 78 5.36 -17.99 -2.33
N MET A 79 5.06 -17.57 -1.09
CA MET A 79 4.07 -16.52 -0.78
C MET A 79 2.68 -16.78 -1.39
N LEU A 80 2.25 -18.06 -1.39
CA LEU A 80 1.00 -18.52 -2.01
C LEU A 80 -0.27 -18.02 -1.28
N TYR A 81 -0.17 -17.72 0.02
CA TYR A 81 -1.28 -17.29 0.89
C TYR A 81 -0.93 -16.01 1.69
N ASP A 82 -1.97 -15.27 2.09
CA ASP A 82 -1.88 -14.01 2.85
C ASP A 82 -0.86 -12.99 2.27
N SER A 83 -1.05 -12.63 1.00
CA SER A 83 -0.18 -11.73 0.23
C SER A 83 0.01 -10.35 0.89
N ASP A 84 1.17 -9.73 0.68
CA ASP A 84 1.52 -8.44 1.30
C ASP A 84 0.53 -7.31 0.96
N SER A 85 -0.09 -7.34 -0.23
CA SER A 85 -1.10 -6.33 -0.61
C SER A 85 -2.31 -6.30 0.33
N GLN A 86 -2.85 -7.46 0.75
CA GLN A 86 -3.97 -7.48 1.72
C GLN A 86 -3.51 -7.12 3.15
N GLN A 87 -2.28 -7.45 3.54
CA GLN A 87 -1.70 -7.00 4.82
C GLN A 87 -1.56 -5.46 4.88
N ILE A 88 -1.00 -4.86 3.81
CA ILE A 88 -0.88 -3.40 3.66
C ILE A 88 -2.27 -2.76 3.63
N LEU A 89 -3.24 -3.32 2.91
CA LEU A 89 -4.63 -2.82 2.92
C LEU A 89 -5.24 -2.85 4.32
N ASN A 90 -5.13 -3.96 5.05
CA ASN A 90 -5.63 -4.07 6.42
C ASN A 90 -5.03 -2.99 7.34
N ARG A 91 -3.69 -2.87 7.40
CA ARG A 91 -3.06 -1.87 8.28
C ARG A 91 -3.32 -0.44 7.80
N LEU A 92 -3.38 -0.17 6.49
CA LEU A 92 -3.67 1.18 5.99
C LEU A 92 -5.13 1.57 6.28
N ARG A 93 -6.09 0.66 6.11
CA ARG A 93 -7.51 0.93 6.35
C ARG A 93 -7.80 1.11 7.83
N GLU A 94 -7.13 0.36 8.70
CA GLU A 94 -7.20 0.59 10.16
C GLU A 94 -6.53 1.93 10.55
N ARG A 95 -5.31 2.20 10.05
CA ARG A 95 -4.54 3.43 10.34
C ARG A 95 -5.25 4.71 9.88
N VAL A 96 -5.93 4.67 8.73
CA VAL A 96 -6.59 5.84 8.13
C VAL A 96 -8.08 5.96 8.52
N SER A 97 -8.80 4.84 8.62
CA SER A 97 -10.27 4.82 8.76
C SER A 97 -10.81 4.08 10.00
N GLY A 98 -9.93 3.48 10.82
CA GLY A 98 -10.33 2.69 11.99
C GLY A 98 -10.79 1.25 11.67
N SER A 99 -10.95 0.42 12.69
CA SER A 99 -11.32 -1.01 12.54
C SER A 99 -12.74 -1.22 12.00
N THR A 100 -13.68 -0.31 12.32
CA THR A 100 -15.09 -0.36 11.91
C THR A 100 -15.30 -0.17 10.40
N ALA A 101 -14.32 0.39 9.69
CA ALA A 101 -14.32 0.52 8.23
C ALA A 101 -14.17 -0.84 7.48
N GLN A 102 -13.91 -1.93 8.20
CA GLN A 102 -13.77 -3.30 7.65
C GLN A 102 -15.04 -4.16 7.86
N SER A 103 -16.04 -3.67 8.60
CA SER A 103 -17.30 -4.38 8.90
C SER A 103 -18.24 -4.48 7.69
N ALA A 104 -19.04 -5.55 7.62
CA ALA A 104 -20.05 -5.82 6.59
C ALA A 104 -21.33 -6.46 7.16
N SER A 1 26.15 -13.55 11.10
CA SER A 1 24.89 -12.90 10.66
C SER A 1 24.18 -13.67 9.55
N VAL A 2 22.86 -13.51 9.42
CA VAL A 2 22.01 -14.15 8.38
C VAL A 2 20.87 -13.21 7.94
N SER A 3 20.41 -13.34 6.69
CA SER A 3 19.27 -12.59 6.15
C SER A 3 17.94 -13.00 6.81
N ILE A 4 16.95 -12.09 6.80
CA ILE A 4 15.63 -12.30 7.41
C ILE A 4 14.79 -13.35 6.65
N LEU A 5 14.00 -14.14 7.39
CA LEU A 5 13.23 -15.28 6.86
C LEU A 5 11.72 -14.99 6.69
N ARG A 6 11.24 -13.82 7.12
CA ARG A 6 9.83 -13.38 7.07
C ARG A 6 9.70 -11.95 6.52
N SER A 7 8.51 -11.65 5.98
CA SER A 7 8.09 -10.32 5.50
C SER A 7 6.66 -10.01 5.97
N SER A 8 6.34 -8.73 6.19
CA SER A 8 5.06 -8.27 6.78
C SER A 8 4.70 -9.01 8.09
N VAL A 9 5.71 -9.30 8.92
CA VAL A 9 5.58 -10.22 10.08
C VAL A 9 4.73 -9.69 11.23
N ASN A 10 4.68 -8.36 11.43
CA ASN A 10 3.89 -7.70 12.48
C ASN A 10 3.43 -6.30 12.04
N HIS A 11 2.60 -5.65 12.87
CA HIS A 11 2.05 -4.31 12.58
C HIS A 11 3.14 -3.23 12.50
N ARG A 12 4.23 -3.32 13.26
CA ARG A 12 5.34 -2.34 13.23
C ARG A 12 6.09 -2.38 11.90
N GLU A 13 6.34 -3.57 11.37
CA GLU A 13 7.00 -3.75 10.07
C GLU A 13 6.11 -3.27 8.91
N VAL A 14 4.80 -3.54 8.97
CA VAL A 14 3.86 -3.04 7.95
C VAL A 14 3.60 -1.52 8.09
N ASP A 15 3.62 -0.96 9.30
CA ASP A 15 3.57 0.50 9.52
C ASP A 15 4.82 1.20 8.96
N GLU A 16 6.02 0.63 9.15
CA GLU A 16 7.24 1.11 8.50
C GLU A 16 7.15 1.02 6.97
N ALA A 17 6.63 -0.08 6.42
CA ALA A 17 6.42 -0.22 4.98
C ALA A 17 5.43 0.82 4.43
N ILE A 18 4.32 1.07 5.14
CA ILE A 18 3.34 2.11 4.80
C ILE A 18 3.98 3.50 4.86
N ASP A 19 4.76 3.83 5.88
CA ASP A 19 5.47 5.12 5.99
C ASP A 19 6.53 5.29 4.88
N ASN A 20 7.26 4.23 4.52
CA ASN A 20 8.21 4.26 3.41
C ASN A 20 7.48 4.52 2.07
N ILE A 21 6.35 3.86 1.83
CA ILE A 21 5.50 4.12 0.64
C ILE A 21 4.94 5.55 0.65
N LEU A 22 4.42 6.01 1.78
CA LEU A 22 3.85 7.35 1.96
C LEU A 22 4.86 8.45 1.59
N ARG A 23 6.11 8.31 2.06
CA ARG A 23 7.22 9.23 1.72
C ARG A 23 7.72 9.06 0.29
N TYR A 24 7.86 7.83 -0.21
CA TYR A 24 8.29 7.53 -1.60
C TYR A 24 7.32 8.10 -2.65
N THR A 25 6.02 7.99 -2.41
CA THR A 25 4.97 8.59 -3.28
C THR A 25 4.73 10.07 -3.02
N ASN A 26 5.34 10.64 -1.96
CA ASN A 26 5.11 12.01 -1.48
C ASN A 26 3.62 12.35 -1.25
N SER A 27 2.84 11.36 -0.82
CA SER A 27 1.39 11.44 -0.67
C SER A 27 0.94 11.67 0.79
N THR A 28 -0.36 11.90 0.98
CA THR A 28 -1.01 11.91 2.31
C THR A 28 -1.70 10.56 2.56
N GLU A 29 -1.94 10.22 3.82
CA GLU A 29 -2.55 8.95 4.21
C GLU A 29 -3.98 8.78 3.63
N GLN A 30 -4.73 9.89 3.50
CA GLN A 30 -6.05 9.91 2.85
C GLN A 30 -5.94 9.64 1.34
N GLN A 31 -4.92 10.19 0.66
CA GLN A 31 -4.67 9.89 -0.76
C GLN A 31 -4.20 8.45 -0.97
N PHE A 32 -3.37 7.90 -0.07
CA PHE A 32 -2.97 6.49 -0.15
C PHE A 32 -4.15 5.54 0.12
N LEU A 33 -5.03 5.85 1.07
CA LEU A 33 -6.30 5.14 1.27
C LEU A 33 -7.18 5.19 0.02
N GLU A 34 -7.36 6.36 -0.57
CA GLU A 34 -8.14 6.53 -1.81
C GLU A 34 -7.54 5.74 -2.99
N ALA A 35 -6.21 5.76 -3.14
CA ALA A 35 -5.52 5.00 -4.18
C ALA A 35 -5.65 3.47 -3.96
N MET A 36 -5.57 2.99 -2.72
CA MET A 36 -5.78 1.57 -2.39
C MET A 36 -7.24 1.15 -2.62
N GLU A 37 -8.23 1.94 -2.22
CA GLU A 37 -9.65 1.64 -2.46
C GLU A 37 -10.00 1.70 -3.97
N SER A 38 -9.43 2.64 -4.72
CA SER A 38 -9.64 2.79 -6.17
C SER A 38 -8.98 1.68 -7.00
N THR A 39 -7.89 1.08 -6.49
CA THR A 39 -7.17 -0.03 -7.17
C THR A 39 -7.55 -1.42 -6.65
N GLY A 40 -8.43 -1.52 -5.63
CA GLY A 40 -8.82 -2.79 -5.02
C GLY A 40 -7.73 -3.43 -4.15
N GLY A 41 -6.80 -2.61 -3.61
CA GLY A 41 -5.72 -3.04 -2.72
C GLY A 41 -4.43 -3.51 -3.41
N ARG A 42 -4.33 -3.37 -4.74
CA ARG A 42 -3.09 -3.66 -5.49
C ARG A 42 -2.06 -2.55 -5.23
N VAL A 43 -1.24 -2.70 -4.20
CA VAL A 43 -0.31 -1.65 -3.72
C VAL A 43 0.65 -1.16 -4.81
N ARG A 44 1.11 -2.03 -5.71
CA ARG A 44 1.93 -1.63 -6.88
C ARG A 44 1.21 -0.65 -7.82
N ILE A 45 -0.09 -0.87 -8.07
CA ILE A 45 -0.91 0.03 -8.89
C ILE A 45 -1.23 1.31 -8.10
N ALA A 46 -1.44 1.22 -6.78
CA ALA A 46 -1.70 2.39 -5.93
C ALA A 46 -0.49 3.35 -5.91
N ILE A 47 0.73 2.84 -5.69
CA ILE A 47 1.95 3.67 -5.74
C ILE A 47 2.23 4.18 -7.15
N ALA A 48 1.99 3.37 -8.19
CA ALA A 48 2.05 3.82 -9.59
C ALA A 48 1.07 4.97 -9.88
N LYS A 49 -0.18 4.88 -9.37
CA LYS A 49 -1.23 5.90 -9.57
C LYS A 49 -0.90 7.21 -8.84
N LEU A 50 -0.34 7.13 -7.64
CA LEU A 50 0.13 8.30 -6.87
C LEU A 50 1.36 8.97 -7.53
N LEU A 51 2.29 8.18 -8.09
CA LEU A 51 3.45 8.70 -8.83
C LEU A 51 3.07 9.29 -10.20
N SER A 52 2.02 8.78 -10.83
CA SER A 52 1.49 9.22 -12.14
C SER A 52 0.44 10.34 -12.03
N LYS A 53 0.39 11.06 -10.90
CA LYS A 53 -0.56 12.17 -10.64
C LYS A 53 -0.17 13.45 -11.38
N GLN A 54 -0.32 13.44 -12.70
CA GLN A 54 0.05 14.52 -13.64
C GLN A 54 -0.97 14.65 -14.80
N THR A 55 -0.80 15.68 -15.64
CA THR A 55 -1.64 15.95 -16.83
C THR A 55 -0.80 16.16 -18.10
N SER A 56 -1.38 15.82 -19.26
CA SER A 56 -0.83 16.11 -20.60
C SER A 56 -1.21 17.51 -21.12
N GLY A 57 -2.07 18.25 -20.40
CA GLY A 57 -2.57 19.60 -20.76
C GLY A 57 -1.56 20.74 -20.66
N GLY A 58 -0.30 20.52 -21.03
CA GLY A 58 0.80 21.49 -20.94
C GLY A 58 0.74 22.66 -21.94
N SER A 59 -0.19 22.60 -22.92
CA SER A 59 -0.38 23.61 -23.98
C SER A 59 -1.70 24.38 -23.84
N GLY A 60 -2.15 24.62 -22.59
CA GLY A 60 -3.34 25.42 -22.27
C GLY A 60 -4.64 24.77 -22.75
N GLY A 61 -5.25 25.33 -23.80
CA GLY A 61 -6.43 24.77 -24.48
C GLY A 61 -6.15 23.50 -25.31
N SER A 62 -4.88 23.10 -25.44
CA SER A 62 -4.44 21.87 -26.11
C SER A 62 -3.54 21.00 -25.19
N LYS A 63 -3.28 19.76 -25.61
CA LYS A 63 -2.52 18.74 -24.85
C LYS A 63 -1.40 18.08 -25.66
N LEU A 64 -0.39 17.57 -24.97
CA LEU A 64 0.79 16.94 -25.53
C LEU A 64 0.53 15.48 -25.94
N GLY A 65 1.02 15.07 -27.12
CA GLY A 65 0.91 13.71 -27.65
C GLY A 65 -0.48 13.29 -28.15
N GLY A 66 -0.60 12.02 -28.55
CA GLY A 66 -1.84 11.42 -29.07
C GLY A 66 -2.94 11.25 -28.01
N SER A 67 -4.20 11.24 -28.47
CA SER A 67 -5.39 11.11 -27.62
C SER A 67 -5.68 9.66 -27.19
N GLY A 68 -6.17 9.47 -25.96
CA GLY A 68 -6.51 8.16 -25.39
C GLY A 68 -7.84 7.58 -25.87
N GLY A 69 -8.11 6.32 -25.49
CA GLY A 69 -9.34 5.59 -25.79
C GLY A 69 -9.37 4.18 -25.20
N SER A 70 -10.56 3.57 -25.14
CA SER A 70 -10.78 2.21 -24.62
C SER A 70 -12.02 1.55 -25.27
N ARG A 71 -12.09 0.21 -25.20
CA ARG A 71 -13.19 -0.61 -25.73
C ARG A 71 -14.50 -0.46 -24.93
N LYS A 72 -14.41 -0.14 -23.63
CA LYS A 72 -15.53 0.06 -22.70
C LYS A 72 -15.27 1.24 -21.75
N ASP A 73 -16.32 1.96 -21.35
CA ASP A 73 -16.21 3.18 -20.54
C ASP A 73 -15.81 2.92 -19.07
N LEU A 74 -16.13 1.74 -18.54
CA LEU A 74 -15.84 1.28 -17.17
C LEU A 74 -15.28 -0.16 -17.15
N SER A 75 -14.56 -0.50 -16.08
CA SER A 75 -14.03 -1.86 -15.81
C SER A 75 -13.95 -2.15 -14.30
N VAL A 76 -13.86 -3.42 -13.93
CA VAL A 76 -13.84 -3.90 -12.53
C VAL A 76 -12.47 -3.77 -11.85
N LYS A 77 -12.47 -3.76 -10.51
CA LYS A 77 -11.24 -3.78 -9.67
C LYS A 77 -10.72 -5.21 -9.48
N GLY A 78 -9.45 -5.34 -9.06
CA GLY A 78 -8.77 -6.62 -8.87
C GLY A 78 -9.38 -7.50 -7.75
N MET A 79 -9.23 -8.82 -7.87
CA MET A 79 -9.80 -9.81 -6.93
C MET A 79 -8.96 -10.00 -5.65
N LEU A 80 -7.70 -9.56 -5.66
CA LEU A 80 -6.77 -9.55 -4.52
C LEU A 80 -6.64 -10.91 -3.78
N TYR A 81 -6.41 -11.99 -4.53
CA TYR A 81 -6.23 -13.35 -3.99
C TYR A 81 -4.92 -13.51 -3.18
N ASP A 82 -3.88 -12.72 -3.50
CA ASP A 82 -2.59 -12.69 -2.79
C ASP A 82 -2.72 -12.28 -1.30
N SER A 83 -2.04 -13.02 -0.40
CA SER A 83 -2.18 -12.83 1.05
C SER A 83 -1.47 -11.57 1.58
N ASP A 84 -0.31 -11.20 1.04
CA ASP A 84 0.45 -10.04 1.52
C ASP A 84 -0.28 -8.73 1.23
N SER A 85 -0.72 -8.50 -0.02
CA SER A 85 -1.47 -7.29 -0.39
C SER A 85 -2.81 -7.17 0.35
N GLN A 86 -3.47 -8.28 0.71
CA GLN A 86 -4.62 -8.26 1.63
C GLN A 86 -4.22 -7.78 3.03
N GLN A 87 -3.10 -8.24 3.57
CA GLN A 87 -2.58 -7.76 4.86
C GLN A 87 -2.15 -6.29 4.81
N ILE A 88 -1.51 -5.82 3.72
CA ILE A 88 -1.21 -4.39 3.53
C ILE A 88 -2.51 -3.57 3.50
N LEU A 89 -3.51 -3.98 2.71
CA LEU A 89 -4.80 -3.27 2.63
C LEU A 89 -5.49 -3.23 3.99
N ASN A 90 -5.53 -4.35 4.72
CA ASN A 90 -6.15 -4.40 6.05
C ASN A 90 -5.43 -3.48 7.04
N ARG A 91 -4.09 -3.51 7.11
CA ARG A 91 -3.32 -2.62 8.00
C ARG A 91 -3.50 -1.14 7.63
N LEU A 92 -3.49 -0.84 6.33
CA LEU A 92 -3.65 0.52 5.80
C LEU A 92 -5.05 1.09 6.06
N ARG A 93 -6.10 0.33 5.72
CA ARG A 93 -7.50 0.71 5.95
C ARG A 93 -7.79 0.89 7.43
N GLU A 94 -7.30 0.01 8.29
CA GLU A 94 -7.47 0.15 9.75
C GLU A 94 -6.66 1.32 10.32
N ARG A 95 -5.42 1.55 9.86
CA ARG A 95 -4.60 2.71 10.24
C ARG A 95 -5.28 4.06 9.91
N VAL A 96 -5.87 4.18 8.72
CA VAL A 96 -6.45 5.45 8.23
C VAL A 96 -7.91 5.64 8.66
N SER A 97 -8.71 4.59 8.65
CA SER A 97 -10.18 4.66 8.87
C SER A 97 -10.69 3.90 10.10
N GLY A 98 -9.86 3.06 10.74
CA GLY A 98 -10.14 2.42 12.03
C GLY A 98 -9.45 3.13 13.21
N SER A 99 -9.41 2.45 14.37
CA SER A 99 -8.84 3.02 15.61
C SER A 99 -7.32 2.87 15.72
N THR A 100 -6.72 1.88 15.05
CA THR A 100 -5.27 1.55 15.16
C THR A 100 -4.77 0.70 13.98
N ALA A 101 -3.46 0.70 13.73
CA ALA A 101 -2.77 -0.21 12.79
C ALA A 101 -2.55 -1.62 13.37
N GLN A 102 -2.84 -1.86 14.66
CA GLN A 102 -2.61 -3.12 15.37
C GLN A 102 -3.61 -4.25 15.01
N SER A 103 -4.03 -4.35 13.73
CA SER A 103 -4.95 -5.36 13.22
C SER A 103 -4.27 -6.70 12.81
N ALA A 104 -2.94 -6.79 12.95
CA ALA A 104 -2.13 -7.98 12.68
C ALA A 104 -2.44 -9.15 13.64
N SER A 1 24.58 -5.85 25.74
CA SER A 1 23.90 -6.46 24.55
C SER A 1 22.93 -7.58 24.95
N VAL A 2 21.91 -7.84 24.11
CA VAL A 2 20.90 -8.91 24.28
C VAL A 2 20.73 -9.76 23.02
N SER A 3 20.22 -10.98 23.17
CA SER A 3 19.96 -11.92 22.07
C SER A 3 18.73 -12.81 22.35
N ILE A 4 18.23 -13.49 21.32
CA ILE A 4 17.02 -14.34 21.33
C ILE A 4 17.28 -15.71 20.66
N LEU A 5 16.55 -16.74 21.09
CA LEU A 5 16.71 -18.11 20.56
C LEU A 5 16.12 -18.27 19.15
N ARG A 6 14.98 -17.62 18.88
CA ARG A 6 14.29 -17.59 17.58
C ARG A 6 13.73 -16.19 17.27
N SER A 7 13.69 -15.82 15.99
CA SER A 7 13.09 -14.57 15.49
C SER A 7 11.57 -14.67 15.33
N SER A 8 10.88 -13.52 15.23
CA SER A 8 9.42 -13.42 15.07
C SER A 8 9.00 -12.19 14.25
N VAL A 9 7.79 -12.23 13.69
CA VAL A 9 7.16 -11.10 12.95
C VAL A 9 6.56 -10.09 13.93
N ASN A 10 6.69 -8.80 13.63
CA ASN A 10 6.21 -7.68 14.47
C ASN A 10 5.53 -6.58 13.63
N HIS A 11 4.57 -5.86 14.21
CA HIS A 11 3.80 -4.79 13.55
C HIS A 11 4.66 -3.61 13.04
N ARG A 12 5.89 -3.42 13.56
CA ARG A 12 6.83 -2.44 13.01
C ARG A 12 7.09 -2.63 11.52
N GLU A 13 7.02 -3.86 11.00
CA GLU A 13 7.37 -4.15 9.60
C GLU A 13 6.32 -3.59 8.64
N VAL A 14 5.03 -3.78 8.94
CA VAL A 14 3.93 -3.21 8.15
C VAL A 14 3.77 -1.70 8.40
N ASP A 15 4.01 -1.21 9.63
CA ASP A 15 4.05 0.24 9.90
C ASP A 15 5.17 0.94 9.10
N GLU A 16 6.37 0.36 9.10
CA GLU A 16 7.51 0.86 8.31
C GLU A 16 7.26 0.78 6.80
N ALA A 17 6.64 -0.29 6.30
CA ALA A 17 6.31 -0.41 4.89
C ALA A 17 5.29 0.66 4.45
N ILE A 18 4.24 0.90 5.26
CA ILE A 18 3.26 1.97 5.02
C ILE A 18 3.93 3.35 5.05
N ASP A 19 4.76 3.64 6.06
CA ASP A 19 5.50 4.91 6.17
C ASP A 19 6.50 5.12 5.00
N ASN A 20 7.20 4.08 4.57
CA ASN A 20 8.09 4.13 3.40
C ASN A 20 7.33 4.41 2.11
N ILE A 21 6.19 3.76 1.87
CA ILE A 21 5.32 4.05 0.70
C ILE A 21 4.77 5.47 0.78
N LEU A 22 4.30 5.90 1.96
CA LEU A 22 3.75 7.23 2.19
C LEU A 22 4.76 8.35 1.82
N ARG A 23 6.02 8.19 2.24
CA ARG A 23 7.11 9.13 1.91
C ARG A 23 7.57 9.03 0.46
N TYR A 24 7.73 7.81 -0.08
CA TYR A 24 8.15 7.58 -1.47
C TYR A 24 7.13 8.13 -2.49
N THR A 25 5.83 7.99 -2.22
CA THR A 25 4.74 8.54 -3.04
C THR A 25 4.46 10.04 -2.80
N ASN A 26 5.12 10.66 -1.81
CA ASN A 26 4.94 12.07 -1.44
C ASN A 26 3.46 12.46 -1.22
N SER A 27 2.70 11.55 -0.61
CA SER A 27 1.24 11.62 -0.48
C SER A 27 0.77 11.66 0.98
N THR A 28 -0.54 11.90 1.21
CA THR A 28 -1.17 11.76 2.53
C THR A 28 -1.67 10.32 2.75
N GLU A 29 -1.92 9.94 4.01
CA GLU A 29 -2.48 8.62 4.33
C GLU A 29 -3.91 8.45 3.79
N GLN A 30 -4.68 9.55 3.70
CA GLN A 30 -5.99 9.56 3.05
C GLN A 30 -5.89 9.36 1.53
N GLN A 31 -4.92 10.02 0.86
CA GLN A 31 -4.67 9.80 -0.57
C GLN A 31 -4.18 8.36 -0.84
N PHE A 32 -3.34 7.79 0.03
CA PHE A 32 -2.92 6.40 -0.08
C PHE A 32 -4.09 5.42 0.09
N LEU A 33 -4.97 5.63 1.07
CA LEU A 33 -6.20 4.83 1.24
C LEU A 33 -7.13 4.93 0.01
N GLU A 34 -7.32 6.15 -0.50
CA GLU A 34 -8.15 6.39 -1.70
C GLU A 34 -7.56 5.73 -2.96
N ALA A 35 -6.24 5.77 -3.14
CA ALA A 35 -5.56 5.08 -4.25
C ALA A 35 -5.66 3.56 -4.13
N MET A 36 -5.50 2.98 -2.94
CA MET A 36 -5.73 1.55 -2.70
C MET A 36 -7.19 1.15 -2.97
N GLU A 37 -8.17 1.94 -2.55
CA GLU A 37 -9.59 1.70 -2.84
C GLU A 37 -9.89 1.80 -4.35
N SER A 38 -9.33 2.81 -5.03
CA SER A 38 -9.52 3.05 -6.47
C SER A 38 -8.87 1.95 -7.35
N THR A 39 -7.76 1.37 -6.90
CA THR A 39 -6.99 0.34 -7.64
C THR A 39 -7.30 -1.11 -7.22
N GLY A 40 -8.26 -1.30 -6.30
CA GLY A 40 -8.72 -2.64 -5.89
C GLY A 40 -7.82 -3.36 -4.89
N GLY A 41 -6.98 -2.59 -4.16
CA GLY A 41 -6.12 -3.09 -3.09
C GLY A 41 -4.73 -3.57 -3.51
N ARG A 42 -4.39 -3.57 -4.81
CA ARG A 42 -3.05 -3.95 -5.30
C ARG A 42 -2.04 -2.83 -5.03
N VAL A 43 -1.13 -3.04 -4.08
CA VAL A 43 -0.22 -1.97 -3.61
C VAL A 43 0.68 -1.43 -4.73
N ARG A 44 1.14 -2.27 -5.67
CA ARG A 44 1.93 -1.84 -6.84
C ARG A 44 1.17 -0.89 -7.77
N ILE A 45 -0.12 -1.16 -7.99
CA ILE A 45 -1.00 -0.34 -8.84
C ILE A 45 -1.39 0.96 -8.10
N ALA A 46 -1.56 0.89 -6.77
CA ALA A 46 -1.82 2.07 -5.94
C ALA A 46 -0.65 3.06 -5.94
N ILE A 47 0.58 2.58 -5.74
CA ILE A 47 1.76 3.46 -5.80
C ILE A 47 2.02 3.95 -7.23
N ALA A 48 1.76 3.15 -8.26
CA ALA A 48 1.75 3.61 -9.65
C ALA A 48 0.74 4.75 -9.90
N LYS A 49 -0.49 4.65 -9.37
CA LYS A 49 -1.52 5.70 -9.46
C LYS A 49 -1.14 6.97 -8.70
N LEU A 50 -0.46 6.85 -7.55
CA LEU A 50 0.04 8.01 -6.79
C LEU A 50 1.25 8.70 -7.47
N LEU A 51 2.15 7.93 -8.11
CA LEU A 51 3.38 8.45 -8.72
C LEU A 51 3.19 8.98 -10.16
N SER A 52 2.47 8.22 -10.99
CA SER A 52 2.36 8.44 -12.45
C SER A 52 0.94 8.68 -12.96
N LYS A 53 -0.07 8.76 -12.07
CA LYS A 53 -1.51 8.92 -12.37
C LYS A 53 -2.07 7.91 -13.39
N GLN A 54 -1.47 6.73 -13.47
CA GLN A 54 -1.86 5.60 -14.33
C GLN A 54 -1.69 4.26 -13.59
N THR A 55 -2.35 3.20 -14.06
CA THR A 55 -2.23 1.85 -13.49
C THR A 55 -0.96 1.12 -13.95
N SER A 56 -0.42 1.47 -15.13
CA SER A 56 0.82 0.95 -15.69
C SER A 56 2.08 1.43 -14.93
N GLY A 57 3.18 0.67 -15.04
CA GLY A 57 4.47 1.00 -14.43
C GLY A 57 5.67 0.33 -15.13
N GLY A 58 6.88 0.64 -14.66
CA GLY A 58 8.15 0.12 -15.20
C GLY A 58 8.41 -1.36 -14.90
N SER A 59 9.39 -1.94 -15.61
CA SER A 59 9.83 -3.34 -15.46
C SER A 59 11.35 -3.50 -15.71
N GLY A 60 11.97 -4.47 -15.04
CA GLY A 60 13.36 -4.87 -15.28
C GLY A 60 13.57 -5.74 -16.53
N GLY A 61 12.50 -6.21 -17.18
CA GLY A 61 12.54 -7.05 -18.38
C GLY A 61 12.99 -8.50 -18.12
N SER A 62 12.87 -8.99 -16.88
CA SER A 62 13.33 -10.31 -16.43
C SER A 62 12.54 -11.48 -17.05
N LYS A 63 13.21 -12.61 -17.29
CA LYS A 63 12.63 -13.89 -17.73
C LYS A 63 13.42 -15.11 -17.20
N LEU A 64 12.85 -16.30 -17.33
CA LEU A 64 13.48 -17.59 -16.98
C LEU A 64 13.57 -18.53 -18.18
N GLY A 65 14.54 -19.46 -18.14
CA GLY A 65 14.76 -20.48 -19.17
C GLY A 65 13.79 -21.66 -19.14
N GLY A 66 13.95 -22.59 -20.09
CA GLY A 66 13.12 -23.78 -20.25
C GLY A 66 11.79 -23.56 -21.00
N SER A 67 11.11 -24.65 -21.33
CA SER A 67 9.90 -24.65 -22.18
C SER A 67 8.58 -24.42 -21.42
N GLY A 68 8.60 -24.44 -20.08
CA GLY A 68 7.39 -24.38 -19.24
C GLY A 68 6.52 -25.64 -19.32
N GLY A 69 5.22 -25.51 -19.07
CA GLY A 69 4.24 -26.60 -19.19
C GLY A 69 4.37 -27.70 -18.13
N SER A 70 4.76 -27.32 -16.91
CA SER A 70 5.00 -28.24 -15.78
C SER A 70 3.78 -29.13 -15.45
N ARG A 71 4.05 -30.41 -15.19
CA ARG A 71 3.06 -31.39 -14.68
C ARG A 71 2.98 -31.42 -13.15
N LYS A 72 3.95 -30.81 -12.45
CA LYS A 72 3.99 -30.70 -10.98
C LYS A 72 3.18 -29.49 -10.47
N ASP A 73 3.16 -28.39 -11.24
CA ASP A 73 2.33 -27.21 -10.95
C ASP A 73 0.83 -27.51 -11.10
N LEU A 74 0.02 -27.05 -10.13
CA LEU A 74 -1.43 -27.28 -10.08
C LEU A 74 -2.16 -26.13 -9.33
N SER A 75 -3.33 -25.73 -9.84
CA SER A 75 -4.28 -24.83 -9.19
C SER A 75 -5.73 -25.20 -9.51
N VAL A 76 -6.68 -24.79 -8.65
CA VAL A 76 -8.12 -25.10 -8.75
C VAL A 76 -8.99 -23.88 -8.42
N LYS A 77 -10.29 -23.95 -8.75
CA LYS A 77 -11.28 -22.91 -8.38
C LYS A 77 -11.50 -22.85 -6.86
N GLY A 78 -11.67 -21.64 -6.32
CA GLY A 78 -11.87 -21.40 -4.87
C GLY A 78 -10.64 -21.66 -3.99
N MET A 79 -9.44 -21.76 -4.57
CA MET A 79 -8.18 -22.05 -3.85
C MET A 79 -7.74 -20.86 -2.98
N LEU A 80 -7.26 -21.15 -1.76
CA LEU A 80 -6.80 -20.14 -0.80
C LEU A 80 -5.42 -19.55 -1.20
N TYR A 81 -5.25 -18.24 -1.00
CA TYR A 81 -4.00 -17.49 -1.24
C TYR A 81 -3.84 -16.33 -0.25
N ASP A 82 -2.63 -15.75 -0.20
CA ASP A 82 -2.31 -14.55 0.58
C ASP A 82 -1.37 -13.60 -0.19
N SER A 83 -1.35 -12.32 0.18
CA SER A 83 -0.53 -11.26 -0.44
C SER A 83 -0.27 -10.11 0.53
N ASP A 84 0.90 -9.48 0.42
CA ASP A 84 1.20 -8.22 1.12
C ASP A 84 0.28 -7.07 0.68
N SER A 85 -0.32 -7.13 -0.52
CA SER A 85 -1.33 -6.16 -0.96
C SER A 85 -2.55 -6.12 -0.02
N GLN A 86 -3.12 -7.28 0.34
CA GLN A 86 -4.27 -7.32 1.28
C GLN A 86 -3.86 -7.00 2.73
N GLN A 87 -2.64 -7.35 3.17
CA GLN A 87 -2.13 -6.96 4.48
C GLN A 87 -1.97 -5.43 4.60
N ILE A 88 -1.36 -4.80 3.59
CA ILE A 88 -1.23 -3.33 3.51
C ILE A 88 -2.60 -2.68 3.43
N LEU A 89 -3.53 -3.20 2.62
CA LEU A 89 -4.90 -2.67 2.53
C LEU A 89 -5.61 -2.71 3.89
N ASN A 90 -5.67 -3.86 4.56
CA ASN A 90 -6.43 -3.99 5.80
C ASN A 90 -5.80 -3.18 6.94
N ARG A 91 -4.45 -3.16 7.07
CA ARG A 91 -3.79 -2.28 8.03
C ARG A 91 -3.98 -0.80 7.70
N LEU A 92 -4.02 -0.42 6.43
CA LEU A 92 -4.30 0.97 6.03
C LEU A 92 -5.77 1.37 6.27
N ARG A 93 -6.73 0.45 6.09
CA ARG A 93 -8.16 0.66 6.42
C ARG A 93 -8.34 0.89 7.91
N GLU A 94 -7.71 0.07 8.76
CA GLU A 94 -7.73 0.28 10.22
C GLU A 94 -7.09 1.64 10.60
N ARG A 95 -5.88 1.90 10.08
CA ARG A 95 -5.09 3.10 10.37
C ARG A 95 -5.79 4.42 9.99
N VAL A 96 -6.45 4.45 8.84
CA VAL A 96 -7.05 5.67 8.26
C VAL A 96 -8.54 5.81 8.59
N SER A 97 -9.29 4.70 8.65
CA SER A 97 -10.76 4.68 8.81
C SER A 97 -11.25 4.03 10.13
N GLY A 98 -10.35 3.52 10.98
CA GLY A 98 -10.70 2.86 12.25
C GLY A 98 -11.06 1.38 12.08
N SER A 99 -10.84 0.59 13.14
CA SER A 99 -11.03 -0.88 13.12
C SER A 99 -12.49 -1.31 12.91
N THR A 100 -13.46 -0.43 13.23
CA THR A 100 -14.90 -0.61 12.99
C THR A 100 -15.38 -0.07 11.63
N ALA A 101 -14.50 0.57 10.84
CA ALA A 101 -14.81 1.19 9.54
C ALA A 101 -16.07 2.09 9.59
N GLN A 102 -16.89 2.11 8.52
CA GLN A 102 -18.15 2.88 8.47
C GLN A 102 -19.27 2.24 9.31
N SER A 103 -19.28 0.91 9.46
CA SER A 103 -20.24 0.16 10.28
C SER A 103 -19.69 -1.23 10.66
N ALA A 104 -20.01 -1.69 11.89
CA ALA A 104 -19.65 -3.00 12.45
C ALA A 104 -20.77 -3.57 13.34
N SER A 1 20.17 -22.01 12.14
CA SER A 1 21.20 -21.15 11.48
C SER A 1 21.19 -19.72 12.03
N VAL A 2 20.24 -18.87 11.63
CA VAL A 2 20.08 -17.48 12.14
C VAL A 2 19.45 -17.43 13.53
N SER A 3 19.69 -16.34 14.28
CA SER A 3 19.10 -16.11 15.59
C SER A 3 17.63 -15.65 15.49
N ILE A 4 16.85 -15.88 16.57
CA ILE A 4 15.40 -15.64 16.61
C ILE A 4 15.09 -14.21 17.11
N LEU A 5 14.14 -13.54 16.45
CA LEU A 5 13.71 -12.16 16.80
C LEU A 5 12.81 -12.13 18.06
N ARG A 6 12.79 -10.98 18.75
CA ARG A 6 11.92 -10.76 19.93
C ARG A 6 10.44 -10.69 19.54
N SER A 7 9.57 -11.17 20.44
CA SER A 7 8.10 -11.22 20.32
C SER A 7 7.59 -11.61 18.92
N SER A 8 7.06 -10.66 18.15
CA SER A 8 6.68 -10.77 16.73
C SER A 8 6.80 -9.39 16.04
N VAL A 9 7.26 -9.36 14.78
CA VAL A 9 7.59 -8.11 14.06
C VAL A 9 6.68 -7.77 12.87
N ASN A 10 5.69 -8.61 12.55
CA ASN A 10 4.80 -8.45 11.37
C ASN A 10 4.11 -7.08 11.34
N HIS A 11 3.47 -6.67 12.45
CA HIS A 11 2.85 -5.34 12.59
C HIS A 11 3.82 -4.17 12.34
N ARG A 12 5.04 -4.23 12.89
CA ARG A 12 6.10 -3.22 12.67
C ARG A 12 6.51 -3.19 11.20
N GLU A 13 6.77 -4.35 10.59
CA GLU A 13 7.17 -4.42 9.16
C GLU A 13 6.08 -3.86 8.22
N VAL A 14 4.80 -4.18 8.48
CA VAL A 14 3.67 -3.67 7.69
C VAL A 14 3.48 -2.15 7.87
N ASP A 15 3.50 -1.65 9.10
CA ASP A 15 3.32 -0.22 9.37
C ASP A 15 4.51 0.62 8.87
N GLU A 16 5.73 0.09 9.01
CA GLU A 16 6.94 0.66 8.41
C GLU A 16 6.87 0.69 6.88
N ALA A 17 6.37 -0.38 6.24
CA ALA A 17 6.19 -0.40 4.80
C ALA A 17 5.15 0.65 4.34
N ILE A 18 4.06 0.82 5.10
CA ILE A 18 3.07 1.90 4.89
C ILE A 18 3.74 3.29 4.97
N ASP A 19 4.56 3.57 5.98
CA ASP A 19 5.30 4.84 6.07
C ASP A 19 6.37 5.01 4.97
N ASN A 20 7.04 3.93 4.55
CA ASN A 20 8.00 3.97 3.45
C ASN A 20 7.30 4.34 2.12
N ILE A 21 6.13 3.74 1.85
CA ILE A 21 5.29 4.10 0.69
C ILE A 21 4.78 5.54 0.79
N LEU A 22 4.33 5.95 1.98
CA LEU A 22 3.85 7.33 2.22
C LEU A 22 4.94 8.38 1.93
N ARG A 23 6.18 8.12 2.36
CA ARG A 23 7.36 8.96 2.08
C ARG A 23 7.75 8.93 0.60
N TYR A 24 7.84 7.74 0.00
CA TYR A 24 8.23 7.55 -1.41
C TYR A 24 7.25 8.21 -2.41
N THR A 25 5.94 8.11 -2.15
CA THR A 25 4.89 8.69 -3.02
C THR A 25 4.61 10.17 -2.74
N ASN A 26 5.12 10.72 -1.63
CA ASN A 26 5.04 12.14 -1.27
C ASN A 26 3.60 12.70 -1.30
N SER A 27 2.65 11.89 -0.81
CA SER A 27 1.22 12.23 -0.72
C SER A 27 0.65 11.93 0.68
N THR A 28 -0.66 12.12 0.88
CA THR A 28 -1.33 11.95 2.19
C THR A 28 -1.73 10.49 2.45
N GLU A 29 -1.97 10.14 3.72
CA GLU A 29 -2.46 8.80 4.11
C GLU A 29 -3.85 8.54 3.54
N GLN A 30 -4.70 9.58 3.45
CA GLN A 30 -6.01 9.50 2.78
C GLN A 30 -5.84 9.23 1.28
N GLN A 31 -4.96 9.95 0.58
CA GLN A 31 -4.71 9.72 -0.85
C GLN A 31 -4.10 8.32 -1.12
N PHE A 32 -3.29 7.77 -0.20
CA PHE A 32 -2.83 6.39 -0.29
C PHE A 32 -3.97 5.37 -0.09
N LEU A 33 -4.85 5.57 0.91
CA LEU A 33 -6.05 4.74 1.11
C LEU A 33 -6.98 4.80 -0.11
N GLU A 34 -7.21 5.99 -0.66
CA GLU A 34 -8.02 6.22 -1.87
C GLU A 34 -7.43 5.54 -3.11
N ALA A 35 -6.11 5.62 -3.30
CA ALA A 35 -5.42 4.94 -4.41
C ALA A 35 -5.47 3.41 -4.26
N MET A 36 -5.32 2.88 -3.04
CA MET A 36 -5.47 1.45 -2.75
C MET A 36 -6.91 0.96 -2.97
N GLU A 37 -7.92 1.72 -2.54
CA GLU A 37 -9.33 1.40 -2.77
C GLU A 37 -9.69 1.45 -4.27
N SER A 38 -9.14 2.43 -5.00
CA SER A 38 -9.36 2.59 -6.46
C SER A 38 -8.69 1.49 -7.30
N THR A 39 -7.67 0.81 -6.76
CA THR A 39 -6.89 -0.23 -7.46
C THR A 39 -7.08 -1.65 -6.90
N GLY A 40 -7.95 -1.84 -5.91
CA GLY A 40 -8.30 -3.15 -5.35
C GLY A 40 -7.23 -3.74 -4.43
N GLY A 41 -6.42 -2.89 -3.79
CA GLY A 41 -5.38 -3.29 -2.83
C GLY A 41 -4.06 -3.77 -3.46
N ARG A 42 -3.87 -3.63 -4.78
CA ARG A 42 -2.60 -3.93 -5.47
C ARG A 42 -1.60 -2.80 -5.24
N VAL A 43 -0.68 -2.98 -4.30
CA VAL A 43 0.26 -1.92 -3.84
C VAL A 43 1.05 -1.31 -5.01
N ARG A 44 1.53 -2.12 -5.96
CA ARG A 44 2.27 -1.61 -7.14
C ARG A 44 1.43 -0.67 -8.02
N ILE A 45 0.15 -1.01 -8.25
CA ILE A 45 -0.77 -0.21 -9.06
C ILE A 45 -1.20 1.04 -8.28
N ALA A 46 -1.40 0.91 -6.96
CA ALA A 46 -1.75 2.03 -6.08
C ALA A 46 -0.64 3.09 -6.03
N ILE A 47 0.61 2.69 -5.81
CA ILE A 47 1.74 3.63 -5.79
C ILE A 47 2.02 4.19 -7.20
N ALA A 48 1.85 3.40 -8.26
CA ALA A 48 1.91 3.89 -9.64
C ALA A 48 0.85 4.98 -9.94
N LYS A 49 -0.41 4.76 -9.53
CA LYS A 49 -1.50 5.74 -9.71
C LYS A 49 -1.28 7.00 -8.86
N LEU A 50 -0.80 6.82 -7.63
CA LEU A 50 -0.50 7.93 -6.70
C LEU A 50 0.72 8.78 -7.16
N LEU A 51 1.72 8.15 -7.79
CA LEU A 51 2.82 8.87 -8.47
C LEU A 51 2.37 9.56 -9.76
N SER A 52 1.42 8.97 -10.50
CA SER A 52 0.88 9.56 -11.76
C SER A 52 0.10 10.87 -11.53
N LYS A 53 -0.36 11.14 -10.30
CA LYS A 53 -0.92 12.44 -9.87
C LYS A 53 0.14 13.54 -9.66
N GLN A 54 1.43 13.21 -9.75
CA GLN A 54 2.59 14.09 -9.51
C GLN A 54 2.59 14.75 -8.12
N THR A 55 2.62 13.89 -7.09
CA THR A 55 2.88 14.23 -5.66
C THR A 55 1.98 15.33 -5.06
N SER A 56 0.69 15.33 -5.40
CA SER A 56 -0.32 16.24 -4.81
C SER A 56 -0.56 15.99 -3.30
N GLY A 57 -1.05 17.01 -2.59
CA GLY A 57 -1.33 16.97 -1.16
C GLY A 57 -0.14 17.32 -0.26
N GLY A 58 -0.32 17.13 1.06
CA GLY A 58 0.61 17.59 2.09
C GLY A 58 0.42 19.05 2.51
N SER A 59 1.06 19.46 3.59
CA SER A 59 0.91 20.79 4.21
C SER A 59 2.18 21.29 4.92
N GLY A 60 2.24 22.60 5.21
CA GLY A 60 3.34 23.27 5.88
C GLY A 60 4.58 23.55 5.00
N GLY A 61 5.56 24.25 5.57
CA GLY A 61 6.85 24.56 4.91
C GLY A 61 7.85 23.39 4.90
N SER A 62 9.04 23.63 4.37
CA SER A 62 10.15 22.65 4.35
C SER A 62 10.74 22.40 5.74
N LYS A 63 11.35 21.22 5.94
CA LYS A 63 12.18 20.80 7.10
C LYS A 63 11.57 21.08 8.50
N LEU A 64 10.25 21.04 8.61
CA LEU A 64 9.50 21.24 9.86
C LEU A 64 9.63 20.06 10.85
N GLY A 65 9.29 20.30 12.12
CA GLY A 65 9.37 19.31 13.20
C GLY A 65 8.29 18.22 13.12
N GLY A 66 8.58 17.03 13.67
CA GLY A 66 7.66 15.89 13.73
C GLY A 66 6.53 16.03 14.76
N SER A 67 5.50 15.18 14.64
CA SER A 67 4.31 15.14 15.50
C SER A 67 3.94 13.71 15.92
N GLY A 68 3.24 13.56 17.05
CA GLY A 68 2.75 12.28 17.56
C GLY A 68 1.62 11.67 16.72
N GLY A 69 1.44 10.35 16.82
CA GLY A 69 0.42 9.58 16.10
C GLY A 69 0.47 8.07 16.39
N SER A 70 -0.40 7.30 15.72
CA SER A 70 -0.48 5.82 15.79
C SER A 70 -0.62 5.26 17.22
N ARG A 71 -1.41 5.95 18.07
CA ARG A 71 -1.56 5.64 19.51
C ARG A 71 -2.48 4.44 19.80
N LYS A 72 -3.37 4.08 18.87
CA LYS A 72 -4.30 2.95 18.98
C LYS A 72 -3.56 1.60 18.91
N ASP A 73 -3.93 0.67 19.79
CA ASP A 73 -3.41 -0.70 19.83
C ASP A 73 -4.01 -1.61 18.73
N LEU A 74 -3.22 -2.58 18.26
CA LEU A 74 -3.62 -3.59 17.26
C LEU A 74 -2.87 -4.92 17.45
N SER A 75 -3.42 -6.01 16.89
CA SER A 75 -2.83 -7.36 16.97
C SER A 75 -1.53 -7.47 16.16
N VAL A 76 -0.55 -8.21 16.68
CA VAL A 76 0.82 -8.24 16.13
C VAL A 76 0.95 -9.05 14.82
N LYS A 77 0.16 -10.11 14.67
CA LYS A 77 0.09 -10.96 13.46
C LYS A 77 -1.27 -11.68 13.31
N GLY A 78 -1.51 -12.27 12.14
CA GLY A 78 -2.73 -13.02 11.81
C GLY A 78 -2.64 -13.71 10.45
N MET A 79 -3.66 -14.51 10.12
CA MET A 79 -3.67 -15.37 8.92
C MET A 79 -3.60 -14.60 7.59
N LEU A 80 -4.03 -13.33 7.58
CA LEU A 80 -4.06 -12.45 6.40
C LEU A 80 -2.66 -12.19 5.79
N TYR A 81 -1.57 -12.50 6.51
CA TYR A 81 -0.20 -12.51 5.98
C TYR A 81 -0.04 -13.43 4.74
N ASP A 82 -0.93 -14.42 4.53
CA ASP A 82 -0.97 -15.23 3.30
C ASP A 82 -1.31 -14.43 2.02
N SER A 83 -1.86 -13.22 2.18
CA SER A 83 -2.11 -12.21 1.14
C SER A 83 -1.66 -10.85 1.66
N ASP A 84 -0.34 -10.64 1.77
CA ASP A 84 0.23 -9.48 2.47
C ASP A 84 -0.16 -8.12 1.86
N SER A 85 -0.49 -8.06 0.57
CA SER A 85 -1.10 -6.88 -0.08
C SER A 85 -2.43 -6.47 0.59
N GLN A 86 -3.26 -7.46 0.93
CA GLN A 86 -4.48 -7.29 1.70
C GLN A 86 -4.19 -6.97 3.17
N GLN A 87 -3.10 -7.49 3.76
CA GLN A 87 -2.67 -7.07 5.11
C GLN A 87 -2.25 -5.60 5.16
N ILE A 88 -1.51 -5.09 4.15
CA ILE A 88 -1.18 -3.66 4.02
C ILE A 88 -2.47 -2.85 3.85
N LEU A 89 -3.39 -3.26 2.97
CA LEU A 89 -4.70 -2.62 2.82
C LEU A 89 -5.47 -2.56 4.14
N ASN A 90 -5.55 -3.67 4.88
CA ASN A 90 -6.23 -3.74 6.16
C ASN A 90 -5.61 -2.79 7.19
N ARG A 91 -4.29 -2.82 7.39
CA ARG A 91 -3.61 -1.89 8.32
C ARG A 91 -3.71 -0.44 7.87
N LEU A 92 -3.68 -0.15 6.56
CA LEU A 92 -3.90 1.21 6.05
C LEU A 92 -5.36 1.67 6.29
N ARG A 93 -6.35 0.80 6.12
CA ARG A 93 -7.77 1.11 6.39
C ARG A 93 -7.99 1.44 7.86
N GLU A 94 -7.51 0.61 8.78
CA GLU A 94 -7.67 0.85 10.22
C GLU A 94 -6.89 2.10 10.67
N ARG A 95 -5.64 2.28 10.20
CA ARG A 95 -4.80 3.45 10.51
C ARG A 95 -5.41 4.77 10.01
N VAL A 96 -6.03 4.78 8.82
CA VAL A 96 -6.64 5.99 8.23
C VAL A 96 -8.05 6.25 8.75
N SER A 97 -8.93 5.23 8.76
CA SER A 97 -10.35 5.39 9.09
C SER A 97 -10.66 5.29 10.59
N GLY A 98 -9.78 4.67 11.39
CA GLY A 98 -9.99 4.41 12.82
C GLY A 98 -10.91 3.21 13.11
N SER A 99 -10.83 2.68 14.33
CA SER A 99 -11.57 1.48 14.76
C SER A 99 -13.06 1.73 15.02
N THR A 100 -13.45 2.99 15.28
CA THR A 100 -14.84 3.42 15.54
C THR A 100 -15.04 4.90 15.17
N ALA A 101 -16.30 5.34 15.07
CA ALA A 101 -16.69 6.72 14.75
C ALA A 101 -17.93 7.18 15.54
N GLN A 102 -18.08 8.50 15.71
CA GLN A 102 -19.18 9.14 16.45
C GLN A 102 -20.18 9.83 15.51
N SER A 103 -21.43 9.99 15.97
CA SER A 103 -22.54 10.60 15.21
C SER A 103 -22.53 12.14 15.20
N ALA A 104 -21.74 12.77 16.09
CA ALA A 104 -21.57 14.23 16.22
C ALA A 104 -20.12 14.61 16.55
N SER A 1 -2.45 8.83 33.39
CA SER A 1 -1.67 8.27 32.27
C SER A 1 -0.95 6.97 32.65
N VAL A 2 -0.66 6.10 31.67
CA VAL A 2 0.07 4.82 31.83
C VAL A 2 1.20 4.66 30.79
N SER A 3 2.19 3.83 31.10
CA SER A 3 3.28 3.48 30.18
C SER A 3 2.86 2.51 29.07
N ILE A 4 3.62 2.50 27.97
CA ILE A 4 3.29 1.72 26.76
C ILE A 4 3.79 0.27 26.90
N LEU A 5 2.93 -0.70 26.55
CA LEU A 5 3.21 -2.14 26.54
C LEU A 5 2.71 -2.79 25.23
N ARG A 6 3.41 -3.85 24.78
CA ARG A 6 3.12 -4.59 23.53
C ARG A 6 3.23 -6.10 23.74
N SER A 7 2.37 -6.87 23.06
CA SER A 7 2.38 -8.34 23.03
C SER A 7 3.15 -8.94 21.84
N SER A 8 3.38 -8.15 20.79
CA SER A 8 4.10 -8.54 19.56
C SER A 8 4.77 -7.33 18.91
N VAL A 9 5.72 -7.58 17.99
CA VAL A 9 6.43 -6.57 17.18
C VAL A 9 6.19 -6.75 15.67
N ASN A 10 5.44 -7.78 15.23
CA ASN A 10 5.26 -8.11 13.81
C ASN A 10 4.60 -6.98 12.97
N HIS A 11 3.77 -6.15 13.61
CA HIS A 11 3.13 -4.97 13.01
C HIS A 11 4.12 -3.85 12.64
N ARG A 12 5.32 -3.80 13.24
CA ARG A 12 6.34 -2.78 12.98
C ARG A 12 6.76 -2.74 11.51
N GLU A 13 6.94 -3.92 10.91
CA GLU A 13 7.34 -4.05 9.50
C GLU A 13 6.23 -3.62 8.54
N VAL A 14 4.96 -3.81 8.91
CA VAL A 14 3.80 -3.34 8.12
C VAL A 14 3.69 -1.82 8.19
N ASP A 15 3.82 -1.22 9.38
CA ASP A 15 3.84 0.23 9.55
C ASP A 15 5.04 0.89 8.86
N GLU A 16 6.23 0.28 8.97
CA GLU A 16 7.43 0.73 8.26
C GLU A 16 7.25 0.66 6.73
N ALA A 17 6.64 -0.40 6.19
CA ALA A 17 6.37 -0.49 4.76
C ALA A 17 5.31 0.53 4.30
N ILE A 18 4.26 0.76 5.09
CA ILE A 18 3.28 1.85 4.85
C ILE A 18 4.00 3.21 4.83
N ASP A 19 4.84 3.51 5.82
CA ASP A 19 5.54 4.79 5.94
C ASP A 19 6.61 4.99 4.84
N ASN A 20 7.30 3.92 4.43
CA ASN A 20 8.19 3.93 3.26
C ASN A 20 7.39 4.29 1.99
N ILE A 21 6.28 3.60 1.70
CA ILE A 21 5.41 3.91 0.55
C ILE A 21 4.88 5.35 0.63
N LEU A 22 4.43 5.78 1.80
CA LEU A 22 3.90 7.13 2.05
C LEU A 22 4.93 8.21 1.70
N ARG A 23 6.19 8.03 2.12
CA ARG A 23 7.30 8.94 1.80
C ARG A 23 7.76 8.85 0.34
N TYR A 24 7.86 7.65 -0.24
CA TYR A 24 8.23 7.48 -1.65
C TYR A 24 7.20 8.08 -2.62
N THR A 25 5.90 8.00 -2.28
CA THR A 25 4.81 8.65 -3.04
C THR A 25 4.61 10.13 -2.69
N ASN A 26 5.27 10.63 -1.63
CA ASN A 26 5.08 11.98 -1.08
C ASN A 26 3.58 12.30 -0.81
N SER A 27 2.89 11.33 -0.20
CA SER A 27 1.42 11.33 -0.04
C SER A 27 0.97 11.44 1.42
N THR A 28 -0.34 11.52 1.62
CA THR A 28 -1.01 11.39 2.94
C THR A 28 -1.81 10.09 3.00
N GLU A 29 -1.98 9.50 4.18
CA GLU A 29 -2.54 8.14 4.34
C GLU A 29 -4.01 8.05 3.88
N GLN A 30 -4.77 9.15 3.94
CA GLN A 30 -6.13 9.23 3.38
C GLN A 30 -6.12 9.11 1.84
N GLN A 31 -5.18 9.78 1.16
CA GLN A 31 -5.04 9.67 -0.30
C GLN A 31 -4.46 8.31 -0.72
N PHE A 32 -3.57 7.73 0.08
CA PHE A 32 -3.10 6.35 -0.13
C PHE A 32 -4.27 5.34 0.00
N LEU A 33 -5.14 5.48 1.00
CA LEU A 33 -6.34 4.63 1.15
C LEU A 33 -7.29 4.81 -0.03
N GLU A 34 -7.52 6.05 -0.46
CA GLU A 34 -8.35 6.34 -1.64
C GLU A 34 -7.79 5.73 -2.94
N ALA A 35 -6.48 5.78 -3.13
CA ALA A 35 -5.80 5.14 -4.26
C ALA A 35 -5.90 3.61 -4.21
N MET A 36 -5.76 3.00 -3.03
CA MET A 36 -5.97 1.56 -2.84
C MET A 36 -7.44 1.17 -3.13
N GLU A 37 -8.42 1.92 -2.65
CA GLU A 37 -9.84 1.68 -2.93
C GLU A 37 -10.16 1.81 -4.43
N SER A 38 -9.59 2.83 -5.09
CA SER A 38 -9.73 3.05 -6.54
C SER A 38 -9.08 1.95 -7.40
N THR A 39 -8.00 1.33 -6.91
CA THR A 39 -7.23 0.29 -7.63
C THR A 39 -7.53 -1.15 -7.19
N GLY A 40 -8.51 -1.35 -6.29
CA GLY A 40 -8.96 -2.69 -5.86
C GLY A 40 -8.04 -3.37 -4.83
N GLY A 41 -7.23 -2.59 -4.12
CA GLY A 41 -6.27 -3.07 -3.12
C GLY A 41 -4.91 -3.48 -3.70
N ARG A 42 -4.64 -3.26 -4.99
CA ARG A 42 -3.33 -3.52 -5.60
C ARG A 42 -2.34 -2.42 -5.25
N VAL A 43 -1.51 -2.65 -4.23
CA VAL A 43 -0.46 -1.71 -3.78
C VAL A 43 0.47 -1.27 -4.92
N ARG A 44 0.83 -2.17 -5.85
CA ARG A 44 1.66 -1.83 -7.03
C ARG A 44 1.00 -0.78 -7.95
N ILE A 45 -0.30 -0.92 -8.19
CA ILE A 45 -1.06 0.00 -9.06
C ILE A 45 -1.42 1.29 -8.31
N ALA A 46 -1.67 1.23 -7.00
CA ALA A 46 -1.88 2.41 -6.17
C ALA A 46 -0.64 3.32 -6.16
N ILE A 47 0.54 2.76 -5.89
CA ILE A 47 1.79 3.56 -5.91
C ILE A 47 2.14 4.01 -7.33
N ALA A 48 1.87 3.18 -8.36
CA ALA A 48 1.97 3.63 -9.76
C ALA A 48 1.06 4.84 -10.06
N LYS A 49 -0.20 4.84 -9.60
CA LYS A 49 -1.14 5.97 -9.76
C LYS A 49 -0.73 7.22 -8.97
N LEU A 50 -0.05 7.06 -7.83
CA LEU A 50 0.57 8.20 -7.13
C LEU A 50 1.80 8.76 -7.88
N LEU A 51 2.60 7.90 -8.52
CA LEU A 51 3.87 8.29 -9.15
C LEU A 51 3.74 8.73 -10.63
N SER A 52 2.71 8.31 -11.36
CA SER A 52 2.56 8.54 -12.81
C SER A 52 2.46 10.01 -13.24
N LYS A 53 2.17 10.93 -12.31
CA LYS A 53 2.17 12.39 -12.54
C LYS A 53 3.57 13.00 -12.74
N GLN A 54 4.65 12.28 -12.37
CA GLN A 54 6.04 12.71 -12.56
C GLN A 54 6.46 12.65 -14.03
N THR A 55 7.31 13.58 -14.47
CA THR A 55 7.79 13.71 -15.86
C THR A 55 9.28 14.04 -15.94
N SER A 56 9.90 13.66 -17.08
CA SER A 56 11.26 14.02 -17.47
C SER A 56 11.34 15.44 -18.06
N GLY A 57 12.55 15.94 -18.33
CA GLY A 57 12.76 17.21 -19.05
C GLY A 57 12.04 17.26 -20.40
N GLY A 58 11.55 18.45 -20.79
CA GLY A 58 10.69 18.62 -21.98
C GLY A 58 9.31 17.97 -21.84
N SER A 59 8.83 17.76 -20.60
CA SER A 59 7.60 17.02 -20.25
C SER A 59 7.55 15.58 -20.79
N GLY A 60 8.72 14.93 -20.94
CA GLY A 60 8.86 13.55 -21.37
C GLY A 60 8.56 12.50 -20.28
N GLY A 61 8.84 11.23 -20.57
CA GLY A 61 8.68 10.11 -19.63
C GLY A 61 9.34 8.81 -20.10
N SER A 62 9.30 7.78 -19.26
CA SER A 62 10.00 6.50 -19.46
C SER A 62 9.39 5.58 -20.54
N LYS A 63 8.14 5.85 -20.96
CA LYS A 63 7.39 5.08 -21.98
C LYS A 63 6.69 6.01 -22.97
N LEU A 64 6.70 5.63 -24.26
CA LEU A 64 6.02 6.31 -25.35
C LEU A 64 5.35 5.30 -26.33
N GLY A 65 4.50 5.80 -27.23
CA GLY A 65 3.77 5.00 -28.21
C GLY A 65 2.67 4.10 -27.61
N GLY A 66 2.13 3.19 -28.44
CA GLY A 66 1.05 2.26 -28.09
C GLY A 66 1.44 1.13 -27.11
N SER A 67 0.48 0.27 -26.79
CA SER A 67 0.59 -0.80 -25.78
C SER A 67 0.18 -2.20 -26.32
N GLY A 68 0.17 -2.37 -27.65
CA GLY A 68 -0.28 -3.61 -28.32
C GLY A 68 -1.79 -3.86 -28.20
N GLY A 69 -2.19 -5.11 -28.43
CA GLY A 69 -3.60 -5.54 -28.34
C GLY A 69 -4.16 -5.59 -26.91
N SER A 70 -5.48 -5.65 -26.79
CA SER A 70 -6.20 -5.74 -25.50
C SER A 70 -5.97 -7.06 -24.75
N ARG A 71 -5.68 -8.14 -25.50
CA ARG A 71 -5.22 -9.44 -25.00
C ARG A 71 -3.84 -9.77 -25.59
N LYS A 72 -2.93 -10.26 -24.74
CA LYS A 72 -1.52 -10.60 -25.08
C LYS A 72 -1.08 -11.90 -24.40
N ASP A 73 -0.09 -12.57 -25.00
CA ASP A 73 0.52 -13.82 -24.50
C ASP A 73 2.02 -13.88 -24.87
N LEU A 74 2.79 -14.70 -24.12
CA LEU A 74 4.26 -14.83 -24.22
C LEU A 74 5.01 -13.47 -24.13
N SER A 75 4.48 -12.54 -23.31
CA SER A 75 4.98 -11.17 -23.15
C SER A 75 6.41 -11.10 -22.59
N VAL A 76 7.17 -10.08 -23.02
CA VAL A 76 8.54 -9.82 -22.54
C VAL A 76 8.56 -9.18 -21.14
N LYS A 77 9.72 -9.26 -20.46
CA LYS A 77 9.95 -8.67 -19.12
C LYS A 77 10.04 -7.14 -19.14
N GLY A 78 9.85 -6.52 -17.97
CA GLY A 78 9.91 -5.07 -17.77
C GLY A 78 9.75 -4.66 -16.30
N MET A 79 9.87 -3.36 -16.01
CA MET A 79 9.77 -2.81 -14.65
C MET A 79 8.31 -2.82 -14.14
N LEU A 80 8.10 -3.39 -12.94
CA LEU A 80 6.84 -3.39 -12.20
C LEU A 80 7.14 -3.48 -10.68
N TYR A 81 6.46 -2.68 -9.87
CA TYR A 81 6.61 -2.70 -8.41
C TYR A 81 6.04 -3.98 -7.78
N ASP A 82 6.58 -4.41 -6.63
CA ASP A 82 6.09 -5.58 -5.89
C ASP A 82 6.22 -5.43 -4.35
N SER A 83 5.08 -5.58 -3.65
CA SER A 83 4.96 -5.68 -2.20
C SER A 83 3.61 -6.33 -1.82
N ASP A 84 3.43 -6.76 -0.57
CA ASP A 84 2.20 -7.42 -0.11
C ASP A 84 0.99 -6.48 -0.09
N SER A 85 -0.14 -6.89 -0.70
CA SER A 85 -1.38 -6.11 -0.75
C SER A 85 -2.18 -6.14 0.56
N GLN A 86 -2.40 -7.33 1.13
CA GLN A 86 -3.37 -7.52 2.22
C GLN A 86 -2.96 -6.90 3.56
N GLN A 87 -1.72 -7.05 4.02
CA GLN A 87 -1.27 -6.48 5.30
C GLN A 87 -1.26 -4.95 5.24
N ILE A 88 -0.72 -4.40 4.14
CA ILE A 88 -0.71 -2.96 3.85
C ILE A 88 -2.14 -2.41 3.82
N LEU A 89 -3.06 -3.04 3.06
CA LEU A 89 -4.44 -2.58 2.98
C LEU A 89 -5.16 -2.68 4.32
N ASN A 90 -5.03 -3.80 5.04
CA ASN A 90 -5.72 -3.96 6.32
C ASN A 90 -5.26 -2.90 7.35
N ARG A 91 -3.95 -2.71 7.55
CA ARG A 91 -3.48 -1.70 8.52
C ARG A 91 -3.72 -0.25 8.06
N LEU A 92 -3.70 0.03 6.76
CA LEU A 92 -4.09 1.34 6.22
C LEU A 92 -5.59 1.61 6.40
N ARG A 93 -6.44 0.59 6.18
CA ARG A 93 -7.90 0.66 6.39
C ARG A 93 -8.23 0.85 7.88
N GLU A 94 -7.54 0.15 8.77
CA GLU A 94 -7.72 0.34 10.21
C GLU A 94 -7.37 1.77 10.63
N ARG A 95 -6.17 2.26 10.24
CA ARG A 95 -5.71 3.61 10.59
C ARG A 95 -6.62 4.73 10.04
N VAL A 96 -7.08 4.60 8.79
CA VAL A 96 -7.86 5.64 8.10
C VAL A 96 -9.37 5.55 8.40
N SER A 97 -9.93 4.34 8.45
CA SER A 97 -11.38 4.10 8.51
C SER A 97 -11.89 3.53 9.85
N GLY A 98 -11.00 3.07 10.75
CA GLY A 98 -11.34 2.58 12.09
C GLY A 98 -10.83 1.16 12.36
N SER A 99 -10.27 0.92 13.55
CA SER A 99 -9.58 -0.32 13.94
C SER A 99 -10.54 -1.45 14.32
N THR A 100 -11.25 -2.00 13.33
CA THR A 100 -12.16 -3.15 13.44
C THR A 100 -12.08 -4.06 12.22
N ALA A 101 -12.40 -5.34 12.39
CA ALA A 101 -12.51 -6.35 11.34
C ALA A 101 -13.85 -7.11 11.34
N GLN A 102 -14.87 -6.58 12.04
CA GLN A 102 -16.20 -7.21 12.18
C GLN A 102 -17.00 -7.15 10.87
N SER A 103 -17.90 -8.12 10.66
CA SER A 103 -18.77 -8.22 9.47
C SER A 103 -19.83 -7.10 9.41
N ALA A 104 -20.23 -6.73 8.19
CA ALA A 104 -21.30 -5.76 7.92
C ALA A 104 -22.71 -6.28 8.28
N SER A 1 -5.70 -5.63 28.57
CA SER A 1 -5.31 -6.85 27.79
C SER A 1 -4.31 -7.72 28.57
N VAL A 2 -4.04 -8.94 28.10
CA VAL A 2 -3.12 -9.91 28.73
C VAL A 2 -1.66 -9.51 28.49
N SER A 3 -0.80 -9.67 29.51
CA SER A 3 0.64 -9.35 29.47
C SER A 3 1.47 -10.44 28.76
N ILE A 4 1.17 -10.70 27.48
CA ILE A 4 1.85 -11.70 26.65
C ILE A 4 3.34 -11.36 26.39
N LEU A 5 4.14 -12.40 26.10
CA LEU A 5 5.57 -12.32 25.78
C LEU A 5 5.89 -12.97 24.42
N ARG A 6 7.05 -12.62 23.84
CA ARG A 6 7.56 -13.13 22.55
C ARG A 6 6.55 -12.97 21.38
N SER A 7 5.83 -11.86 21.37
CA SER A 7 4.83 -11.50 20.34
C SER A 7 5.46 -11.16 18.98
N SER A 8 4.65 -11.24 17.90
CA SER A 8 5.10 -10.97 16.53
C SER A 8 5.37 -9.47 16.28
N VAL A 9 6.22 -9.20 15.29
CA VAL A 9 6.55 -7.85 14.77
C VAL A 9 5.95 -7.57 13.38
N ASN A 10 5.23 -8.54 12.79
CA ASN A 10 4.74 -8.50 11.41
C ASN A 10 3.91 -7.24 11.09
N HIS A 11 2.98 -6.86 11.98
CA HIS A 11 2.13 -5.66 11.83
C HIS A 11 2.94 -4.35 11.92
N ARG A 12 3.96 -4.29 12.79
CA ARG A 12 4.88 -3.14 12.87
C ARG A 12 5.73 -3.04 11.61
N GLU A 13 6.13 -4.17 11.04
CA GLU A 13 6.89 -4.22 9.78
C GLU A 13 6.04 -3.75 8.58
N VAL A 14 4.77 -4.16 8.46
CA VAL A 14 3.88 -3.63 7.42
C VAL A 14 3.47 -2.17 7.65
N ASP A 15 3.33 -1.71 8.90
CA ASP A 15 3.10 -0.29 9.20
C ASP A 15 4.32 0.60 8.86
N GLU A 16 5.53 0.12 9.16
CA GLU A 16 6.78 0.76 8.70
C GLU A 16 6.86 0.79 7.16
N ALA A 17 6.49 -0.31 6.48
CA ALA A 17 6.46 -0.35 5.03
C ALA A 17 5.46 0.66 4.44
N ILE A 18 4.27 0.79 5.05
CA ILE A 18 3.29 1.84 4.74
C ILE A 18 3.89 3.23 4.93
N ASP A 19 4.59 3.51 6.02
CA ASP A 19 5.19 4.82 6.28
C ASP A 19 6.31 5.17 5.28
N ASN A 20 7.11 4.19 4.86
CA ASN A 20 8.11 4.36 3.81
C ASN A 20 7.46 4.59 2.43
N ILE A 21 6.39 3.89 2.11
CA ILE A 21 5.58 4.13 0.89
C ILE A 21 4.96 5.54 0.92
N LEU A 22 4.40 5.95 2.04
CA LEU A 22 3.79 7.26 2.25
C LEU A 22 4.81 8.40 2.00
N ARG A 23 6.03 8.25 2.55
CA ARG A 23 7.12 9.22 2.36
C ARG A 23 7.67 9.22 0.92
N TYR A 24 7.83 8.03 0.32
CA TYR A 24 8.31 7.87 -1.07
C TYR A 24 7.33 8.45 -2.11
N THR A 25 6.03 8.16 -1.96
CA THR A 25 4.97 8.66 -2.86
C THR A 25 4.62 10.14 -2.65
N ASN A 26 5.06 10.75 -1.54
CA ASN A 26 4.85 12.17 -1.21
C ASN A 26 3.37 12.63 -1.29
N SER A 27 2.46 11.72 -0.95
CA SER A 27 1.00 11.97 -0.90
C SER A 27 0.45 11.84 0.53
N THR A 28 -0.84 12.17 0.73
CA THR A 28 -1.52 11.98 2.03
C THR A 28 -1.94 10.52 2.23
N GLU A 29 -2.20 10.14 3.48
CA GLU A 29 -2.77 8.82 3.81
C GLU A 29 -4.19 8.66 3.24
N GLN A 30 -4.95 9.76 3.15
CA GLN A 30 -6.28 9.77 2.55
C GLN A 30 -6.24 9.49 1.04
N GLN A 31 -5.31 10.12 0.30
CA GLN A 31 -5.14 9.85 -1.14
C GLN A 31 -4.58 8.44 -1.39
N PHE A 32 -3.72 7.92 -0.50
CA PHE A 32 -3.28 6.51 -0.56
C PHE A 32 -4.45 5.54 -0.30
N LEU A 33 -5.34 5.83 0.66
CA LEU A 33 -6.58 5.08 0.90
C LEU A 33 -7.50 5.09 -0.33
N GLU A 34 -7.75 6.26 -0.90
CA GLU A 34 -8.58 6.39 -2.11
C GLU A 34 -8.00 5.61 -3.30
N ALA A 35 -6.68 5.63 -3.47
CA ALA A 35 -6.01 4.85 -4.51
C ALA A 35 -6.08 3.34 -4.25
N MET A 36 -5.89 2.87 -3.02
CA MET A 36 -6.06 1.45 -2.65
C MET A 36 -7.50 0.98 -2.87
N GLU A 37 -8.51 1.79 -2.51
CA GLU A 37 -9.93 1.45 -2.74
C GLU A 37 -10.29 1.48 -4.24
N SER A 38 -9.71 2.42 -5.02
CA SER A 38 -9.97 2.55 -6.46
C SER A 38 -9.24 1.51 -7.33
N THR A 39 -8.12 0.94 -6.84
CA THR A 39 -7.29 -0.04 -7.58
C THR A 39 -7.52 -1.49 -7.14
N GLY A 40 -8.42 -1.73 -6.19
CA GLY A 40 -8.79 -3.09 -5.75
C GLY A 40 -7.84 -3.68 -4.69
N GLY A 41 -7.16 -2.80 -3.94
CA GLY A 41 -6.28 -3.18 -2.82
C GLY A 41 -4.85 -3.57 -3.20
N ARG A 42 -4.46 -3.50 -4.48
CA ARG A 42 -3.10 -3.83 -4.94
C ARG A 42 -2.12 -2.69 -4.64
N VAL A 43 -1.15 -2.93 -3.76
CA VAL A 43 -0.16 -1.89 -3.39
C VAL A 43 0.63 -1.39 -4.59
N ARG A 44 1.01 -2.27 -5.53
CA ARG A 44 1.78 -1.89 -6.73
C ARG A 44 1.04 -0.90 -7.65
N ILE A 45 -0.27 -1.10 -7.85
CA ILE A 45 -1.10 -0.22 -8.70
C ILE A 45 -1.41 1.09 -7.96
N ALA A 46 -1.60 1.04 -6.65
CA ALA A 46 -1.85 2.24 -5.83
C ALA A 46 -0.62 3.16 -5.80
N ILE A 47 0.59 2.62 -5.53
CA ILE A 47 1.82 3.41 -5.58
C ILE A 47 2.13 3.89 -7.00
N ALA A 48 1.85 3.10 -8.04
CA ALA A 48 1.93 3.55 -9.43
C ALA A 48 1.02 4.76 -9.73
N LYS A 49 -0.26 4.73 -9.29
CA LYS A 49 -1.20 5.84 -9.46
C LYS A 49 -0.78 7.11 -8.68
N LEU A 50 -0.21 6.94 -7.49
CA LEU A 50 0.37 8.04 -6.72
C LEU A 50 1.65 8.62 -7.35
N LEU A 51 2.53 7.78 -7.91
CA LEU A 51 3.75 8.24 -8.62
C LEU A 51 3.43 8.89 -9.98
N SER A 52 2.30 8.52 -10.60
CA SER A 52 1.81 9.07 -11.89
C SER A 52 1.11 10.43 -11.77
N LYS A 53 1.20 11.11 -10.60
CA LYS A 53 0.59 12.43 -10.33
C LYS A 53 1.04 13.56 -11.29
N GLN A 54 2.23 13.41 -11.89
CA GLN A 54 2.79 14.32 -12.91
C GLN A 54 3.63 13.56 -13.96
N THR A 55 3.94 14.23 -15.07
CA THR A 55 4.74 13.70 -16.20
C THR A 55 5.87 14.66 -16.61
N SER A 56 6.91 14.13 -17.25
CA SER A 56 8.09 14.91 -17.69
C SER A 56 7.89 15.66 -19.01
N GLY A 57 6.94 15.22 -19.86
CA GLY A 57 6.61 15.82 -21.15
C GLY A 57 5.73 14.92 -22.04
N GLY A 58 5.46 15.38 -23.27
CA GLY A 58 4.74 14.62 -24.29
C GLY A 58 5.55 13.50 -24.95
N SER A 59 4.89 12.70 -25.80
CA SER A 59 5.48 11.58 -26.56
C SER A 59 4.85 11.42 -27.95
N GLY A 60 5.57 10.78 -28.87
CA GLY A 60 5.13 10.56 -30.26
C GLY A 60 3.99 9.53 -30.41
N GLY A 61 3.23 9.64 -31.50
CA GLY A 61 2.09 8.76 -31.81
C GLY A 61 2.46 7.38 -32.39
N SER A 62 3.74 7.16 -32.71
CA SER A 62 4.27 5.92 -33.30
C SER A 62 5.69 5.59 -32.81
N LYS A 63 6.17 4.36 -33.05
CA LYS A 63 7.52 3.90 -32.70
C LYS A 63 8.56 4.46 -33.68
N LEU A 64 9.49 5.27 -33.17
CA LEU A 64 10.52 5.99 -33.95
C LEU A 64 11.97 5.65 -33.57
N GLY A 65 12.20 4.84 -32.52
CA GLY A 65 13.52 4.42 -32.05
C GLY A 65 13.49 3.38 -30.92
N GLY A 66 14.65 2.82 -30.59
CA GLY A 66 14.81 1.78 -29.55
C GLY A 66 14.27 0.39 -29.94
N SER A 67 14.07 -0.46 -28.93
CA SER A 67 13.63 -1.86 -29.07
C SER A 67 12.20 -2.00 -29.64
N GLY A 68 11.89 -3.17 -30.22
CA GLY A 68 10.55 -3.52 -30.71
C GLY A 68 9.49 -3.69 -29.62
N GLY A 69 8.21 -3.70 -30.03
CA GLY A 69 7.06 -3.82 -29.14
C GLY A 69 6.92 -5.21 -28.46
N SER A 70 6.25 -5.23 -27.30
CA SER A 70 5.98 -6.44 -26.51
C SER A 70 4.79 -7.27 -27.04
N ARG A 71 4.70 -8.54 -26.61
CA ARG A 71 3.60 -9.46 -26.94
C ARG A 71 2.27 -9.04 -26.29
N LYS A 72 1.15 -9.40 -26.94
CA LYS A 72 -0.22 -9.19 -26.42
C LYS A 72 -0.53 -10.12 -25.24
N ASP A 73 -0.01 -11.35 -25.28
CA ASP A 73 -0.11 -12.33 -24.20
C ASP A 73 1.06 -12.24 -23.19
N LEU A 74 0.79 -12.54 -21.92
CA LEU A 74 1.75 -12.52 -20.82
C LEU A 74 2.10 -13.94 -20.34
N SER A 75 3.36 -14.15 -19.93
CA SER A 75 3.86 -15.40 -19.35
C SER A 75 3.56 -15.52 -17.84
N VAL A 76 3.56 -16.76 -17.33
CA VAL A 76 3.35 -17.09 -15.90
C VAL A 76 4.11 -18.37 -15.52
N LYS A 77 4.56 -18.46 -14.25
CA LYS A 77 5.32 -19.60 -13.69
C LYS A 77 4.91 -19.94 -12.24
N GLY A 78 5.25 -21.15 -11.80
CA GLY A 78 4.93 -21.69 -10.48
C GLY A 78 3.50 -22.24 -10.34
N MET A 79 3.26 -23.01 -9.28
CA MET A 79 1.99 -23.70 -9.00
C MET A 79 1.05 -22.95 -8.03
N LEU A 80 1.56 -21.92 -7.34
CA LEU A 80 0.88 -21.18 -6.27
C LEU A 80 1.28 -19.70 -6.31
N TYR A 81 0.35 -18.81 -5.95
CA TYR A 81 0.51 -17.35 -5.99
C TYR A 81 0.24 -16.70 -4.62
N ASP A 82 0.94 -15.59 -4.32
CA ASP A 82 0.85 -14.87 -3.05
C ASP A 82 1.17 -13.36 -3.24
N SER A 83 0.59 -12.50 -2.39
CA SER A 83 0.85 -11.04 -2.37
C SER A 83 0.70 -10.46 -0.96
N ASP A 84 1.58 -9.51 -0.62
CA ASP A 84 1.54 -8.77 0.65
C ASP A 84 0.51 -7.61 0.64
N SER A 85 -0.11 -7.35 -0.52
CA SER A 85 -1.14 -6.30 -0.69
C SER A 85 -2.28 -6.37 0.32
N GLN A 86 -2.70 -7.57 0.74
CA GLN A 86 -3.77 -7.73 1.74
C GLN A 86 -3.36 -7.22 3.13
N GLN A 87 -2.12 -7.51 3.58
CA GLN A 87 -1.60 -6.98 4.85
C GLN A 87 -1.42 -5.46 4.80
N ILE A 88 -0.89 -4.94 3.67
CA ILE A 88 -0.77 -3.50 3.46
C ILE A 88 -2.14 -2.82 3.47
N LEU A 89 -3.14 -3.35 2.76
CA LEU A 89 -4.50 -2.79 2.76
C LEU A 89 -5.11 -2.79 4.17
N ASN A 90 -5.03 -3.91 4.89
CA ASN A 90 -5.58 -4.01 6.25
C ASN A 90 -4.94 -2.96 7.18
N ARG A 91 -3.59 -2.93 7.25
CA ARG A 91 -2.87 -1.99 8.12
C ARG A 91 -3.03 -0.54 7.68
N LEU A 92 -3.10 -0.25 6.38
CA LEU A 92 -3.33 1.11 5.85
C LEU A 92 -4.72 1.60 6.20
N ARG A 93 -5.76 0.81 5.90
CA ARG A 93 -7.16 1.18 6.15
C ARG A 93 -7.42 1.37 7.64
N GLU A 94 -6.87 0.52 8.50
CA GLU A 94 -6.99 0.72 9.96
C GLU A 94 -6.20 1.94 10.46
N ARG A 95 -4.93 2.13 10.05
CA ARG A 95 -4.10 3.25 10.53
C ARG A 95 -4.59 4.63 10.04
N VAL A 96 -5.29 4.70 8.91
CA VAL A 96 -5.92 5.94 8.42
C VAL A 96 -7.35 6.17 8.95
N SER A 97 -8.18 5.12 9.11
CA SER A 97 -9.60 5.29 9.50
C SER A 97 -9.87 5.23 11.02
N GLY A 98 -8.97 4.61 11.81
CA GLY A 98 -9.18 4.36 13.23
C GLY A 98 -9.12 5.63 14.10
N SER A 99 -10.12 5.84 14.96
CA SER A 99 -10.27 7.06 15.78
C SER A 99 -9.14 7.26 16.80
N THR A 100 -8.45 6.18 17.19
CA THR A 100 -7.26 6.19 18.08
C THR A 100 -5.97 6.53 17.34
N ALA A 101 -5.90 6.31 16.02
CA ALA A 101 -4.76 6.65 15.16
C ALA A 101 -4.89 8.07 14.56
N GLN A 102 -6.12 8.54 14.31
CA GLN A 102 -6.42 9.92 13.92
C GLN A 102 -6.19 10.91 15.08
N SER A 103 -6.00 12.20 14.73
CA SER A 103 -5.81 13.30 15.69
C SER A 103 -7.06 13.58 16.54
N ALA A 104 -6.85 14.04 17.77
CA ALA A 104 -7.91 14.45 18.70
C ALA A 104 -8.63 15.76 18.29
N SER A 1 3.80 -23.48 4.38
CA SER A 1 3.26 -22.46 5.32
C SER A 1 4.08 -22.35 6.60
N VAL A 2 4.07 -21.19 7.26
CA VAL A 2 4.77 -20.96 8.56
C VAL A 2 4.04 -21.61 9.74
N SER A 3 4.76 -21.89 10.83
CA SER A 3 4.21 -22.40 12.09
C SER A 3 3.44 -21.32 12.89
N ILE A 4 2.56 -21.78 13.79
CA ILE A 4 1.79 -20.90 14.69
C ILE A 4 2.70 -20.44 15.84
N LEU A 5 2.67 -19.13 16.15
CA LEU A 5 3.48 -18.47 17.19
C LEU A 5 2.61 -17.56 18.08
N ARG A 6 3.05 -17.33 19.33
CA ARG A 6 2.35 -16.49 20.33
C ARG A 6 2.41 -14.99 19.98
N SER A 7 3.46 -14.55 19.29
CA SER A 7 3.70 -13.17 18.86
C SER A 7 4.40 -13.08 17.49
N SER A 8 4.33 -11.91 16.85
CA SER A 8 4.96 -11.61 15.56
C SER A 8 5.34 -10.11 15.45
N VAL A 9 6.10 -9.76 14.40
CA VAL A 9 6.51 -8.38 14.04
C VAL A 9 5.86 -7.89 12.73
N ASN A 10 5.00 -8.69 12.09
CA ASN A 10 4.41 -8.38 10.78
C ASN A 10 3.61 -7.07 10.77
N HIS A 11 2.95 -6.72 11.88
CA HIS A 11 2.22 -5.45 12.04
C HIS A 11 3.16 -4.24 11.99
N ARG A 12 4.26 -4.27 12.78
CA ARG A 12 5.30 -3.23 12.79
C ARG A 12 6.01 -3.11 11.44
N GLU A 13 6.34 -4.25 10.84
CA GLU A 13 7.00 -4.30 9.53
C GLU A 13 6.12 -3.71 8.41
N VAL A 14 4.82 -4.01 8.39
CA VAL A 14 3.87 -3.45 7.41
C VAL A 14 3.55 -1.98 7.71
N ASP A 15 3.46 -1.57 8.98
CA ASP A 15 3.27 -0.16 9.37
C ASP A 15 4.47 0.71 8.95
N GLU A 16 5.69 0.21 9.16
CA GLU A 16 6.93 0.81 8.63
C GLU A 16 6.95 0.83 7.09
N ALA A 17 6.51 -0.24 6.43
CA ALA A 17 6.42 -0.28 4.98
C ALA A 17 5.42 0.76 4.43
N ILE A 18 4.29 0.97 5.12
CA ILE A 18 3.33 2.03 4.81
C ILE A 18 3.99 3.41 4.96
N ASP A 19 4.70 3.70 6.05
CA ASP A 19 5.43 4.99 6.17
C ASP A 19 6.52 5.16 5.10
N ASN A 20 7.24 4.09 4.73
CA ASN A 20 8.22 4.12 3.65
C ASN A 20 7.57 4.45 2.29
N ILE A 21 6.43 3.83 1.98
CA ILE A 21 5.63 4.14 0.78
C ILE A 21 5.11 5.58 0.83
N LEU A 22 4.61 6.02 1.98
CA LEU A 22 4.06 7.36 2.18
C LEU A 22 5.13 8.45 1.93
N ARG A 23 6.36 8.23 2.41
CA ARG A 23 7.52 9.09 2.14
C ARG A 23 7.97 9.04 0.67
N TYR A 24 8.06 7.83 0.10
CA TYR A 24 8.50 7.62 -1.29
C TYR A 24 7.56 8.24 -2.35
N THR A 25 6.24 8.15 -2.12
CA THR A 25 5.23 8.63 -3.08
C THR A 25 4.88 10.11 -2.95
N ASN A 26 5.29 10.79 -1.86
CA ASN A 26 4.99 12.21 -1.58
C ASN A 26 3.47 12.52 -1.67
N SER A 27 2.69 11.72 -0.93
CA SER A 27 1.22 11.79 -0.86
C SER A 27 0.71 11.64 0.59
N THR A 28 -0.59 11.91 0.81
CA THR A 28 -1.23 11.72 2.13
C THR A 28 -1.71 10.28 2.35
N GLU A 29 -1.95 9.89 3.60
CA GLU A 29 -2.52 8.57 3.91
C GLU A 29 -3.96 8.43 3.38
N GLN A 30 -4.72 9.52 3.33
CA GLN A 30 -6.05 9.55 2.72
C GLN A 30 -5.98 9.29 1.20
N GLN A 31 -5.03 9.94 0.49
CA GLN A 31 -4.82 9.68 -0.94
C GLN A 31 -4.33 8.25 -1.20
N PHE A 32 -3.49 7.69 -0.31
CA PHE A 32 -3.05 6.29 -0.41
C PHE A 32 -4.22 5.31 -0.17
N LEU A 33 -5.09 5.58 0.82
CA LEU A 33 -6.31 4.78 1.05
C LEU A 33 -7.23 4.82 -0.16
N GLU A 34 -7.50 6.01 -0.70
CA GLU A 34 -8.30 6.17 -1.92
C GLU A 34 -7.70 5.44 -3.14
N ALA A 35 -6.37 5.50 -3.31
CA ALA A 35 -5.67 4.76 -4.35
C ALA A 35 -5.76 3.23 -4.17
N MET A 36 -5.70 2.72 -2.93
CA MET A 36 -5.89 1.29 -2.65
C MET A 36 -7.33 0.83 -2.85
N GLU A 37 -8.33 1.63 -2.47
CA GLU A 37 -9.75 1.29 -2.75
C GLU A 37 -10.07 1.31 -4.25
N SER A 38 -9.60 2.33 -4.99
CA SER A 38 -9.82 2.45 -6.45
C SER A 38 -9.01 1.44 -7.28
N THR A 39 -7.95 0.85 -6.75
CA THR A 39 -7.20 -0.26 -7.38
C THR A 39 -7.66 -1.65 -6.93
N GLY A 40 -8.61 -1.73 -5.99
CA GLY A 40 -9.17 -3.00 -5.51
C GLY A 40 -8.24 -3.77 -4.57
N GLY A 41 -7.34 -3.06 -3.87
CA GLY A 41 -6.32 -3.65 -3.00
C GLY A 41 -5.10 -4.14 -3.77
N ARG A 42 -4.41 -3.25 -4.49
CA ARG A 42 -3.11 -3.55 -5.13
C ARG A 42 -2.07 -2.47 -4.91
N VAL A 43 -1.14 -2.71 -3.97
CA VAL A 43 -0.12 -1.72 -3.54
C VAL A 43 0.77 -1.26 -4.69
N ARG A 44 1.16 -2.13 -5.63
CA ARG A 44 1.97 -1.75 -6.82
C ARG A 44 1.25 -0.74 -7.74
N ILE A 45 -0.05 -0.98 -7.99
CA ILE A 45 -0.88 -0.09 -8.82
C ILE A 45 -1.22 1.20 -8.05
N ALA A 46 -1.42 1.10 -6.73
CA ALA A 46 -1.69 2.26 -5.89
C ALA A 46 -0.48 3.21 -5.82
N ILE A 47 0.74 2.69 -5.60
CA ILE A 47 1.95 3.53 -5.63
C ILE A 47 2.23 4.07 -7.04
N ALA A 48 1.96 3.30 -8.10
CA ALA A 48 1.99 3.82 -9.47
C ALA A 48 0.99 4.98 -9.67
N LYS A 49 -0.24 4.87 -9.14
CA LYS A 49 -1.27 5.92 -9.22
C LYS A 49 -0.87 7.18 -8.44
N LEU A 50 -0.25 7.02 -7.26
CA LEU A 50 0.28 8.14 -6.46
C LEU A 50 1.49 8.81 -7.12
N LEU A 51 2.33 8.08 -7.85
CA LEU A 51 3.46 8.65 -8.62
C LEU A 51 3.02 9.31 -9.94
N SER A 52 1.91 8.86 -10.53
CA SER A 52 1.38 9.36 -11.82
C SER A 52 0.92 10.83 -11.82
N LYS A 53 0.92 11.51 -10.66
CA LYS A 53 0.71 12.98 -10.59
C LYS A 53 1.88 13.78 -11.19
N GLN A 54 3.08 13.17 -11.30
CA GLN A 54 4.24 13.74 -12.00
C GLN A 54 4.11 13.58 -13.53
N THR A 55 4.73 14.50 -14.29
CA THR A 55 4.67 14.56 -15.76
C THR A 55 6.04 14.71 -16.41
N SER A 56 6.18 14.26 -17.66
CA SER A 56 7.40 14.30 -18.47
C SER A 56 7.08 14.45 -19.97
N GLY A 57 8.10 14.78 -20.79
CA GLY A 57 7.96 15.01 -22.23
C GLY A 57 7.21 16.30 -22.58
N GLY A 58 6.44 16.27 -23.68
CA GLY A 58 5.65 17.40 -24.17
C GLY A 58 4.62 17.01 -25.24
N SER A 59 3.87 18.01 -25.73
CA SER A 59 2.78 17.83 -26.72
C SER A 59 3.25 17.73 -28.18
N GLY A 60 4.53 17.96 -28.46
CA GLY A 60 5.13 17.91 -29.80
C GLY A 60 6.65 18.02 -29.80
N GLY A 61 7.25 18.12 -31.00
CA GLY A 61 8.70 18.25 -31.21
C GLY A 61 9.51 16.95 -31.11
N SER A 62 8.85 15.81 -30.90
CA SER A 62 9.46 14.47 -30.84
C SER A 62 8.47 13.39 -31.29
N LYS A 63 8.98 12.27 -31.83
CA LYS A 63 8.20 11.11 -32.33
C LYS A 63 8.95 9.78 -32.17
N LEU A 64 8.19 8.68 -32.16
CA LEU A 64 8.66 7.28 -32.07
C LEU A 64 9.62 7.01 -30.89
N GLY A 65 9.39 7.67 -29.74
CA GLY A 65 10.19 7.52 -28.53
C GLY A 65 9.92 6.22 -27.74
N GLY A 66 10.84 5.87 -26.84
CA GLY A 66 10.76 4.69 -25.97
C GLY A 66 11.01 3.35 -26.67
N SER A 67 10.90 2.25 -25.90
CA SER A 67 11.10 0.87 -26.39
C SER A 67 9.96 0.38 -27.30
N GLY A 68 10.28 -0.54 -28.23
CA GLY A 68 9.32 -1.12 -29.17
C GLY A 68 8.36 -2.16 -28.55
N GLY A 69 7.22 -2.37 -29.22
CA GLY A 69 6.16 -3.31 -28.81
C GLY A 69 5.28 -2.83 -27.65
N SER A 70 4.10 -3.44 -27.50
CA SER A 70 3.09 -3.05 -26.49
C SER A 70 3.47 -3.44 -25.06
N ARG A 71 4.19 -4.57 -24.89
CA ARG A 71 4.61 -5.09 -23.57
C ARG A 71 5.95 -4.53 -23.06
N LYS A 72 6.77 -3.98 -23.97
CA LYS A 72 8.18 -3.55 -23.77
C LYS A 72 9.12 -4.69 -23.34
N ASP A 73 10.43 -4.46 -23.43
CA ASP A 73 11.46 -5.42 -23.03
C ASP A 73 11.52 -5.63 -21.51
N LEU A 74 11.78 -6.87 -21.06
CA LEU A 74 11.91 -7.29 -19.66
C LEU A 74 10.73 -6.81 -18.77
N SER A 75 9.50 -7.10 -19.21
CA SER A 75 8.26 -6.78 -18.49
C SER A 75 8.16 -7.45 -17.11
N VAL A 76 8.76 -8.64 -16.95
CA VAL A 76 9.00 -9.37 -15.71
C VAL A 76 10.42 -9.95 -15.67
N LYS A 77 10.91 -10.29 -14.47
CA LYS A 77 12.24 -10.88 -14.23
C LYS A 77 12.25 -11.82 -13.01
N GLY A 78 13.22 -12.75 -12.98
CA GLY A 78 13.53 -13.61 -11.82
C GLY A 78 12.39 -14.53 -11.34
N MET A 79 11.37 -14.77 -12.19
CA MET A 79 10.11 -15.44 -11.86
C MET A 79 9.42 -14.93 -10.57
N LEU A 80 9.53 -13.62 -10.28
CA LEU A 80 8.89 -12.97 -9.13
C LEU A 80 7.35 -13.05 -9.18
N TYR A 81 6.72 -13.18 -8.00
CA TYR A 81 5.27 -13.28 -7.83
C TYR A 81 4.62 -11.91 -7.51
N ASP A 82 3.28 -11.84 -7.56
CA ASP A 82 2.49 -10.64 -7.27
C ASP A 82 2.53 -10.23 -5.77
N SER A 83 2.33 -8.95 -5.49
CA SER A 83 2.54 -8.34 -4.16
C SER A 83 1.49 -8.72 -3.11
N ASP A 84 1.90 -8.83 -1.84
CA ASP A 84 1.05 -9.21 -0.70
C ASP A 84 0.20 -8.03 -0.17
N SER A 85 -0.68 -7.50 -1.03
CA SER A 85 -1.42 -6.26 -0.78
C SER A 85 -2.39 -6.31 0.40
N GLN A 86 -2.87 -7.50 0.80
CA GLN A 86 -3.92 -7.65 1.83
C GLN A 86 -3.50 -7.12 3.21
N GLN A 87 -2.25 -7.37 3.63
CA GLN A 87 -1.74 -6.85 4.92
C GLN A 87 -1.61 -5.31 4.89
N ILE A 88 -1.14 -4.75 3.77
CA ILE A 88 -1.00 -3.29 3.58
C ILE A 88 -2.39 -2.65 3.58
N LEU A 89 -3.35 -3.24 2.86
CA LEU A 89 -4.74 -2.78 2.82
C LEU A 89 -5.37 -2.79 4.22
N ASN A 90 -5.25 -3.89 4.98
CA ASN A 90 -5.74 -3.95 6.35
C ASN A 90 -5.14 -2.84 7.23
N ARG A 91 -3.79 -2.71 7.26
CA ARG A 91 -3.15 -1.71 8.13
C ARG A 91 -3.40 -0.28 7.68
N LEU A 92 -3.58 -0.02 6.38
CA LEU A 92 -3.98 1.29 5.88
C LEU A 92 -5.44 1.64 6.24
N ARG A 93 -6.36 0.66 6.23
CA ARG A 93 -7.73 0.84 6.74
C ARG A 93 -7.75 1.09 8.25
N GLU A 94 -6.89 0.43 9.03
CA GLU A 94 -6.74 0.74 10.46
C GLU A 94 -6.27 2.20 10.65
N ARG A 95 -5.16 2.60 9.99
CA ARG A 95 -4.58 3.95 10.10
C ARG A 95 -5.54 5.07 9.71
N VAL A 96 -6.26 4.90 8.60
CA VAL A 96 -7.08 5.97 7.99
C VAL A 96 -8.55 5.91 8.43
N SER A 97 -9.11 4.72 8.66
CA SER A 97 -10.54 4.51 8.95
C SER A 97 -10.82 3.99 10.37
N GLY A 98 -9.81 3.57 11.14
CA GLY A 98 -9.97 3.20 12.56
C GLY A 98 -10.18 4.41 13.50
N SER A 99 -10.47 4.12 14.77
CA SER A 99 -10.75 5.12 15.83
C SER A 99 -10.19 4.71 17.20
N THR A 100 -10.11 5.69 18.11
CA THR A 100 -9.68 5.52 19.52
C THR A 100 -8.29 4.86 19.66
N ALA A 101 -7.35 5.21 18.77
CA ALA A 101 -6.04 4.57 18.65
C ALA A 101 -5.13 4.74 19.89
N GLN A 102 -5.39 5.75 20.74
CA GLN A 102 -4.71 5.96 22.01
C GLN A 102 -5.08 4.91 23.09
N SER A 103 -6.21 4.21 22.93
CA SER A 103 -6.80 3.28 23.91
C SER A 103 -7.13 3.93 25.28
N ALA A 104 -7.62 3.12 26.23
CA ALA A 104 -7.99 3.52 27.59
C ALA A 104 -6.77 3.84 28.49
N SER A 1 11.01 -14.67 25.57
CA SER A 1 11.52 -13.41 24.96
C SER A 1 10.87 -12.16 25.57
N VAL A 2 9.58 -11.89 25.29
CA VAL A 2 8.80 -10.76 25.85
C VAL A 2 7.43 -11.21 26.39
N SER A 3 6.85 -10.43 27.30
CA SER A 3 5.51 -10.69 27.88
C SER A 3 4.40 -10.59 26.84
N ILE A 4 3.37 -11.43 26.96
CA ILE A 4 2.27 -11.57 25.98
C ILE A 4 1.41 -10.30 25.76
N LEU A 5 1.49 -9.32 26.68
CA LEU A 5 0.82 -8.02 26.56
C LEU A 5 1.46 -7.10 25.50
N ARG A 6 2.73 -7.34 25.12
CA ARG A 6 3.47 -6.54 24.13
C ARG A 6 3.08 -6.90 22.69
N SER A 7 3.10 -5.92 21.79
CA SER A 7 2.81 -6.11 20.36
C SER A 7 3.92 -6.87 19.63
N SER A 8 3.56 -7.65 18.60
CA SER A 8 4.51 -8.42 17.78
C SER A 8 5.26 -7.56 16.74
N VAL A 9 6.37 -8.10 16.20
CA VAL A 9 7.21 -7.40 15.20
C VAL A 9 6.45 -7.01 13.92
N ASN A 10 5.37 -7.72 13.58
CA ASN A 10 4.52 -7.41 12.41
C ASN A 10 3.89 -6.02 12.48
N HIS A 11 3.65 -5.46 13.69
CA HIS A 11 3.11 -4.10 13.84
C HIS A 11 4.11 -3.04 13.34
N ARG A 12 5.35 -3.07 13.83
CA ARG A 12 6.41 -2.15 13.36
C ARG A 12 6.86 -2.43 11.93
N GLU A 13 6.88 -3.69 11.51
CA GLU A 13 7.17 -4.10 10.12
C GLU A 13 6.20 -3.46 9.12
N VAL A 14 4.89 -3.57 9.36
CA VAL A 14 3.87 -3.06 8.43
C VAL A 14 3.70 -1.53 8.56
N ASP A 15 3.85 -0.95 9.76
CA ASP A 15 3.92 0.50 9.93
C ASP A 15 5.11 1.12 9.16
N GLU A 16 6.30 0.50 9.25
CA GLU A 16 7.48 0.91 8.48
C GLU A 16 7.25 0.75 6.97
N ALA A 17 6.65 -0.36 6.52
CA ALA A 17 6.36 -0.57 5.10
C ALA A 17 5.35 0.49 4.57
N ILE A 18 4.28 0.80 5.32
CA ILE A 18 3.34 1.87 4.96
C ILE A 18 4.07 3.21 4.88
N ASP A 19 4.87 3.58 5.88
CA ASP A 19 5.64 4.84 5.85
C ASP A 19 6.64 4.91 4.68
N ASN A 20 7.30 3.78 4.34
CA ASN A 20 8.18 3.69 3.19
C ASN A 20 7.42 3.96 1.88
N ILE A 21 6.25 3.33 1.66
CA ILE A 21 5.41 3.60 0.48
C ILE A 21 4.92 5.05 0.49
N LEU A 22 4.43 5.54 1.62
CA LEU A 22 3.88 6.88 1.79
C LEU A 22 4.90 7.97 1.40
N ARG A 23 6.15 7.84 1.87
CA ARG A 23 7.24 8.78 1.55
C ARG A 23 7.88 8.56 0.17
N TYR A 24 7.97 7.33 -0.32
CA TYR A 24 8.37 7.05 -1.71
C TYR A 24 7.39 7.66 -2.73
N THR A 25 6.09 7.57 -2.42
CA THR A 25 5.00 8.14 -3.24
C THR A 25 4.78 9.64 -2.96
N ASN A 26 5.39 10.17 -1.89
CA ASN A 26 5.17 11.53 -1.38
C ASN A 26 3.68 11.88 -1.17
N SER A 27 2.91 10.92 -0.67
CA SER A 27 1.45 11.01 -0.46
C SER A 27 1.08 11.21 1.02
N THR A 28 -0.21 11.43 1.28
CA THR A 28 -0.81 11.42 2.64
C THR A 28 -1.65 10.16 2.86
N GLU A 29 -1.87 9.74 4.11
CA GLU A 29 -2.46 8.42 4.42
C GLU A 29 -3.93 8.27 3.98
N GLN A 30 -4.71 9.37 4.02
CA GLN A 30 -6.09 9.37 3.50
C GLN A 30 -6.12 9.23 1.97
N GLN A 31 -5.24 9.97 1.28
CA GLN A 31 -5.02 9.86 -0.16
C GLN A 31 -4.57 8.44 -0.56
N PHE A 32 -3.68 7.81 0.23
CA PHE A 32 -3.24 6.43 0.00
C PHE A 32 -4.39 5.42 0.19
N LEU A 33 -5.24 5.58 1.21
CA LEU A 33 -6.44 4.75 1.39
C LEU A 33 -7.40 4.89 0.20
N GLU A 34 -7.66 6.11 -0.26
CA GLU A 34 -8.50 6.37 -1.44
C GLU A 34 -7.90 5.81 -2.74
N ALA A 35 -6.57 5.86 -2.89
CA ALA A 35 -5.86 5.26 -4.01
C ALA A 35 -5.95 3.74 -4.02
N MET A 36 -5.81 3.11 -2.84
CA MET A 36 -5.99 1.67 -2.67
C MET A 36 -7.44 1.24 -2.97
N GLU A 37 -8.43 1.97 -2.47
CA GLU A 37 -9.85 1.71 -2.79
C GLU A 37 -10.14 1.85 -4.30
N SER A 38 -9.57 2.87 -4.95
CA SER A 38 -9.72 3.11 -6.40
C SER A 38 -9.02 2.04 -7.27
N THR A 39 -7.92 1.46 -6.80
CA THR A 39 -7.09 0.48 -7.55
C THR A 39 -7.31 -0.99 -7.13
N GLY A 40 -8.29 -1.26 -6.26
CA GLY A 40 -8.67 -2.62 -5.84
C GLY A 40 -7.72 -3.23 -4.80
N GLY A 41 -6.94 -2.40 -4.10
CA GLY A 41 -6.04 -2.80 -3.02
C GLY A 41 -4.64 -3.24 -3.45
N ARG A 42 -4.30 -3.17 -4.74
CA ARG A 42 -2.94 -3.47 -5.25
C ARG A 42 -2.00 -2.31 -5.00
N VAL A 43 -1.08 -2.47 -4.04
CA VAL A 43 -0.13 -1.40 -3.63
C VAL A 43 0.70 -0.90 -4.81
N ARG A 44 1.18 -1.80 -5.69
CA ARG A 44 1.95 -1.43 -6.88
C ARG A 44 1.18 -0.52 -7.86
N ILE A 45 -0.12 -0.79 -8.06
CA ILE A 45 -0.99 0.01 -8.94
C ILE A 45 -1.33 1.35 -8.27
N ALA A 46 -1.53 1.37 -6.95
CA ALA A 46 -1.80 2.60 -6.20
C ALA A 46 -0.63 3.59 -6.29
N ILE A 47 0.59 3.12 -5.97
CA ILE A 47 1.79 3.97 -6.04
C ILE A 47 2.11 4.36 -7.49
N ALA A 48 1.89 3.46 -8.47
CA ALA A 48 2.03 3.79 -9.89
C ALA A 48 1.09 4.90 -10.35
N LYS A 49 -0.21 4.80 -10.03
CA LYS A 49 -1.23 5.81 -10.41
C LYS A 49 -1.02 7.15 -9.70
N LEU A 50 -0.46 7.14 -8.49
CA LEU A 50 -0.06 8.38 -7.79
C LEU A 50 1.23 9.00 -8.36
N LEU A 51 2.22 8.18 -8.76
CA LEU A 51 3.49 8.68 -9.32
C LEU A 51 3.36 9.16 -10.78
N SER A 52 2.54 8.52 -11.62
CA SER A 52 2.42 8.88 -13.05
C SER A 52 1.87 10.30 -13.30
N LYS A 53 1.10 10.84 -12.34
CA LYS A 53 0.58 12.23 -12.33
C LYS A 53 1.50 13.23 -11.61
N GLN A 54 2.59 12.75 -10.99
CA GLN A 54 3.47 13.54 -10.09
C GLN A 54 4.93 13.61 -10.53
N THR A 55 5.40 12.63 -11.30
CA THR A 55 6.74 12.58 -11.92
C THR A 55 7.08 13.82 -12.77
N SER A 56 6.06 14.47 -13.36
CA SER A 56 6.17 15.71 -14.14
C SER A 56 6.29 17.00 -13.29
N GLY A 57 6.17 16.87 -11.96
CA GLY A 57 6.03 17.99 -11.02
C GLY A 57 4.56 18.41 -10.80
N GLY A 58 3.61 17.84 -11.54
CA GLY A 58 2.16 18.09 -11.40
C GLY A 58 1.75 19.51 -11.81
N SER A 59 0.58 19.94 -11.30
CA SER A 59 0.00 21.28 -11.52
C SER A 59 -0.78 21.78 -10.29
N GLY A 60 -1.00 23.10 -10.20
CA GLY A 60 -1.66 23.75 -9.06
C GLY A 60 -0.79 23.77 -7.78
N GLY A 61 -1.44 23.97 -6.62
CA GLY A 61 -0.79 24.01 -5.31
C GLY A 61 -0.27 22.65 -4.84
N SER A 62 0.72 22.67 -3.93
CA SER A 62 1.39 21.47 -3.37
C SER A 62 0.62 20.78 -2.23
N LYS A 63 -0.38 21.44 -1.64
CA LYS A 63 -1.21 20.92 -0.54
C LYS A 63 -2.04 19.70 -0.99
N LEU A 64 -2.04 18.65 -0.17
CA LEU A 64 -2.74 17.37 -0.44
C LEU A 64 -4.15 17.34 0.20
N GLY A 65 -5.08 16.63 -0.44
CA GLY A 65 -6.46 16.46 0.05
C GLY A 65 -6.54 15.56 1.30
N GLY A 66 -7.35 15.98 2.27
CA GLY A 66 -7.55 15.26 3.55
C GLY A 66 -8.17 16.12 4.65
N SER A 67 -8.25 15.54 5.85
CA SER A 67 -8.78 16.15 7.09
C SER A 67 -7.92 15.88 8.34
N GLY A 68 -6.88 15.04 8.24
CA GLY A 68 -5.93 14.76 9.33
C GLY A 68 -6.41 13.65 10.29
N GLY A 69 -6.55 13.99 11.57
CA GLY A 69 -6.88 13.05 12.66
C GLY A 69 -5.69 12.23 13.16
N SER A 70 -5.87 11.52 14.28
CA SER A 70 -4.80 10.81 14.99
C SER A 70 -4.48 9.42 14.42
N ARG A 71 -5.45 8.78 13.74
CA ARG A 71 -5.30 7.49 13.02
C ARG A 71 -4.78 6.31 13.87
N LYS A 72 -5.20 6.26 15.15
CA LYS A 72 -4.80 5.25 16.15
C LYS A 72 -5.77 4.05 16.27
N ASP A 73 -6.82 4.01 15.45
CA ASP A 73 -7.97 3.08 15.57
C ASP A 73 -7.70 1.64 15.05
N LEU A 74 -6.47 1.13 15.25
CA LEU A 74 -6.06 -0.23 14.87
C LEU A 74 -6.82 -1.29 15.70
N SER A 75 -7.17 -2.42 15.06
CA SER A 75 -7.90 -3.53 15.70
C SER A 75 -6.96 -4.53 16.39
N VAL A 76 -7.41 -5.12 17.49
CA VAL A 76 -6.75 -6.24 18.20
C VAL A 76 -6.64 -7.50 17.31
N LYS A 77 -7.46 -7.62 16.26
CA LYS A 77 -7.43 -8.71 15.27
C LYS A 77 -6.32 -8.56 14.20
N GLY A 78 -5.59 -7.43 14.18
CA GLY A 78 -4.47 -7.21 13.26
C GLY A 78 -3.32 -8.20 13.49
N MET A 79 -2.89 -8.88 12.42
CA MET A 79 -1.90 -9.98 12.48
C MET A 79 -1.11 -10.13 11.16
N LEU A 80 -0.07 -10.97 11.18
CA LEU A 80 0.71 -11.33 9.98
C LEU A 80 -0.16 -12.01 8.92
N TYR A 81 -0.02 -11.57 7.66
CA TYR A 81 -0.68 -12.16 6.49
C TYR A 81 0.31 -12.35 5.32
N ASP A 82 0.07 -13.37 4.47
CA ASP A 82 1.04 -13.81 3.45
C ASP A 82 1.17 -12.85 2.25
N SER A 83 0.05 -12.31 1.75
CA SER A 83 0.03 -11.39 0.60
C SER A 83 0.21 -9.93 1.05
N ASP A 84 1.27 -9.26 0.58
CA ASP A 84 1.65 -7.93 1.05
C ASP A 84 0.61 -6.84 0.73
N SER A 85 -0.03 -6.88 -0.43
CA SER A 85 -1.11 -5.93 -0.77
C SER A 85 -2.31 -6.07 0.18
N GLN A 86 -2.68 -7.30 0.57
CA GLN A 86 -3.76 -7.53 1.54
C GLN A 86 -3.36 -7.12 2.96
N GLN A 87 -2.12 -7.40 3.39
CA GLN A 87 -1.57 -6.96 4.68
C GLN A 87 -1.59 -5.42 4.80
N ILE A 88 -1.09 -4.73 3.77
CA ILE A 88 -1.05 -3.26 3.70
C ILE A 88 -2.46 -2.68 3.63
N LEU A 89 -3.37 -3.24 2.80
CA LEU A 89 -4.76 -2.81 2.75
C LEU A 89 -5.46 -2.95 4.11
N ASN A 90 -5.33 -4.10 4.78
CA ASN A 90 -5.94 -4.32 6.08
C ASN A 90 -5.45 -3.30 7.11
N ARG A 91 -4.12 -3.15 7.29
CA ARG A 91 -3.59 -2.18 8.26
C ARG A 91 -3.90 -0.74 7.89
N LEU A 92 -3.91 -0.39 6.60
CA LEU A 92 -4.27 0.97 6.14
C LEU A 92 -5.76 1.27 6.35
N ARG A 93 -6.65 0.28 6.13
CA ARG A 93 -8.10 0.42 6.38
C ARG A 93 -8.39 0.62 7.87
N GLU A 94 -7.77 -0.16 8.75
CA GLU A 94 -7.96 0.04 10.20
C GLU A 94 -7.35 1.36 10.68
N ARG A 95 -6.13 1.70 10.22
CA ARG A 95 -5.44 2.96 10.54
C ARG A 95 -6.26 4.20 10.16
N VAL A 96 -6.80 4.23 8.94
CA VAL A 96 -7.50 5.42 8.40
C VAL A 96 -9.00 5.42 8.69
N SER A 97 -9.64 4.24 8.72
CA SER A 97 -11.10 4.08 8.78
C SER A 97 -11.61 3.16 9.91
N GLY A 98 -10.75 2.68 10.82
CA GLY A 98 -11.14 1.80 11.93
C GLY A 98 -12.13 2.45 12.93
N SER A 99 -12.17 3.78 12.99
CA SER A 99 -13.20 4.55 13.71
C SER A 99 -14.57 4.43 13.02
N THR A 100 -14.63 4.71 11.72
CA THR A 100 -15.83 4.59 10.87
C THR A 100 -16.39 3.17 10.86
N ALA A 101 -15.51 2.16 10.87
CA ALA A 101 -15.88 0.73 10.95
C ALA A 101 -16.57 0.32 12.28
N GLN A 102 -16.51 1.19 13.30
CA GLN A 102 -17.11 0.99 14.63
C GLN A 102 -18.24 1.99 14.96
N SER A 103 -18.58 2.90 14.04
CA SER A 103 -19.69 3.85 14.19
C SER A 103 -21.08 3.17 14.25
N ALA A 104 -22.01 3.76 15.01
CA ALA A 104 -23.40 3.31 15.12
C ALA A 104 -24.23 3.57 13.86
N SER A 1 -3.41 -13.18 28.35
CA SER A 1 -2.87 -13.01 29.74
C SER A 1 -1.33 -12.98 29.75
N VAL A 2 -0.66 -14.13 29.64
CA VAL A 2 0.82 -14.24 29.58
C VAL A 2 1.38 -13.92 28.18
N SER A 3 2.66 -13.52 28.13
CA SER A 3 3.37 -13.20 26.87
C SER A 3 3.57 -14.42 25.97
N ILE A 4 3.54 -14.21 24.64
CA ILE A 4 3.60 -15.27 23.61
C ILE A 4 5.02 -15.68 23.17
N LEU A 5 6.06 -15.03 23.72
CA LEU A 5 7.48 -15.22 23.36
C LEU A 5 7.72 -15.09 21.83
N ARG A 6 7.27 -13.96 21.27
CA ARG A 6 7.43 -13.51 19.87
C ARG A 6 7.07 -14.49 18.73
N SER A 7 6.20 -15.47 19.02
CA SER A 7 5.71 -16.44 18.02
C SER A 7 4.78 -15.83 16.96
N SER A 8 4.09 -14.73 17.27
CA SER A 8 3.19 -13.99 16.37
C SER A 8 3.94 -13.08 15.38
N VAL A 9 3.26 -12.70 14.28
CA VAL A 9 3.79 -11.76 13.28
C VAL A 9 3.79 -10.33 13.83
N ASN A 10 4.90 -9.61 13.69
CA ASN A 10 5.05 -8.22 14.11
C ASN A 10 4.59 -7.25 13.00
N HIS A 11 3.58 -6.42 13.27
CA HIS A 11 3.01 -5.48 12.30
C HIS A 11 3.80 -4.17 12.15
N ARG A 12 4.87 -3.94 12.95
CA ARG A 12 5.82 -2.83 12.72
C ARG A 12 6.44 -2.87 11.31
N GLU A 13 6.60 -4.06 10.73
CA GLU A 13 7.04 -4.22 9.34
C GLU A 13 6.04 -3.60 8.35
N VAL A 14 4.73 -3.77 8.58
CA VAL A 14 3.67 -3.16 7.76
C VAL A 14 3.57 -1.65 8.00
N ASP A 15 3.65 -1.21 9.26
CA ASP A 15 3.69 0.21 9.61
C ASP A 15 4.88 0.94 8.96
N GLU A 16 6.08 0.37 9.03
CA GLU A 16 7.27 0.92 8.37
C GLU A 16 7.15 0.87 6.83
N ALA A 17 6.61 -0.21 6.26
CA ALA A 17 6.41 -0.29 4.81
C ALA A 17 5.41 0.76 4.30
N ILE A 18 4.32 0.97 5.03
CA ILE A 18 3.34 2.04 4.75
C ILE A 18 3.99 3.43 4.85
N ASP A 19 4.75 3.71 5.91
CA ASP A 19 5.47 4.98 6.07
C ASP A 19 6.52 5.21 4.96
N ASN A 20 7.26 4.18 4.57
CA ASN A 20 8.22 4.24 3.46
C ASN A 20 7.53 4.54 2.12
N ILE A 21 6.40 3.87 1.84
CA ILE A 21 5.58 4.14 0.64
C ILE A 21 5.01 5.57 0.67
N LEU A 22 4.46 5.99 1.81
CA LEU A 22 3.88 7.31 2.01
C LEU A 22 4.90 8.43 1.70
N ARG A 23 6.14 8.29 2.17
CA ARG A 23 7.25 9.23 1.88
C ARG A 23 7.75 9.12 0.44
N TYR A 24 7.95 7.89 -0.08
CA TYR A 24 8.38 7.65 -1.46
C TYR A 24 7.42 8.22 -2.51
N THR A 25 6.11 8.13 -2.26
CA THR A 25 5.05 8.68 -3.13
C THR A 25 4.76 10.16 -2.89
N ASN A 26 5.38 10.81 -1.89
CA ASN A 26 5.13 12.22 -1.54
C ASN A 26 3.62 12.50 -1.25
N SER A 27 2.93 11.54 -0.64
CA SER A 27 1.47 11.54 -0.47
C SER A 27 1.03 11.68 0.99
N THR A 28 -0.30 11.81 1.20
CA THR A 28 -0.94 11.69 2.52
C THR A 28 -1.72 10.37 2.61
N GLU A 29 -1.90 9.83 3.82
CA GLU A 29 -2.43 8.46 4.03
C GLU A 29 -3.86 8.29 3.49
N GLN A 30 -4.66 9.37 3.45
CA GLN A 30 -5.99 9.36 2.82
C GLN A 30 -5.93 9.12 1.30
N GLN A 31 -4.92 9.67 0.61
CA GLN A 31 -4.70 9.43 -0.84
C GLN A 31 -4.27 7.98 -1.08
N PHE A 32 -3.37 7.46 -0.23
CA PHE A 32 -2.91 6.06 -0.32
C PHE A 32 -4.07 5.07 -0.05
N LEU A 33 -4.91 5.33 0.95
CA LEU A 33 -6.12 4.52 1.21
C LEU A 33 -7.10 4.57 0.05
N GLU A 34 -7.41 5.75 -0.47
CA GLU A 34 -8.33 5.91 -1.60
C GLU A 34 -7.82 5.20 -2.87
N ALA A 35 -6.52 5.31 -3.14
CA ALA A 35 -5.89 4.58 -4.24
C ALA A 35 -5.93 3.06 -4.03
N MET A 36 -5.58 2.57 -2.83
CA MET A 36 -5.64 1.12 -2.53
C MET A 36 -7.08 0.56 -2.59
N GLU A 37 -8.09 1.34 -2.21
CA GLU A 37 -9.49 0.96 -2.41
C GLU A 37 -9.85 0.93 -3.92
N SER A 38 -9.37 1.90 -4.70
CA SER A 38 -9.59 1.98 -6.15
C SER A 38 -8.86 0.87 -6.96
N THR A 39 -7.72 0.38 -6.47
CA THR A 39 -6.93 -0.69 -7.14
C THR A 39 -7.21 -2.10 -6.60
N GLY A 40 -8.06 -2.25 -5.57
CA GLY A 40 -8.36 -3.54 -4.94
C GLY A 40 -7.20 -4.09 -4.09
N GLY A 41 -6.41 -3.20 -3.49
CA GLY A 41 -5.23 -3.55 -2.68
C GLY A 41 -3.95 -3.82 -3.48
N ARG A 42 -3.92 -3.50 -4.79
CA ARG A 42 -2.72 -3.65 -5.63
C ARG A 42 -1.75 -2.50 -5.35
N VAL A 43 -0.85 -2.71 -4.39
CA VAL A 43 0.10 -1.66 -3.92
C VAL A 43 0.96 -1.10 -5.04
N ARG A 44 1.40 -1.92 -6.00
CA ARG A 44 2.16 -1.46 -7.18
C ARG A 44 1.39 -0.47 -8.06
N ILE A 45 0.09 -0.73 -8.27
CA ILE A 45 -0.79 0.15 -9.04
C ILE A 45 -1.13 1.41 -8.23
N ALA A 46 -1.30 1.28 -6.91
CA ALA A 46 -1.61 2.42 -6.04
C ALA A 46 -0.44 3.42 -5.98
N ILE A 47 0.80 2.93 -5.79
CA ILE A 47 1.99 3.81 -5.82
C ILE A 47 2.25 4.37 -7.22
N ALA A 48 2.00 3.58 -8.29
CA ALA A 48 2.05 4.08 -9.66
C ALA A 48 1.07 5.24 -9.90
N LYS A 49 -0.19 5.12 -9.44
CA LYS A 49 -1.21 6.20 -9.56
C LYS A 49 -0.82 7.45 -8.77
N LEU A 50 -0.36 7.28 -7.52
CA LEU A 50 0.13 8.39 -6.68
C LEU A 50 1.33 9.12 -7.30
N LEU A 51 2.25 8.41 -7.96
CA LEU A 51 3.37 9.02 -8.67
C LEU A 51 2.93 9.72 -9.97
N SER A 52 2.14 9.06 -10.82
CA SER A 52 1.68 9.62 -12.11
C SER A 52 0.73 10.83 -11.97
N LYS A 53 0.08 11.00 -10.81
CA LYS A 53 -0.72 12.20 -10.45
C LYS A 53 0.14 13.47 -10.31
N GLN A 54 1.43 13.33 -10.02
CA GLN A 54 2.39 14.41 -9.78
C GLN A 54 3.28 14.69 -11.00
N THR A 55 3.89 15.89 -11.06
CA THR A 55 4.74 16.35 -12.17
C THR A 55 6.21 15.90 -12.07
N SER A 56 6.68 15.55 -10.86
CA SER A 56 8.06 15.15 -10.55
C SER A 56 9.14 16.16 -11.02
N GLY A 57 8.80 17.46 -11.01
CA GLY A 57 9.70 18.54 -11.43
C GLY A 57 10.87 18.79 -10.46
N GLY A 58 11.93 19.42 -10.97
CA GLY A 58 13.14 19.79 -10.21
C GLY A 58 12.96 21.01 -9.29
N SER A 59 13.98 21.28 -8.47
CA SER A 59 14.03 22.38 -7.48
C SER A 59 15.33 23.18 -7.57
N GLY A 60 15.27 24.47 -7.27
CA GLY A 60 16.44 25.37 -7.26
C GLY A 60 17.49 25.00 -6.22
N GLY A 61 18.77 25.16 -6.57
CA GLY A 61 19.92 24.82 -5.70
C GLY A 61 20.24 23.33 -5.56
N SER A 62 19.51 22.45 -6.27
CA SER A 62 19.75 20.99 -6.27
C SER A 62 20.99 20.59 -7.08
N LYS A 63 21.62 19.45 -6.73
CA LYS A 63 22.81 18.91 -7.40
C LYS A 63 22.44 18.38 -8.80
N LEU A 64 22.97 19.02 -9.84
CA LEU A 64 22.78 18.67 -11.26
C LEU A 64 24.14 18.66 -12.01
N GLY A 65 24.28 17.75 -12.97
CA GLY A 65 25.52 17.55 -13.73
C GLY A 65 26.70 17.04 -12.88
N GLY A 66 27.93 17.22 -13.38
CA GLY A 66 29.18 16.94 -12.65
C GLY A 66 29.52 15.45 -12.42
N SER A 67 28.83 14.54 -13.11
CA SER A 67 28.93 13.06 -12.99
C SER A 67 28.58 12.50 -11.59
N GLY A 68 28.43 11.17 -11.50
CA GLY A 68 28.13 10.45 -10.25
C GLY A 68 27.70 8.99 -10.46
N GLY A 69 27.63 8.22 -9.37
CA GLY A 69 27.23 6.82 -9.36
C GLY A 69 28.27 5.85 -9.96
N SER A 70 27.87 4.58 -10.10
CA SER A 70 28.70 3.49 -10.66
C SER A 70 28.85 3.58 -12.19
N ARG A 71 29.95 3.04 -12.74
CA ARG A 71 30.27 3.06 -14.18
C ARG A 71 29.35 2.16 -15.04
N LYS A 72 28.76 1.12 -14.44
CA LYS A 72 27.81 0.17 -15.06
C LYS A 72 26.55 0.01 -14.19
N ASP A 73 25.45 -0.38 -14.83
CA ASP A 73 24.18 -0.66 -14.15
C ASP A 73 24.22 -1.98 -13.34
N LEU A 74 23.58 -1.97 -12.16
CA LEU A 74 23.53 -3.11 -11.23
C LEU A 74 22.11 -3.32 -10.65
N SER A 75 21.78 -4.57 -10.29
CA SER A 75 20.48 -4.97 -9.75
C SER A 75 20.21 -4.42 -8.34
N VAL A 76 18.93 -4.21 -8.01
CA VAL A 76 18.43 -3.72 -6.70
C VAL A 76 17.23 -4.54 -6.19
N LYS A 77 16.93 -4.41 -4.90
CA LYS A 77 15.82 -5.11 -4.21
C LYS A 77 15.10 -4.22 -3.17
N GLY A 78 13.89 -4.62 -2.79
CA GLY A 78 13.06 -3.94 -1.78
C GLY A 78 13.55 -4.14 -0.34
N MET A 79 12.96 -3.39 0.60
CA MET A 79 13.34 -3.36 2.02
C MET A 79 12.81 -4.55 2.85
N LEU A 80 11.91 -5.37 2.30
CA LEU A 80 11.37 -6.59 2.91
C LEU A 80 11.21 -7.73 1.88
N TYR A 81 11.27 -8.98 2.35
CA TYR A 81 11.27 -10.18 1.49
C TYR A 81 9.88 -10.51 0.90
N ASP A 82 8.81 -10.27 1.66
CA ASP A 82 7.42 -10.61 1.29
C ASP A 82 6.40 -9.58 1.79
N SER A 83 5.35 -9.35 1.02
CA SER A 83 4.24 -8.42 1.34
C SER A 83 2.91 -8.95 0.76
N ASP A 84 1.78 -8.50 1.32
CA ASP A 84 0.43 -9.03 1.02
C ASP A 84 -0.61 -7.90 0.85
N SER A 85 -1.32 -7.91 -0.29
CA SER A 85 -2.25 -6.87 -0.72
C SER A 85 -3.36 -6.56 0.30
N GLN A 86 -4.06 -7.59 0.78
CA GLN A 86 -5.13 -7.42 1.76
C GLN A 86 -4.60 -7.07 3.16
N GLN A 87 -3.40 -7.51 3.55
CA GLN A 87 -2.77 -7.11 4.82
C GLN A 87 -2.41 -5.62 4.82
N ILE A 88 -1.75 -5.11 3.77
CA ILE A 88 -1.46 -3.66 3.65
C ILE A 88 -2.77 -2.87 3.60
N LEU A 89 -3.76 -3.27 2.79
CA LEU A 89 -5.05 -2.57 2.72
C LEU A 89 -5.78 -2.56 4.06
N ASN A 90 -5.82 -3.68 4.79
CA ASN A 90 -6.48 -3.75 6.10
C ASN A 90 -5.80 -2.82 7.11
N ARG A 91 -4.46 -2.87 7.26
CA ARG A 91 -3.76 -1.97 8.20
C ARG A 91 -3.86 -0.49 7.77
N LEU A 92 -3.84 -0.21 6.47
CA LEU A 92 -4.04 1.15 5.94
C LEU A 92 -5.47 1.67 6.22
N ARG A 93 -6.50 0.81 6.09
CA ARG A 93 -7.88 1.18 6.40
C ARG A 93 -8.08 1.40 7.90
N GLU A 94 -7.51 0.54 8.75
CA GLU A 94 -7.59 0.71 10.21
C GLU A 94 -6.93 2.03 10.67
N ARG A 95 -5.70 2.33 10.23
CA ARG A 95 -5.00 3.56 10.63
C ARG A 95 -5.64 4.84 10.06
N VAL A 96 -6.16 4.80 8.81
CA VAL A 96 -6.80 5.97 8.19
C VAL A 96 -8.22 6.20 8.75
N SER A 97 -9.08 5.18 8.75
CA SER A 97 -10.47 5.32 9.24
C SER A 97 -10.52 5.53 10.76
N GLY A 98 -9.66 4.85 11.53
CA GLY A 98 -9.56 5.02 12.98
C GLY A 98 -9.08 6.41 13.44
N SER A 99 -8.50 7.20 12.53
CA SER A 99 -8.11 8.61 12.77
C SER A 99 -9.26 9.62 12.56
N THR A 100 -10.45 9.18 12.16
CA THR A 100 -11.63 10.05 11.92
C THR A 100 -12.96 9.47 12.45
N ALA A 101 -13.15 8.15 12.42
CA ALA A 101 -14.35 7.49 12.94
C ALA A 101 -14.49 7.67 14.46
N GLN A 102 -15.68 8.07 14.92
CA GLN A 102 -15.92 8.43 16.34
C GLN A 102 -16.13 7.20 17.25
N SER A 103 -16.41 6.03 16.67
CA SER A 103 -16.60 4.75 17.40
C SER A 103 -15.30 3.97 17.66
N ALA A 104 -14.16 4.45 17.15
CA ALA A 104 -12.84 3.82 17.28
C ALA A 104 -12.25 3.96 18.71
N SER A 1 -6.70 -23.10 2.81
CA SER A 1 -6.13 -23.33 4.17
C SER A 1 -4.71 -22.77 4.30
N VAL A 2 -4.29 -22.42 5.53
CA VAL A 2 -2.92 -21.92 5.82
C VAL A 2 -1.87 -23.04 5.81
N SER A 3 -0.60 -22.68 5.59
CA SER A 3 0.55 -23.59 5.60
C SER A 3 1.82 -22.90 6.14
N ILE A 4 2.83 -23.68 6.53
CA ILE A 4 4.09 -23.20 7.11
C ILE A 4 5.01 -22.63 6.00
N LEU A 5 5.63 -21.48 6.28
CA LEU A 5 6.59 -20.79 5.40
C LEU A 5 7.73 -20.12 6.19
N ARG A 6 8.87 -19.86 5.52
CA ARG A 6 10.10 -19.36 6.14
C ARG A 6 10.02 -17.85 6.46
N SER A 7 10.46 -17.48 7.67
CA SER A 7 10.49 -16.12 8.24
C SER A 7 9.11 -15.44 8.40
N SER A 8 9.07 -14.37 9.22
CA SER A 8 7.87 -13.59 9.54
C SER A 8 8.22 -12.12 9.88
N VAL A 9 7.21 -11.24 9.87
CA VAL A 9 7.33 -9.81 10.24
C VAL A 9 6.24 -9.38 11.22
N ASN A 10 6.55 -8.39 12.07
CA ASN A 10 5.61 -7.78 13.03
C ASN A 10 4.74 -6.70 12.36
N HIS A 11 3.58 -6.38 12.93
CA HIS A 11 2.70 -5.31 12.41
C HIS A 11 3.37 -3.93 12.37
N ARG A 12 4.35 -3.67 13.25
CA ARG A 12 5.19 -2.45 13.22
C ARG A 12 6.03 -2.34 11.94
N GLU A 13 6.49 -3.46 11.42
CA GLU A 13 7.28 -3.50 10.17
C GLU A 13 6.39 -3.27 8.94
N VAL A 14 5.15 -3.78 8.97
CA VAL A 14 4.13 -3.48 7.93
C VAL A 14 3.73 -2.00 7.98
N ASP A 15 3.55 -1.44 9.18
CA ASP A 15 3.25 -0.02 9.39
C ASP A 15 4.40 0.89 8.91
N GLU A 16 5.65 0.54 9.23
CA GLU A 16 6.85 1.22 8.75
C GLU A 16 6.97 1.16 7.21
N ALA A 17 6.68 0.01 6.60
CA ALA A 17 6.69 -0.12 5.14
C ALA A 17 5.62 0.79 4.49
N ILE A 18 4.41 0.83 5.06
CA ILE A 18 3.34 1.76 4.63
C ILE A 18 3.80 3.22 4.77
N ASP A 19 4.43 3.59 5.89
CA ASP A 19 4.96 4.94 6.11
C ASP A 19 6.08 5.31 5.12
N ASN A 20 6.95 4.35 4.80
CA ASN A 20 8.00 4.51 3.79
C ASN A 20 7.42 4.71 2.37
N ILE A 21 6.38 3.97 1.99
CA ILE A 21 5.66 4.18 0.71
C ILE A 21 4.98 5.55 0.69
N LEU A 22 4.31 5.93 1.78
CA LEU A 22 3.63 7.22 1.92
C LEU A 22 4.60 8.41 1.71
N ARG A 23 5.80 8.32 2.29
CA ARG A 23 6.87 9.32 2.09
C ARG A 23 7.48 9.25 0.69
N TYR A 24 7.80 8.05 0.20
CA TYR A 24 8.45 7.85 -1.11
C TYR A 24 7.60 8.35 -2.28
N THR A 25 6.28 8.15 -2.23
CA THR A 25 5.35 8.65 -3.27
C THR A 25 4.98 10.13 -3.10
N ASN A 26 5.42 10.79 -2.02
CA ASN A 26 5.10 12.18 -1.67
C ASN A 26 3.58 12.44 -1.66
N SER A 27 2.88 11.63 -0.85
CA SER A 27 1.40 11.57 -0.81
C SER A 27 0.84 11.80 0.59
N THR A 28 -0.48 12.08 0.67
CA THR A 28 -1.22 12.10 1.94
C THR A 28 -1.80 10.71 2.28
N GLU A 29 -2.11 10.46 3.55
CA GLU A 29 -2.74 9.19 3.95
C GLU A 29 -4.15 9.01 3.36
N GLN A 30 -4.88 10.12 3.15
CA GLN A 30 -6.17 10.12 2.44
C GLN A 30 -6.01 9.76 0.96
N GLN A 31 -4.96 10.28 0.29
CA GLN A 31 -4.63 9.89 -1.09
C GLN A 31 -4.27 8.39 -1.18
N PHE A 32 -3.52 7.84 -0.21
CA PHE A 32 -3.17 6.42 -0.20
C PHE A 32 -4.42 5.53 0.05
N LEU A 33 -5.31 5.92 0.96
CA LEU A 33 -6.61 5.26 1.14
C LEU A 33 -7.45 5.29 -0.14
N GLU A 34 -7.55 6.45 -0.79
CA GLU A 34 -8.30 6.59 -2.05
C GLU A 34 -7.69 5.77 -3.20
N ALA A 35 -6.36 5.72 -3.30
CA ALA A 35 -5.66 4.91 -4.30
C ALA A 35 -5.85 3.41 -4.06
N MET A 36 -5.78 2.94 -2.81
CA MET A 36 -6.06 1.53 -2.47
C MET A 36 -7.52 1.15 -2.71
N GLU A 37 -8.47 2.04 -2.38
CA GLU A 37 -9.91 1.83 -2.67
C GLU A 37 -10.19 1.79 -4.18
N SER A 38 -9.52 2.66 -4.96
CA SER A 38 -9.69 2.74 -6.42
C SER A 38 -9.03 1.57 -7.19
N THR A 39 -8.03 0.91 -6.58
CA THR A 39 -7.26 -0.18 -7.22
C THR A 39 -7.59 -1.57 -6.68
N GLY A 40 -8.55 -1.69 -5.75
CA GLY A 40 -8.94 -2.97 -5.15
C GLY A 40 -7.88 -3.54 -4.19
N GLY A 41 -7.07 -2.66 -3.59
CA GLY A 41 -6.02 -3.02 -2.64
C GLY A 41 -4.71 -3.53 -3.25
N ARG A 42 -4.51 -3.43 -4.58
CA ARG A 42 -3.22 -3.79 -5.22
C ARG A 42 -2.18 -2.71 -4.95
N VAL A 43 -1.31 -2.93 -3.98
CA VAL A 43 -0.29 -1.95 -3.56
C VAL A 43 0.61 -1.50 -4.71
N ARG A 44 0.93 -2.38 -5.68
CA ARG A 44 1.71 -2.01 -6.88
C ARG A 44 1.01 -0.97 -7.78
N ILE A 45 -0.28 -1.13 -8.01
CA ILE A 45 -1.09 -0.18 -8.81
C ILE A 45 -1.38 1.08 -7.99
N ALA A 46 -1.56 0.96 -6.68
CA ALA A 46 -1.75 2.10 -5.79
C ALA A 46 -0.49 3.00 -5.75
N ILE A 47 0.72 2.44 -5.60
CA ILE A 47 1.96 3.24 -5.65
C ILE A 47 2.21 3.78 -7.06
N ALA A 48 1.89 3.03 -8.13
CA ALA A 48 1.91 3.58 -9.50
C ALA A 48 0.99 4.80 -9.66
N LYS A 49 -0.23 4.74 -9.13
CA LYS A 49 -1.20 5.85 -9.12
C LYS A 49 -0.71 7.03 -8.28
N LEU A 50 -0.16 6.78 -7.09
CA LEU A 50 0.39 7.81 -6.20
C LEU A 50 1.65 8.48 -6.79
N LEU A 51 2.48 7.76 -7.55
CA LEU A 51 3.62 8.34 -8.26
C LEU A 51 3.19 9.18 -9.48
N SER A 52 2.16 8.73 -10.20
CA SER A 52 1.67 9.42 -11.41
C SER A 52 0.77 10.63 -11.11
N LYS A 53 -0.02 10.58 -10.02
CA LYS A 53 -1.00 11.61 -9.57
C LYS A 53 -1.98 12.07 -10.67
N GLN A 54 -2.27 11.18 -11.63
CA GLN A 54 -2.98 11.52 -12.86
C GLN A 54 -4.49 11.23 -12.82
N THR A 55 -5.24 11.83 -13.75
CA THR A 55 -6.71 11.72 -13.90
C THR A 55 -7.10 11.06 -15.24
N SER A 56 -8.32 10.53 -15.32
CA SER A 56 -8.85 9.79 -16.47
C SER A 56 -10.30 10.18 -16.82
N GLY A 57 -10.73 9.85 -18.05
CA GLY A 57 -12.10 10.08 -18.54
C GLY A 57 -12.41 11.52 -19.01
N GLY A 58 -11.44 12.43 -18.96
CA GLY A 58 -11.61 13.85 -19.37
C GLY A 58 -11.61 14.10 -20.87
N SER A 59 -11.16 13.13 -21.68
CA SER A 59 -11.09 13.19 -23.15
C SER A 59 -11.54 11.87 -23.81
N GLY A 60 -12.02 11.95 -25.05
CA GLY A 60 -12.36 10.79 -25.90
C GLY A 60 -11.13 10.09 -26.51
N GLY A 61 -11.38 9.13 -27.41
CA GLY A 61 -10.33 8.40 -28.14
C GLY A 61 -9.58 7.34 -27.31
N SER A 62 -10.20 6.83 -26.24
CA SER A 62 -9.65 5.79 -25.36
C SER A 62 -9.52 4.41 -26.05
N LYS A 63 -8.65 3.55 -25.49
CA LYS A 63 -8.31 2.21 -26.03
C LYS A 63 -8.41 1.14 -24.93
N LEU A 64 -8.91 -0.05 -25.29
CA LEU A 64 -9.18 -1.18 -24.40
C LEU A 64 -8.33 -2.42 -24.74
N GLY A 65 -8.17 -3.33 -23.78
CA GLY A 65 -7.41 -4.59 -23.90
C GLY A 65 -8.14 -5.70 -24.67
N GLY A 66 -8.74 -5.38 -25.81
CA GLY A 66 -9.56 -6.31 -26.61
C GLY A 66 -10.87 -6.70 -25.88
N SER A 67 -11.23 -7.98 -25.94
CA SER A 67 -12.40 -8.56 -25.28
C SER A 67 -12.08 -9.96 -24.70
N GLY A 68 -13.09 -10.67 -24.21
CA GLY A 68 -12.99 -12.09 -23.83
C GLY A 68 -12.94 -13.01 -25.05
N GLY A 69 -12.06 -14.01 -25.03
CA GLY A 69 -11.90 -14.99 -26.13
C GLY A 69 -11.20 -14.46 -27.40
N SER A 70 -10.59 -13.27 -27.34
CA SER A 70 -9.81 -12.65 -28.43
C SER A 70 -8.41 -12.21 -27.96
N ARG A 71 -7.49 -11.97 -28.92
CA ARG A 71 -6.08 -11.64 -28.65
C ARG A 71 -5.89 -10.20 -28.15
N LYS A 72 -5.00 -10.02 -27.17
CA LYS A 72 -4.47 -8.73 -26.69
C LYS A 72 -3.00 -8.81 -26.25
N ASP A 73 -2.33 -7.66 -26.15
CA ASP A 73 -0.90 -7.58 -25.77
C ASP A 73 -0.70 -7.78 -24.26
N LEU A 74 -0.21 -8.98 -23.88
CA LEU A 74 0.17 -9.36 -22.51
C LEU A 74 1.27 -10.45 -22.50
N SER A 75 1.77 -10.80 -21.32
CA SER A 75 2.67 -11.94 -21.09
C SER A 75 2.01 -12.96 -20.14
N VAL A 76 1.99 -14.24 -20.53
CA VAL A 76 1.30 -15.31 -19.79
C VAL A 76 2.16 -15.91 -18.66
N LYS A 77 1.48 -16.36 -17.59
CA LYS A 77 2.05 -16.96 -16.37
C LYS A 77 3.12 -16.13 -15.62
N GLY A 78 3.26 -14.83 -15.95
CA GLY A 78 4.25 -13.92 -15.36
C GLY A 78 3.77 -13.23 -14.08
N MET A 79 4.69 -12.52 -13.42
CA MET A 79 4.48 -11.80 -12.15
C MET A 79 3.79 -10.43 -12.30
N LEU A 80 2.83 -10.31 -13.22
CA LEU A 80 2.21 -9.04 -13.63
C LEU A 80 1.13 -8.53 -12.66
N TYR A 81 0.48 -9.44 -11.92
CA TYR A 81 -0.73 -9.15 -11.12
C TYR A 81 -0.64 -9.50 -9.63
N ASP A 82 0.53 -9.91 -9.13
CA ASP A 82 0.74 -10.31 -7.72
C ASP A 82 1.32 -9.17 -6.87
N SER A 83 0.86 -9.02 -5.62
CA SER A 83 1.43 -8.13 -4.59
C SER A 83 0.99 -8.53 -3.17
N ASP A 84 1.54 -7.89 -2.14
CA ASP A 84 1.16 -8.05 -0.72
C ASP A 84 -0.19 -7.34 -0.38
N SER A 85 -1.14 -7.38 -1.31
CA SER A 85 -2.39 -6.61 -1.33
C SER A 85 -3.20 -6.66 -0.03
N GLN A 86 -3.51 -7.87 0.46
CA GLN A 86 -4.44 -8.03 1.59
C GLN A 86 -3.84 -7.55 2.92
N GLN A 87 -2.57 -7.86 3.20
CA GLN A 87 -1.90 -7.40 4.44
C GLN A 87 -1.68 -5.89 4.45
N ILE A 88 -1.25 -5.31 3.32
CA ILE A 88 -1.09 -3.86 3.18
C ILE A 88 -2.45 -3.16 3.25
N LEU A 89 -3.49 -3.66 2.56
CA LEU A 89 -4.83 -3.07 2.64
C LEU A 89 -5.39 -3.12 4.06
N ASN A 90 -5.23 -4.25 4.76
CA ASN A 90 -5.65 -4.37 6.16
C ASN A 90 -4.96 -3.33 7.04
N ARG A 91 -3.62 -3.27 7.06
CA ARG A 91 -2.93 -2.28 7.93
C ARG A 91 -3.19 -0.84 7.49
N LEU A 92 -3.27 -0.56 6.19
CA LEU A 92 -3.53 0.79 5.66
C LEU A 92 -4.95 1.28 6.02
N ARG A 93 -5.97 0.45 5.78
CA ARG A 93 -7.37 0.80 6.10
C ARG A 93 -7.58 0.95 7.62
N GLU A 94 -6.92 0.13 8.42
CA GLU A 94 -6.93 0.31 9.88
C GLU A 94 -6.20 1.60 10.32
N ARG A 95 -5.02 1.88 9.76
CA ARG A 95 -4.21 3.07 10.06
C ARG A 95 -4.96 4.38 9.75
N VAL A 96 -5.66 4.44 8.62
CA VAL A 96 -6.36 5.65 8.15
C VAL A 96 -7.81 5.75 8.65
N SER A 97 -8.52 4.63 8.74
CA SER A 97 -9.98 4.60 8.98
C SER A 97 -10.45 3.65 10.09
N GLY A 98 -9.56 2.99 10.83
CA GLY A 98 -9.96 2.02 11.87
C GLY A 98 -10.79 2.60 13.03
N SER A 99 -10.69 3.92 13.25
CA SER A 99 -11.49 4.69 14.24
C SER A 99 -12.89 5.10 13.74
N THR A 100 -13.17 5.03 12.43
CA THR A 100 -14.42 5.51 11.81
C THR A 100 -15.18 4.42 11.04
N ALA A 101 -14.51 3.38 10.54
CA ALA A 101 -15.12 2.26 9.80
C ALA A 101 -16.09 1.40 10.63
N GLN A 102 -16.03 1.49 11.97
CA GLN A 102 -16.96 0.83 12.89
C GLN A 102 -18.38 1.46 12.88
N SER A 103 -18.50 2.74 12.50
CA SER A 103 -19.76 3.48 12.49
C SER A 103 -20.68 3.10 11.30
N ALA A 104 -21.99 3.20 11.50
CA ALA A 104 -23.05 2.92 10.52
C ALA A 104 -24.24 3.91 10.62
N SER A 1 4.67 -25.90 11.43
CA SER A 1 5.76 -25.35 10.57
C SER A 1 6.64 -24.36 11.34
N VAL A 2 7.91 -24.20 10.91
CA VAL A 2 8.90 -23.26 11.48
C VAL A 2 9.60 -22.43 10.39
N SER A 3 10.21 -21.30 10.78
CA SER A 3 10.97 -20.41 9.89
C SER A 3 12.22 -19.85 10.59
N ILE A 4 13.14 -19.29 9.79
CA ILE A 4 14.41 -18.66 10.24
C ILE A 4 14.34 -17.12 10.31
N LEU A 5 13.26 -16.50 9.80
CA LEU A 5 13.01 -15.05 9.87
C LEU A 5 11.50 -14.71 9.94
N ARG A 6 11.19 -13.56 10.55
CA ARG A 6 9.82 -13.01 10.73
C ARG A 6 8.83 -13.97 11.44
N SER A 7 9.34 -14.94 12.21
CA SER A 7 8.57 -16.01 12.85
C SER A 7 7.54 -15.53 13.89
N SER A 8 7.75 -14.32 14.45
CA SER A 8 6.83 -13.64 15.37
C SER A 8 5.66 -12.92 14.69
N VAL A 9 5.68 -12.80 13.36
CA VAL A 9 4.70 -12.05 12.53
C VAL A 9 4.52 -10.60 13.03
N ASN A 10 5.65 -9.91 13.26
CA ASN A 10 5.71 -8.55 13.81
C ASN A 10 5.03 -7.53 12.87
N HIS A 11 4.04 -6.79 13.38
CA HIS A 11 3.29 -5.77 12.62
C HIS A 11 4.12 -4.54 12.24
N ARG A 12 5.27 -4.30 12.89
CA ARG A 12 6.17 -3.19 12.55
C ARG A 12 6.63 -3.23 11.09
N GLU A 13 6.77 -4.42 10.51
CA GLU A 13 7.14 -4.58 9.10
C GLU A 13 6.06 -3.97 8.17
N VAL A 14 4.78 -4.18 8.49
CA VAL A 14 3.63 -3.63 7.74
C VAL A 14 3.52 -2.11 7.97
N ASP A 15 3.69 -1.67 9.21
CA ASP A 15 3.71 -0.23 9.58
C ASP A 15 4.86 0.53 8.88
N GLU A 16 6.06 -0.04 8.90
CA GLU A 16 7.25 0.51 8.22
C GLU A 16 7.06 0.53 6.70
N ALA A 17 6.49 -0.53 6.11
CA ALA A 17 6.22 -0.55 4.68
C ALA A 17 5.21 0.54 4.26
N ILE A 18 4.13 0.74 5.03
CA ILE A 18 3.16 1.83 4.82
C ILE A 18 3.86 3.20 4.92
N ASP A 19 4.66 3.45 5.95
CA ASP A 19 5.38 4.72 6.10
C ASP A 19 6.42 4.96 4.99
N ASN A 20 7.14 3.91 4.57
CA ASN A 20 8.09 3.99 3.46
C ASN A 20 7.39 4.32 2.13
N ILE A 21 6.24 3.70 1.85
CA ILE A 21 5.41 4.04 0.66
C ILE A 21 4.90 5.47 0.75
N LEU A 22 4.36 5.87 1.91
CA LEU A 22 3.82 7.20 2.15
C LEU A 22 4.88 8.31 1.94
N ARG A 23 6.12 8.07 2.39
CA ARG A 23 7.28 8.95 2.14
C ARG A 23 7.74 8.92 0.68
N TYR A 24 7.89 7.74 0.09
CA TYR A 24 8.35 7.56 -1.30
C TYR A 24 7.41 8.22 -2.34
N THR A 25 6.10 8.11 -2.14
CA THR A 25 5.08 8.75 -2.99
C THR A 25 4.83 10.22 -2.65
N ASN A 26 5.39 10.72 -1.53
CA ASN A 26 5.13 12.05 -0.94
C ASN A 26 3.62 12.40 -0.81
N SER A 27 2.80 11.37 -0.58
CA SER A 27 1.33 11.45 -0.53
C SER A 27 0.78 11.60 0.89
N THR A 28 -0.55 11.65 1.01
CA THR A 28 -1.27 11.54 2.30
C THR A 28 -1.86 10.14 2.43
N GLU A 29 -2.01 9.65 3.66
CA GLU A 29 -2.53 8.30 3.91
C GLU A 29 -3.97 8.12 3.41
N GLN A 30 -4.79 9.18 3.42
CA GLN A 30 -6.13 9.16 2.82
C GLN A 30 -6.10 9.04 1.28
N GLN A 31 -5.13 9.66 0.61
CA GLN A 31 -4.93 9.48 -0.84
C GLN A 31 -4.41 8.07 -1.16
N PHE A 32 -3.50 7.52 -0.34
CA PHE A 32 -3.03 6.15 -0.47
C PHE A 32 -4.17 5.14 -0.26
N LEU A 33 -5.05 5.34 0.74
CA LEU A 33 -6.24 4.51 0.97
C LEU A 33 -7.23 4.59 -0.20
N GLU A 34 -7.50 5.80 -0.70
CA GLU A 34 -8.38 6.01 -1.86
C GLU A 34 -7.84 5.34 -3.14
N ALA A 35 -6.53 5.42 -3.37
CA ALA A 35 -5.88 4.74 -4.48
C ALA A 35 -5.92 3.20 -4.31
N MET A 36 -5.66 2.67 -3.12
CA MET A 36 -5.80 1.24 -2.84
C MET A 36 -7.24 0.74 -3.02
N GLU A 37 -8.25 1.53 -2.64
CA GLU A 37 -9.65 1.22 -2.94
C GLU A 37 -9.94 1.23 -4.46
N SER A 38 -9.35 2.18 -5.19
CA SER A 38 -9.44 2.27 -6.66
C SER A 38 -8.78 1.09 -7.39
N THR A 39 -7.71 0.50 -6.83
CA THR A 39 -6.96 -0.61 -7.46
C THR A 39 -7.32 -2.00 -6.94
N GLY A 40 -8.25 -2.11 -5.98
CA GLY A 40 -8.61 -3.40 -5.36
C GLY A 40 -7.54 -3.95 -4.41
N GLY A 41 -6.76 -3.07 -3.79
CA GLY A 41 -5.68 -3.40 -2.86
C GLY A 41 -4.32 -3.68 -3.50
N ARG A 42 -4.13 -3.38 -4.80
CA ARG A 42 -2.85 -3.58 -5.50
C ARG A 42 -1.89 -2.43 -5.22
N VAL A 43 -0.96 -2.66 -4.29
CA VAL A 43 0.04 -1.66 -3.84
C VAL A 43 0.83 -1.08 -5.02
N ARG A 44 1.31 -1.93 -5.94
CA ARG A 44 2.09 -1.47 -7.11
C ARG A 44 1.32 -0.49 -8.02
N ILE A 45 0.03 -0.76 -8.23
CA ILE A 45 -0.84 0.11 -9.05
C ILE A 45 -1.23 1.36 -8.25
N ALA A 46 -1.43 1.24 -6.93
CA ALA A 46 -1.76 2.39 -6.07
C ALA A 46 -0.59 3.40 -6.00
N ILE A 47 0.64 2.92 -5.78
CA ILE A 47 1.83 3.80 -5.79
C ILE A 47 2.09 4.33 -7.20
N ALA A 48 1.85 3.55 -8.26
CA ALA A 48 1.90 4.06 -9.64
C ALA A 48 0.91 5.22 -9.89
N LYS A 49 -0.35 5.10 -9.44
CA LYS A 49 -1.37 6.17 -9.57
C LYS A 49 -1.06 7.41 -8.72
N LEU A 50 -0.42 7.23 -7.56
CA LEU A 50 0.10 8.34 -6.75
C LEU A 50 1.29 9.04 -7.44
N LEU A 51 2.23 8.29 -8.00
CA LEU A 51 3.40 8.86 -8.70
C LEU A 51 3.02 9.58 -10.01
N SER A 52 2.00 9.10 -10.75
CA SER A 52 1.43 9.81 -11.90
C SER A 52 0.37 10.86 -11.55
N LYS A 53 -0.02 10.96 -10.27
CA LYS A 53 -1.16 11.74 -9.76
C LYS A 53 -2.44 11.65 -10.62
N GLN A 54 -2.66 10.48 -11.23
CA GLN A 54 -3.73 10.17 -12.19
C GLN A 54 -3.76 11.10 -13.43
N THR A 55 -2.58 11.47 -13.95
CA THR A 55 -2.43 12.30 -15.17
C THR A 55 -1.85 11.57 -16.39
N SER A 56 -1.40 10.31 -16.23
CA SER A 56 -0.91 9.44 -17.32
C SER A 56 -1.21 7.95 -17.08
N GLY A 57 -1.29 7.18 -18.17
CA GLY A 57 -1.60 5.73 -18.14
C GLY A 57 -2.21 5.22 -19.45
N GLY A 58 -2.63 3.95 -19.47
CA GLY A 58 -3.36 3.34 -20.59
C GLY A 58 -2.50 2.99 -21.82
N SER A 59 -1.17 2.91 -21.67
CA SER A 59 -0.21 2.71 -22.78
C SER A 59 -0.31 1.33 -23.45
N GLY A 60 -0.81 0.31 -22.75
CA GLY A 60 -0.97 -1.07 -23.25
C GLY A 60 0.35 -1.83 -23.46
N GLY A 61 0.25 -3.01 -24.08
CA GLY A 61 1.38 -3.89 -24.41
C GLY A 61 0.95 -5.24 -25.00
N SER A 62 1.93 -6.00 -25.53
CA SER A 62 1.72 -7.31 -26.18
C SER A 62 1.67 -8.49 -25.19
N LYS A 63 2.22 -8.32 -23.98
CA LYS A 63 2.25 -9.35 -22.92
C LYS A 63 0.85 -9.59 -22.32
N LEU A 64 0.52 -10.86 -22.08
CA LEU A 64 -0.66 -11.30 -21.32
C LEU A 64 -0.31 -12.50 -20.42
N GLY A 65 -1.06 -12.70 -19.34
CA GLY A 65 -0.92 -13.84 -18.42
C GLY A 65 -1.44 -15.17 -19.01
N GLY A 66 -0.96 -16.29 -18.49
CA GLY A 66 -1.35 -17.64 -18.90
C GLY A 66 -2.71 -18.10 -18.34
N SER A 67 -3.35 -19.03 -19.06
CA SER A 67 -4.74 -19.46 -18.81
C SER A 67 -4.98 -20.98 -18.92
N GLY A 68 -3.93 -21.79 -19.12
CA GLY A 68 -4.03 -23.25 -19.26
C GLY A 68 -2.69 -23.98 -19.15
N GLY A 69 -2.73 -25.30 -18.98
CA GLY A 69 -1.58 -26.16 -18.64
C GLY A 69 -0.48 -26.28 -19.73
N SER A 70 -0.73 -25.75 -20.95
CA SER A 70 0.27 -25.63 -22.02
C SER A 70 1.34 -24.56 -21.75
N ARG A 71 1.14 -23.69 -20.73
CA ARG A 71 2.05 -22.63 -20.28
C ARG A 71 2.31 -22.73 -18.77
N LYS A 72 3.51 -22.35 -18.32
CA LYS A 72 3.95 -22.40 -16.90
C LYS A 72 3.50 -21.16 -16.09
N ASP A 73 2.30 -20.68 -16.35
CA ASP A 73 1.68 -19.52 -15.70
C ASP A 73 0.14 -19.64 -15.70
N LEU A 74 -0.51 -19.25 -14.60
CA LEU A 74 -1.97 -19.25 -14.40
C LEU A 74 -2.41 -18.03 -13.58
N SER A 75 -3.62 -17.53 -13.83
CA SER A 75 -4.21 -16.40 -13.08
C SER A 75 -4.38 -16.67 -11.58
N VAL A 76 -4.58 -17.93 -11.19
CA VAL A 76 -4.67 -18.40 -9.79
C VAL A 76 -3.32 -18.81 -9.17
N LYS A 77 -2.21 -18.70 -9.92
CA LYS A 77 -0.81 -18.92 -9.49
C LYS A 77 -0.56 -20.24 -8.72
N GLY A 78 -1.30 -21.30 -9.03
CA GLY A 78 -1.23 -22.59 -8.30
C GLY A 78 -1.56 -22.49 -6.80
N MET A 79 -2.35 -21.47 -6.41
CA MET A 79 -2.63 -21.07 -5.02
C MET A 79 -1.40 -20.66 -4.19
N LEU A 80 -0.29 -20.28 -4.85
CA LEU A 80 0.93 -19.76 -4.23
C LEU A 80 1.04 -18.24 -4.43
N TYR A 81 1.17 -17.49 -3.33
CA TYR A 81 1.24 -16.03 -3.31
C TYR A 81 2.36 -15.52 -2.40
N ASP A 82 2.93 -14.35 -2.73
CA ASP A 82 4.09 -13.76 -2.06
C ASP A 82 3.99 -12.22 -1.97
N SER A 83 2.87 -11.74 -1.39
CA SER A 83 2.57 -10.31 -1.22
C SER A 83 1.83 -10.03 0.10
N ASP A 84 2.02 -8.82 0.64
CA ASP A 84 1.37 -8.32 1.87
C ASP A 84 0.17 -7.41 1.58
N SER A 85 -0.30 -7.33 0.32
CA SER A 85 -1.31 -6.40 -0.19
C SER A 85 -2.55 -6.26 0.72
N GLN A 86 -3.13 -7.38 1.17
CA GLN A 86 -4.31 -7.38 2.03
C GLN A 86 -4.02 -6.86 3.44
N GLN A 87 -2.84 -7.16 4.01
CA GLN A 87 -2.46 -6.67 5.35
C GLN A 87 -2.02 -5.20 5.33
N ILE A 88 -1.37 -4.76 4.24
CA ILE A 88 -1.08 -3.34 3.96
C ILE A 88 -2.40 -2.56 3.89
N LEU A 89 -3.39 -3.05 3.13
CA LEU A 89 -4.72 -2.44 3.08
C LEU A 89 -5.41 -2.44 4.46
N ASN A 90 -5.37 -3.55 5.19
CA ASN A 90 -6.00 -3.65 6.51
C ASN A 90 -5.43 -2.60 7.49
N ARG A 91 -4.11 -2.49 7.63
CA ARG A 91 -3.48 -1.51 8.54
C ARG A 91 -3.61 -0.07 8.05
N LEU A 92 -3.61 0.16 6.73
CA LEU A 92 -3.89 1.48 6.14
C LEU A 92 -5.36 1.90 6.39
N ARG A 93 -6.30 0.97 6.30
CA ARG A 93 -7.73 1.21 6.59
C ARG A 93 -7.97 1.49 8.07
N GLU A 94 -7.29 0.79 8.98
CA GLU A 94 -7.33 1.12 10.41
C GLU A 94 -6.80 2.54 10.67
N ARG A 95 -5.61 2.87 10.15
CA ARG A 95 -4.98 4.19 10.36
C ARG A 95 -5.79 5.36 9.76
N VAL A 96 -6.41 5.16 8.60
CA VAL A 96 -7.18 6.19 7.89
C VAL A 96 -8.64 6.27 8.33
N SER A 97 -9.32 5.12 8.46
CA SER A 97 -10.76 5.03 8.64
C SER A 97 -11.21 4.61 10.06
N GLY A 98 -10.30 4.14 10.93
CA GLY A 98 -10.62 3.79 12.32
C GLY A 98 -10.95 5.00 13.20
N SER A 99 -11.82 4.79 14.20
CA SER A 99 -12.26 5.83 15.16
C SER A 99 -11.29 6.01 16.33
N THR A 100 -11.32 7.19 16.97
CA THR A 100 -10.44 7.58 18.08
C THR A 100 -11.06 7.44 19.48
N ALA A 101 -12.36 7.11 19.57
CA ALA A 101 -13.09 6.98 20.83
C ALA A 101 -12.71 5.70 21.62
N GLN A 102 -12.87 5.74 22.95
CA GLN A 102 -12.63 4.64 23.88
C GLN A 102 -13.52 4.71 25.13
N SER A 103 -13.53 3.63 25.93
CA SER A 103 -14.11 3.57 27.28
C SER A 103 -15.59 3.96 27.39
N ALA A 104 -16.38 3.68 26.33
CA ALA A 104 -17.81 3.96 26.20
C ALA A 104 -18.57 2.82 25.49
N SER A 1 17.99 11.40 20.76
CA SER A 1 17.08 10.21 20.84
C SER A 1 16.51 10.01 22.24
N VAL A 2 15.35 9.36 22.36
CA VAL A 2 14.67 9.03 23.63
C VAL A 2 14.20 7.57 23.67
N SER A 3 14.02 7.01 24.87
CA SER A 3 13.47 5.65 25.06
C SER A 3 11.97 5.58 24.72
N ILE A 4 11.54 4.41 24.23
CA ILE A 4 10.19 4.13 23.71
C ILE A 4 9.69 2.72 24.11
N LEU A 5 8.38 2.51 24.03
CA LEU A 5 7.73 1.22 24.30
C LEU A 5 7.89 0.23 23.11
N ARG A 6 7.87 -1.08 23.42
CA ARG A 6 7.95 -2.17 22.42
C ARG A 6 6.61 -2.42 21.72
N SER A 7 6.68 -3.00 20.51
CA SER A 7 5.52 -3.39 19.70
C SER A 7 5.80 -4.66 18.87
N SER A 8 4.76 -5.33 18.38
CA SER A 8 4.86 -6.59 17.62
C SER A 8 5.56 -6.39 16.27
N VAL A 9 6.64 -7.14 16.02
CA VAL A 9 7.51 -6.94 14.82
C VAL A 9 6.75 -7.23 13.52
N ASN A 10 5.87 -8.25 13.52
CA ASN A 10 4.99 -8.58 12.39
C ASN A 10 4.16 -7.37 11.94
N HIS A 11 3.56 -6.65 12.90
CA HIS A 11 2.69 -5.50 12.67
C HIS A 11 3.50 -4.24 12.33
N ARG A 12 4.62 -4.01 13.06
CA ARG A 12 5.52 -2.88 12.80
C ARG A 12 6.16 -2.95 11.40
N GLU A 13 6.48 -4.13 10.89
CA GLU A 13 7.03 -4.27 9.54
C GLU A 13 6.07 -3.75 8.46
N VAL A 14 4.77 -4.05 8.58
CA VAL A 14 3.73 -3.55 7.65
C VAL A 14 3.47 -2.05 7.86
N ASP A 15 3.42 -1.59 9.11
CA ASP A 15 3.30 -0.16 9.47
C ASP A 15 4.48 0.69 8.95
N GLU A 16 5.70 0.18 9.10
CA GLU A 16 6.91 0.80 8.55
C GLU A 16 6.93 0.79 7.03
N ALA A 17 6.47 -0.30 6.39
CA ALA A 17 6.38 -0.36 4.94
C ALA A 17 5.35 0.66 4.40
N ILE A 18 4.22 0.84 5.09
CA ILE A 18 3.25 1.92 4.82
C ILE A 18 3.91 3.30 4.93
N ASP A 19 4.64 3.59 6.01
CA ASP A 19 5.34 4.87 6.17
C ASP A 19 6.41 5.11 5.09
N ASN A 20 7.16 4.07 4.71
CA ASN A 20 8.15 4.15 3.63
C ASN A 20 7.49 4.41 2.26
N ILE A 21 6.39 3.72 1.93
CA ILE A 21 5.60 3.99 0.74
C ILE A 21 5.06 5.42 0.77
N LEU A 22 4.46 5.85 1.89
CA LEU A 22 3.86 7.17 2.06
C LEU A 22 4.89 8.32 1.91
N ARG A 23 6.12 8.11 2.39
CA ARG A 23 7.26 9.01 2.16
C ARG A 23 7.67 9.02 0.68
N TYR A 24 7.73 7.86 0.02
CA TYR A 24 8.12 7.74 -1.40
C TYR A 24 7.06 8.34 -2.36
N THR A 25 5.77 8.16 -2.11
CA THR A 25 4.68 8.72 -2.93
C THR A 25 4.47 10.23 -2.72
N ASN A 26 4.97 10.80 -1.61
CA ASN A 26 4.72 12.18 -1.20
C ASN A 26 3.22 12.56 -1.11
N SER A 27 2.35 11.57 -0.88
CA SER A 27 0.90 11.74 -0.76
C SER A 27 0.44 11.80 0.71
N THR A 28 -0.86 11.98 0.95
CA THR A 28 -1.46 11.81 2.29
C THR A 28 -1.86 10.33 2.50
N GLU A 29 -2.05 9.93 3.75
CA GLU A 29 -2.52 8.58 4.07
C GLU A 29 -3.96 8.33 3.58
N GLN A 30 -4.83 9.35 3.60
CA GLN A 30 -6.17 9.25 3.00
C GLN A 30 -6.11 9.17 1.45
N GLN A 31 -5.18 9.86 0.79
CA GLN A 31 -4.94 9.67 -0.65
C GLN A 31 -4.42 8.27 -0.96
N PHE A 32 -3.55 7.70 -0.12
CA PHE A 32 -3.07 6.32 -0.28
C PHE A 32 -4.20 5.30 -0.06
N LEU A 33 -5.05 5.48 0.96
CA LEU A 33 -6.22 4.62 1.18
C LEU A 33 -7.20 4.69 0.00
N GLU A 34 -7.49 5.90 -0.49
CA GLU A 34 -8.32 6.09 -1.68
C GLU A 34 -7.73 5.44 -2.93
N ALA A 35 -6.41 5.54 -3.13
CA ALA A 35 -5.71 4.90 -4.24
C ALA A 35 -5.79 3.37 -4.17
N MET A 36 -5.61 2.75 -3.00
CA MET A 36 -5.82 1.30 -2.83
C MET A 36 -7.28 0.90 -3.08
N GLU A 37 -8.25 1.65 -2.56
CA GLU A 37 -9.68 1.35 -2.74
C GLU A 37 -10.11 1.46 -4.22
N SER A 38 -9.65 2.48 -4.95
CA SER A 38 -9.96 2.66 -6.39
C SER A 38 -9.20 1.70 -7.33
N THR A 39 -8.04 1.17 -6.91
CA THR A 39 -7.24 0.21 -7.71
C THR A 39 -7.49 -1.27 -7.36
N GLY A 40 -8.41 -1.56 -6.44
CA GLY A 40 -8.84 -2.93 -6.10
C GLY A 40 -7.96 -3.61 -5.04
N GLY A 41 -7.20 -2.82 -4.26
CA GLY A 41 -6.38 -3.29 -3.15
C GLY A 41 -4.93 -3.65 -3.52
N ARG A 42 -4.53 -3.55 -4.78
CA ARG A 42 -3.14 -3.84 -5.22
C ARG A 42 -2.19 -2.71 -4.86
N VAL A 43 -1.21 -2.96 -3.98
CA VAL A 43 -0.23 -1.94 -3.58
C VAL A 43 0.58 -1.43 -4.77
N ARG A 44 0.95 -2.30 -5.72
CA ARG A 44 1.73 -1.90 -6.92
C ARG A 44 1.00 -0.88 -7.82
N ILE A 45 -0.29 -1.09 -8.05
CA ILE A 45 -1.12 -0.19 -8.88
C ILE A 45 -1.43 1.11 -8.11
N ALA A 46 -1.63 1.03 -6.80
CA ALA A 46 -1.86 2.19 -5.94
C ALA A 46 -0.64 3.12 -5.90
N ILE A 47 0.57 2.59 -5.67
CA ILE A 47 1.79 3.40 -5.69
C ILE A 47 2.10 3.92 -7.11
N ALA A 48 1.85 3.12 -8.15
CA ALA A 48 1.96 3.58 -9.54
C ALA A 48 1.05 4.78 -9.84
N LYS A 49 -0.23 4.74 -9.42
CA LYS A 49 -1.18 5.86 -9.59
C LYS A 49 -0.79 7.10 -8.77
N LEU A 50 -0.28 6.92 -7.55
CA LEU A 50 0.20 8.03 -6.71
C LEU A 50 1.48 8.70 -7.27
N LEU A 51 2.37 7.91 -7.90
CA LEU A 51 3.64 8.40 -8.47
C LEU A 51 3.49 9.02 -9.87
N SER A 52 2.63 8.44 -10.73
CA SER A 52 2.53 8.83 -12.16
C SER A 52 1.25 9.56 -12.56
N LYS A 53 0.16 9.43 -11.76
CA LYS A 53 -1.22 9.88 -12.06
C LYS A 53 -1.69 9.61 -13.51
N GLN A 54 -1.25 8.49 -14.09
CA GLN A 54 -1.51 8.12 -15.50
C GLN A 54 -2.98 7.73 -15.75
N THR A 55 -3.48 8.00 -16.96
CA THR A 55 -4.90 7.77 -17.33
C THR A 55 -5.24 6.28 -17.59
N SER A 56 -4.24 5.47 -17.94
CA SER A 56 -4.40 4.04 -18.32
C SER A 56 -4.97 3.16 -17.20
N GLY A 57 -5.71 2.11 -17.57
CA GLY A 57 -6.29 1.13 -16.63
C GLY A 57 -5.41 -0.11 -16.39
N GLY A 58 -5.61 -0.76 -15.25
CA GLY A 58 -4.96 -2.04 -14.90
C GLY A 58 -5.61 -3.26 -15.55
N SER A 59 -4.86 -4.38 -15.60
CA SER A 59 -5.30 -5.70 -16.10
C SER A 59 -6.00 -5.69 -17.48
N GLY A 60 -5.48 -4.89 -18.43
CA GLY A 60 -6.07 -4.66 -19.75
C GLY A 60 -5.92 -5.82 -20.76
N GLY A 61 -5.07 -6.81 -20.47
CA GLY A 61 -4.82 -7.97 -21.36
C GLY A 61 -5.99 -8.96 -21.46
N SER A 62 -6.03 -9.72 -22.56
CA SER A 62 -7.04 -10.76 -22.84
C SER A 62 -6.47 -11.89 -23.72
N LYS A 63 -7.12 -13.07 -23.72
CA LYS A 63 -6.70 -14.26 -24.48
C LYS A 63 -6.92 -14.09 -25.99
N LEU A 64 -5.96 -14.56 -26.79
CA LEU A 64 -5.97 -14.55 -28.26
C LEU A 64 -5.62 -15.93 -28.84
N GLY A 65 -5.99 -16.18 -30.10
CA GLY A 65 -5.65 -17.41 -30.83
C GLY A 65 -4.17 -17.52 -31.21
N GLY A 66 -3.67 -18.75 -31.32
CA GLY A 66 -2.27 -19.05 -31.66
C GLY A 66 -1.89 -20.53 -31.47
N SER A 67 -0.62 -20.85 -31.69
CA SER A 67 -0.05 -22.21 -31.55
C SER A 67 -0.02 -22.67 -30.08
N GLY A 68 -0.11 -23.98 -29.86
CA GLY A 68 -0.02 -24.60 -28.52
C GLY A 68 1.38 -24.53 -27.90
N GLY A 69 1.44 -24.62 -26.56
CA GLY A 69 2.69 -24.50 -25.78
C GLY A 69 2.64 -25.15 -24.39
N SER A 70 1.78 -26.17 -24.21
CA SER A 70 1.55 -26.84 -22.91
C SER A 70 2.78 -27.61 -22.40
N ARG A 71 2.91 -27.71 -21.06
CA ARG A 71 4.01 -28.41 -20.35
C ARG A 71 3.45 -29.37 -19.29
N LYS A 72 4.25 -30.38 -18.90
CA LYS A 72 3.88 -31.41 -17.90
C LYS A 72 4.08 -31.02 -16.44
N ASP A 73 4.83 -29.95 -16.17
CA ASP A 73 5.20 -29.48 -14.82
C ASP A 73 4.07 -28.65 -14.17
N LEU A 74 2.94 -29.31 -13.89
CA LEU A 74 1.69 -28.70 -13.39
C LEU A 74 1.47 -28.88 -11.87
N SER A 75 2.42 -29.49 -11.15
CA SER A 75 2.31 -29.74 -9.70
C SER A 75 2.40 -28.47 -8.84
N VAL A 76 1.70 -28.47 -7.70
CA VAL A 76 1.75 -27.39 -6.70
C VAL A 76 3.02 -27.54 -5.84
N LYS A 77 3.73 -26.42 -5.64
CA LYS A 77 5.03 -26.35 -4.93
C LYS A 77 5.01 -25.33 -3.79
N GLY A 78 5.86 -25.53 -2.78
CA GLY A 78 5.93 -24.69 -1.57
C GLY A 78 4.67 -24.78 -0.70
N MET A 79 4.39 -23.70 0.04
CA MET A 79 3.19 -23.53 0.89
C MET A 79 2.49 -22.19 0.63
N LEU A 80 1.17 -22.14 0.80
CA LEU A 80 0.34 -20.94 0.59
C LEU A 80 0.49 -19.94 1.75
N TYR A 81 0.57 -18.65 1.43
CA TYR A 81 0.58 -17.53 2.38
C TYR A 81 -0.13 -16.29 1.80
N ASP A 82 -0.52 -15.34 2.66
CA ASP A 82 -1.24 -14.12 2.26
C ASP A 82 -0.35 -13.13 1.46
N SER A 83 -0.99 -12.27 0.65
CA SER A 83 -0.35 -11.24 -0.16
C SER A 83 -0.01 -9.98 0.67
N ASP A 84 1.13 -9.36 0.38
CA ASP A 84 1.52 -8.07 0.96
C ASP A 84 0.48 -6.97 0.69
N SER A 85 -0.20 -7.00 -0.47
CA SER A 85 -1.27 -6.05 -0.80
C SER A 85 -2.41 -6.07 0.21
N GLN A 86 -2.84 -7.25 0.67
CA GLN A 86 -3.92 -7.35 1.68
C GLN A 86 -3.44 -6.90 3.06
N GLN A 87 -2.20 -7.19 3.46
CA GLN A 87 -1.62 -6.72 4.72
C GLN A 87 -1.47 -5.19 4.76
N ILE A 88 -0.89 -4.61 3.70
CA ILE A 88 -0.77 -3.15 3.53
C ILE A 88 -2.16 -2.50 3.52
N LEU A 89 -3.14 -3.05 2.79
CA LEU A 89 -4.51 -2.53 2.79
C LEU A 89 -5.15 -2.58 4.18
N ASN A 90 -5.03 -3.70 4.90
CA ASN A 90 -5.60 -3.84 6.25
C ASN A 90 -5.02 -2.80 7.21
N ARG A 91 -3.69 -2.69 7.31
CA ARG A 91 -3.05 -1.71 8.19
C ARG A 91 -3.27 -0.27 7.74
N LEU A 92 -3.33 0.01 6.43
CA LEU A 92 -3.61 1.36 5.92
C LEU A 92 -5.07 1.76 6.21
N ARG A 93 -6.03 0.85 6.00
CA ARG A 93 -7.45 1.12 6.27
C ARG A 93 -7.70 1.35 7.75
N GLU A 94 -7.11 0.55 8.63
CA GLU A 94 -7.22 0.74 10.08
C GLU A 94 -6.56 2.05 10.57
N ARG A 95 -5.34 2.35 10.08
CA ARG A 95 -4.64 3.63 10.36
C ARG A 95 -5.46 4.85 9.94
N VAL A 96 -6.09 4.80 8.76
CA VAL A 96 -6.85 5.93 8.18
C VAL A 96 -8.27 6.03 8.75
N SER A 97 -8.95 4.91 9.03
CA SER A 97 -10.30 4.93 9.60
C SER A 97 -10.29 5.34 11.09
N GLY A 98 -9.34 4.82 11.87
CA GLY A 98 -9.14 5.15 13.29
C GLY A 98 -10.28 4.71 14.22
N SER A 99 -10.16 5.04 15.51
CA SER A 99 -11.13 4.67 16.56
C SER A 99 -12.50 5.34 16.41
N THR A 100 -12.54 6.52 15.76
CA THR A 100 -13.78 7.30 15.53
C THR A 100 -14.74 6.68 14.50
N ALA A 101 -14.30 5.67 13.74
CA ALA A 101 -15.14 4.88 12.84
C ALA A 101 -16.06 3.87 13.57
N GLN A 102 -15.83 3.60 14.87
CA GLN A 102 -16.65 2.69 15.68
C GLN A 102 -18.03 3.31 16.00
N SER A 103 -19.07 2.48 16.05
CA SER A 103 -20.48 2.91 16.22
C SER A 103 -20.83 3.42 17.64
N ALA A 104 -19.94 3.21 18.62
CA ALA A 104 -20.08 3.63 20.02
C ALA A 104 -18.72 4.08 20.62
N SER A 1 18.18 -21.86 11.94
CA SER A 1 17.54 -20.59 11.46
C SER A 1 17.91 -19.39 12.33
N VAL A 2 17.90 -18.18 11.75
CA VAL A 2 18.31 -16.91 12.42
C VAL A 2 17.19 -15.86 12.56
N SER A 3 15.95 -16.22 12.24
CA SER A 3 14.78 -15.31 12.26
C SER A 3 14.48 -14.76 13.66
N ILE A 4 14.14 -13.46 13.74
CA ILE A 4 13.89 -12.75 15.02
C ILE A 4 12.53 -13.08 15.66
N LEU A 5 11.59 -13.63 14.88
CA LEU A 5 10.28 -14.14 15.30
C LEU A 5 9.95 -15.45 14.57
N ARG A 6 9.15 -16.34 15.18
CA ARG A 6 8.64 -17.58 14.53
C ARG A 6 7.69 -17.28 13.36
N SER A 7 7.05 -16.11 13.39
CA SER A 7 6.23 -15.53 12.31
C SER A 7 7.03 -14.83 11.20
N SER A 8 8.37 -14.82 11.29
CA SER A 8 9.35 -14.20 10.37
C SER A 8 9.33 -12.65 10.28
N VAL A 9 8.15 -12.03 10.29
CA VAL A 9 7.94 -10.58 10.11
C VAL A 9 6.98 -10.04 11.17
N ASN A 10 7.25 -8.86 11.72
CA ASN A 10 6.41 -8.17 12.71
C ASN A 10 5.37 -7.26 12.03
N HIS A 11 4.21 -7.01 12.65
CA HIS A 11 3.19 -6.09 12.11
C HIS A 11 3.69 -4.62 12.03
N ARG A 12 4.64 -4.24 12.89
CA ARG A 12 5.36 -2.95 12.79
C ARG A 12 6.20 -2.81 11.52
N GLU A 13 6.65 -3.92 10.93
CA GLU A 13 7.34 -3.88 9.62
C GLU A 13 6.34 -3.64 8.47
N VAL A 14 5.10 -4.14 8.59
CA VAL A 14 4.01 -3.78 7.66
C VAL A 14 3.61 -2.30 7.81
N ASP A 15 3.57 -1.79 9.04
CA ASP A 15 3.35 -0.36 9.30
C ASP A 15 4.50 0.54 8.80
N GLU A 16 5.75 0.11 8.99
CA GLU A 16 6.93 0.75 8.41
C GLU A 16 6.88 0.73 6.87
N ALA A 17 6.40 -0.35 6.25
CA ALA A 17 6.22 -0.40 4.80
C ALA A 17 5.15 0.60 4.33
N ILE A 18 4.05 0.76 5.08
CA ILE A 18 3.07 1.84 4.85
C ILE A 18 3.74 3.23 4.92
N ASP A 19 4.57 3.51 5.93
CA ASP A 19 5.31 4.78 6.02
C ASP A 19 6.36 4.96 4.91
N ASN A 20 7.04 3.90 4.48
CA ASN A 20 7.98 3.92 3.37
C ASN A 20 7.27 4.28 2.04
N ILE A 21 6.10 3.67 1.78
CA ILE A 21 5.25 4.02 0.63
C ILE A 21 4.75 5.47 0.74
N LEU A 22 4.30 5.90 1.92
CA LEU A 22 3.83 7.26 2.18
C LEU A 22 4.91 8.31 1.87
N ARG A 23 6.17 8.05 2.27
CA ARG A 23 7.33 8.90 1.97
C ARG A 23 7.78 8.82 0.51
N TYR A 24 7.75 7.64 -0.11
CA TYR A 24 8.15 7.43 -1.52
C TYR A 24 7.18 8.10 -2.51
N THR A 25 5.87 8.02 -2.24
CA THR A 25 4.83 8.75 -2.99
C THR A 25 4.76 10.24 -2.64
N ASN A 26 5.37 10.66 -1.53
CA ASN A 26 5.34 12.03 -0.98
C ASN A 26 3.91 12.58 -0.85
N SER A 27 2.98 11.72 -0.41
CA SER A 27 1.53 12.01 -0.38
C SER A 27 0.92 11.89 1.03
N THR A 28 -0.40 12.03 1.13
CA THR A 28 -1.18 11.87 2.37
C THR A 28 -1.83 10.49 2.47
N GLU A 29 -2.02 10.01 3.71
CA GLU A 29 -2.50 8.65 4.00
C GLU A 29 -3.90 8.41 3.42
N GLN A 30 -4.76 9.45 3.39
CA GLN A 30 -6.09 9.37 2.78
C GLN A 30 -6.01 9.10 1.28
N GLN A 31 -5.07 9.74 0.58
CA GLN A 31 -4.88 9.55 -0.86
C GLN A 31 -4.29 8.17 -1.18
N PHE A 32 -3.37 7.65 -0.34
CA PHE A 32 -2.89 6.27 -0.44
C PHE A 32 -4.02 5.26 -0.20
N LEU A 33 -4.88 5.47 0.81
CA LEU A 33 -6.06 4.61 1.05
C LEU A 33 -7.04 4.65 -0.13
N GLU A 34 -7.33 5.83 -0.66
CA GLU A 34 -8.24 5.98 -1.81
C GLU A 34 -7.68 5.34 -3.09
N ALA A 35 -6.37 5.41 -3.33
CA ALA A 35 -5.71 4.72 -4.44
C ALA A 35 -5.70 3.19 -4.23
N MET A 36 -5.54 2.70 -3.00
CA MET A 36 -5.67 1.27 -2.69
C MET A 36 -7.11 0.78 -2.88
N GLU A 37 -8.13 1.53 -2.44
CA GLU A 37 -9.54 1.16 -2.68
C GLU A 37 -9.90 1.22 -4.17
N SER A 38 -9.36 2.19 -4.92
CA SER A 38 -9.51 2.31 -6.38
C SER A 38 -8.89 1.14 -7.16
N THR A 39 -7.83 0.51 -6.62
CA THR A 39 -7.08 -0.58 -7.28
C THR A 39 -7.36 -1.97 -6.72
N GLY A 40 -8.23 -2.09 -5.70
CA GLY A 40 -8.55 -3.37 -5.05
C GLY A 40 -7.43 -3.91 -4.16
N GLY A 41 -6.61 -3.01 -3.59
CA GLY A 41 -5.48 -3.34 -2.72
C GLY A 41 -4.18 -3.70 -3.45
N ARG A 42 -4.05 -3.37 -4.75
CA ARG A 42 -2.82 -3.63 -5.52
C ARG A 42 -1.80 -2.51 -5.26
N VAL A 43 -0.89 -2.74 -4.31
CA VAL A 43 0.12 -1.74 -3.86
C VAL A 43 0.89 -1.16 -5.05
N ARG A 44 1.33 -1.99 -6.01
CA ARG A 44 2.07 -1.52 -7.20
C ARG A 44 1.28 -0.54 -8.06
N ILE A 45 0.00 -0.80 -8.28
CA ILE A 45 -0.90 0.05 -9.08
C ILE A 45 -1.26 1.32 -8.28
N ALA A 46 -1.47 1.20 -6.97
CA ALA A 46 -1.78 2.34 -6.10
C ALA A 46 -0.60 3.34 -6.06
N ILE A 47 0.64 2.87 -5.84
CA ILE A 47 1.82 3.76 -5.85
C ILE A 47 2.10 4.29 -7.27
N ALA A 48 1.85 3.50 -8.33
CA ALA A 48 1.91 4.00 -9.70
C ALA A 48 0.90 5.14 -9.96
N LYS A 49 -0.33 5.04 -9.47
CA LYS A 49 -1.34 6.12 -9.58
C LYS A 49 -0.94 7.37 -8.78
N LEU A 50 -0.40 7.22 -7.57
CA LEU A 50 0.15 8.36 -6.80
C LEU A 50 1.30 9.06 -7.54
N LEU A 51 2.25 8.28 -8.08
CA LEU A 51 3.40 8.84 -8.81
C LEU A 51 3.01 9.48 -10.16
N SER A 52 1.92 9.00 -10.80
CA SER A 52 1.33 9.63 -11.98
C SER A 52 0.54 10.91 -11.65
N LYS A 53 -0.17 10.93 -10.51
CA LYS A 53 -0.98 12.06 -10.04
C LYS A 53 -0.13 13.23 -9.53
N GLN A 54 0.99 12.94 -8.87
CA GLN A 54 1.87 13.90 -8.18
C GLN A 54 1.12 14.78 -7.14
N THR A 55 1.76 15.84 -6.64
CA THR A 55 1.16 16.82 -5.71
C THR A 55 1.60 18.26 -6.00
N SER A 56 0.74 19.24 -5.72
CA SER A 56 0.96 20.68 -5.93
C SER A 56 0.07 21.54 -5.01
N GLY A 57 0.42 22.81 -4.82
CA GLY A 57 -0.33 23.76 -3.99
C GLY A 57 -0.26 23.46 -2.49
N GLY A 58 -1.38 23.63 -1.77
CA GLY A 58 -1.48 23.38 -0.32
C GLY A 58 -0.99 24.53 0.57
N SER A 59 -0.78 25.73 0.00
CA SER A 59 -0.31 26.93 0.71
C SER A 59 -1.33 27.46 1.74
N GLY A 60 -0.85 28.17 2.76
CA GLY A 60 -1.68 28.74 3.83
C GLY A 60 -2.20 27.70 4.83
N GLY A 61 -3.36 27.96 5.42
CA GLY A 61 -3.99 27.10 6.43
C GLY A 61 -3.27 27.12 7.80
N SER A 62 -3.32 26.00 8.52
CA SER A 62 -2.70 25.81 9.84
C SER A 62 -2.11 24.40 10.02
N LYS A 63 -1.14 24.26 10.93
CA LYS A 63 -0.44 23.00 11.27
C LYS A 63 -0.43 22.67 12.77
N LEU A 64 -1.48 23.13 13.47
CA LEU A 64 -1.62 23.07 14.94
C LEU A 64 -2.78 22.15 15.37
N GLY A 65 -2.80 21.76 16.65
CA GLY A 65 -3.81 20.88 17.25
C GLY A 65 -3.61 19.39 16.92
N GLY A 66 -4.65 18.58 17.18
CA GLY A 66 -4.65 17.12 16.99
C GLY A 66 -6.01 16.48 17.26
N SER A 67 -6.02 15.13 17.38
CA SER A 67 -7.23 14.33 17.65
C SER A 67 -6.94 13.11 18.53
N GLY A 68 -7.90 12.75 19.39
CA GLY A 68 -7.88 11.53 20.21
C GLY A 68 -8.33 10.26 19.46
N GLY A 69 -8.74 10.37 18.20
CA GLY A 69 -9.29 9.28 17.37
C GLY A 69 -8.28 8.28 16.79
N SER A 70 -7.03 8.26 17.28
CA SER A 70 -5.98 7.35 16.80
C SER A 70 -6.24 5.87 17.20
N ARG A 71 -5.80 4.93 16.35
CA ARG A 71 -5.95 3.47 16.53
C ARG A 71 -4.91 2.89 17.50
N LYS A 72 -5.19 1.68 18.01
CA LYS A 72 -4.23 0.85 18.75
C LYS A 72 -3.17 0.27 17.80
N ASP A 73 -2.03 -0.16 18.34
CA ASP A 73 -0.91 -0.74 17.58
C ASP A 73 -1.20 -2.24 17.24
N LEU A 74 -2.21 -2.44 16.39
CA LEU A 74 -2.83 -3.75 16.11
C LEU A 74 -2.06 -4.67 15.16
N SER A 75 -2.31 -5.97 15.30
CA SER A 75 -1.80 -7.05 14.42
C SER A 75 -2.67 -7.20 13.16
N VAL A 76 -2.08 -7.76 12.08
CA VAL A 76 -2.70 -7.84 10.74
C VAL A 76 -3.35 -9.19 10.38
N LYS A 77 -3.30 -10.17 11.31
CA LYS A 77 -3.82 -11.55 11.22
C LYS A 77 -3.16 -12.45 10.14
N GLY A 78 -3.14 -13.76 10.43
CA GLY A 78 -2.51 -14.80 9.59
C GLY A 78 -0.97 -14.70 9.53
N MET A 79 -0.36 -15.53 8.68
CA MET A 79 1.07 -15.41 8.33
C MET A 79 1.29 -14.09 7.56
N LEU A 80 2.38 -13.37 7.84
CA LEU A 80 2.59 -11.99 7.36
C LEU A 80 3.95 -11.75 6.69
N TYR A 81 3.96 -10.77 5.78
CA TYR A 81 5.13 -10.39 4.97
C TYR A 81 5.16 -8.88 4.67
N ASP A 82 6.35 -8.35 4.36
CA ASP A 82 6.61 -6.91 4.17
C ASP A 82 5.77 -6.26 3.04
N SER A 83 5.54 -6.99 1.95
CA SER A 83 4.86 -6.50 0.73
C SER A 83 3.41 -6.98 0.58
N ASP A 84 2.81 -7.58 1.62
CA ASP A 84 1.51 -8.27 1.54
C ASP A 84 0.33 -7.31 1.25
N SER A 85 -0.37 -7.52 0.12
CA SER A 85 -1.43 -6.63 -0.37
C SER A 85 -2.59 -6.43 0.61
N GLN A 86 -3.17 -7.53 1.10
CA GLN A 86 -4.33 -7.48 2.01
C GLN A 86 -3.96 -6.98 3.42
N GLN A 87 -2.77 -7.28 3.94
CA GLN A 87 -2.33 -6.79 5.26
C GLN A 87 -1.92 -5.32 5.23
N ILE A 88 -1.25 -4.86 4.16
CA ILE A 88 -1.00 -3.43 3.92
C ILE A 88 -2.33 -2.69 3.81
N LEU A 89 -3.31 -3.21 3.03
CA LEU A 89 -4.65 -2.62 2.95
C LEU A 89 -5.36 -2.59 4.31
N ASN A 90 -5.42 -3.69 5.06
CA ASN A 90 -6.13 -3.74 6.33
C ASN A 90 -5.55 -2.75 7.36
N ARG A 91 -4.20 -2.72 7.52
CA ARG A 91 -3.58 -1.77 8.46
C ARG A 91 -3.69 -0.32 7.97
N LEU A 92 -3.63 -0.07 6.65
CA LEU A 92 -3.85 1.27 6.10
C LEU A 92 -5.31 1.74 6.29
N ARG A 93 -6.29 0.85 6.10
CA ARG A 93 -7.71 1.17 6.21
C ARG A 93 -8.10 1.45 7.65
N GLU A 94 -7.59 0.69 8.60
CA GLU A 94 -7.71 0.99 10.04
C GLU A 94 -7.04 2.32 10.41
N ARG A 95 -5.77 2.48 10.04
CA ARG A 95 -4.93 3.67 10.36
C ARG A 95 -5.51 4.97 9.80
N VAL A 96 -6.17 4.91 8.64
CA VAL A 96 -6.86 6.05 8.02
C VAL A 96 -8.29 6.26 8.53
N SER A 97 -9.05 5.18 8.77
CA SER A 97 -10.46 5.30 9.24
C SER A 97 -10.56 5.80 10.69
N GLY A 98 -9.60 5.45 11.55
CA GLY A 98 -9.54 5.86 12.96
C GLY A 98 -10.52 5.11 13.88
N SER A 99 -10.43 5.42 15.18
CA SER A 99 -11.32 4.93 16.24
C SER A 99 -12.61 5.75 16.35
N THR A 100 -13.67 5.16 16.92
CA THR A 100 -14.95 5.82 17.21
C THR A 100 -15.59 5.31 18.50
N ALA A 101 -16.41 6.15 19.16
CA ALA A 101 -17.13 5.83 20.39
C ALA A 101 -18.63 5.50 20.16
N GLN A 102 -19.08 5.46 18.90
CA GLN A 102 -20.50 5.24 18.51
C GLN A 102 -20.67 4.31 17.30
N SER A 103 -21.91 3.89 17.04
CA SER A 103 -22.32 3.20 15.81
C SER A 103 -22.31 4.14 14.59
N ALA A 104 -22.13 3.59 13.39
CA ALA A 104 -22.09 4.29 12.10
C ALA A 104 -22.77 3.48 10.97
#